data_8XIS
#
_entry.id   8XIS
#
_cell.length_a   82.277
_cell.length_b   88.520
_cell.length_c   88.540
_cell.angle_alpha   98.407
_cell.angle_beta   110.691
_cell.angle_gamma   110.652
#
_symmetry.space_group_name_H-M   'P 1'
#
loop_
_entity.id
_entity.type
_entity.pdbx_description
1 polymer 'cellodextrin phosphorylase variant'
2 non-polymer 'PHOSPHATE ION'
3 non-polymer beta-D-glucopyranose
4 non-polymer GLYCEROL
5 non-polymer 'ACETATE ION'
6 non-polymer DI(HYDROXYETHYL)ETHER
7 non-polymer 'CHLORIDE ION'
8 water water
#
_entity_poly.entity_id   1
_entity_poly.type   'polypeptide(L)'
_entity_poly.pdbx_seq_one_letter_code
;MITKVTARNNKITPVELLNQKFGNKINLGNFADAVFTDAAFKNVAGIANLPMKAPVMQVLMENSIVSKYLKQFVPDRSVS
FVEEGQKFYIVLEDGQKIEVPEDVNKALKATVSDVKHWAGYLTEDGEHVIDLLKPAPGPHFYVNLLIGNRLGFKRTLQTT
PKSVVDRFGRGSFRSHAATQVLATRFDMRQEENGFPANRQFYLYEDGKQIFYSALIDDNIVEATSKHSSNRTVIKYKTAS
NLEITRTIFLVPHKKGFPLATELQRIEIKNASDKARNLSITYTGMFGTGAVHAIFEDVTYTNVIMQSAALYNDKGEFIGI
TPDYYPEEFKQDTRFVTMIVRNGDEKSFPQSFSTDYNDFVGTGTLEHPAGGSNLNNKLNRKGPGFFALGAPFTVEPGKTV
IIDTFTGLSSSKDNENYSDAVMLRELDNLLRYFEKSESVEETLNEIINFHENYGKYFQFNTGNKLFDSGFNRNLAFQVLY
QTFMSRSFGQTQKGYREIGFREIQDLFASMYYFINIGYQDFVKELLFEWTANVYKMGYANHNFYWVGKQPGLYSDDSLWL
LQAYYRYIIYTKDTSVLNEEVPVADGNNEKRAVRETLKAIIQYSASISVGDHGLPLLDLADWNDSLKIDSNSIDGATKEK
LYYEQLKKTNGKYGDRFMSDYSESVMNAFLLKLAIDHLAEIATLDNDTQLAQQMSELSKEVTDRIQKHAWKENFFARVLI
NRYKDGSYTYLGAKGDKLSADPNIDGVYFLNSFAWSVLSDVATDEQIAIMVDVIKKHLLTPYGLRLVTPADLNKIANDTA
TGHYFFGDRENGAVFKHASMMAVAALIKAAKKVKDNELAKEMARIAYFMIDLVLPYKNLENPFQVAGNPRISTQYINTDT
GENIGPLLSGTATWLNLNLISLAGIEYTRDGISFNPILREEETQLNFTLKAPKSSYKFSITKPVGFARMESSEYELFVDG
QKIDNTVIPMYTDEKEHIVTLKFKLEHHHHHH
;
_entity_poly.pdbx_strand_id   A,B
#
loop_
_chem_comp.id
_chem_comp.type
_chem_comp.name
_chem_comp.formula
ACT non-polymer 'ACETATE ION' 'C2 H3 O2 -1'
BGC D-saccharide, beta linking beta-D-glucopyranose 'C6 H12 O6'
CL non-polymer 'CHLORIDE ION' 'Cl -1'
GOL non-polymer GLYCEROL 'C3 H8 O3'
PEG non-polymer DI(HYDROXYETHYL)ETHER 'C4 H10 O3'
PO4 non-polymer 'PHOSPHATE ION' 'O4 P -3'
#
# COMPACT_ATOMS: atom_id res chain seq x y z
N MET A 1 -5.61 -28.36 -25.70
CA MET A 1 -4.20 -28.49 -25.37
C MET A 1 -4.03 -28.49 -23.85
N ILE A 2 -3.74 -27.31 -23.28
CA ILE A 2 -3.46 -27.16 -21.86
C ILE A 2 -4.76 -27.13 -21.09
N THR A 3 -4.80 -27.82 -19.96
CA THR A 3 -5.96 -27.80 -19.08
C THR A 3 -5.61 -27.15 -17.74
N LYS A 4 -6.67 -26.75 -17.04
CA LYS A 4 -6.60 -25.96 -15.82
C LYS A 4 -7.46 -26.65 -14.76
N VAL A 5 -6.89 -26.83 -13.57
CA VAL A 5 -7.58 -27.44 -12.44
C VAL A 5 -7.45 -26.49 -11.25
N THR A 6 -8.59 -25.96 -10.79
CA THR A 6 -8.62 -25.02 -9.67
C THR A 6 -8.61 -25.78 -8.34
N ALA A 7 -8.22 -25.06 -7.28
CA ALA A 7 -8.25 -25.66 -5.94
C ALA A 7 -9.60 -26.31 -5.68
N ARG A 8 -10.68 -25.60 -6.02
CA ARG A 8 -12.03 -26.06 -5.70
C ARG A 8 -12.47 -27.20 -6.63
N ASN A 9 -11.95 -27.24 -7.86
CA ASN A 9 -12.35 -28.29 -8.81
C ASN A 9 -11.52 -29.57 -8.70
N ASN A 10 -10.43 -29.53 -7.94
CA ASN A 10 -9.57 -30.68 -7.78
C ASN A 10 -10.41 -31.85 -7.29
N LYS A 11 -10.44 -32.93 -8.08
CA LYS A 11 -11.44 -33.96 -7.88
C LYS A 11 -11.40 -34.55 -6.46
N ILE A 12 -10.22 -34.83 -5.93
CA ILE A 12 -10.06 -35.63 -4.73
C ILE A 12 -9.03 -34.99 -3.80
N THR A 13 -9.26 -35.10 -2.48
CA THR A 13 -8.29 -34.58 -1.51
C THR A 13 -7.25 -35.64 -1.15
N PRO A 14 -6.12 -35.21 -0.59
CA PRO A 14 -5.10 -36.17 -0.17
C PRO A 14 -5.61 -37.23 0.80
N VAL A 15 -6.38 -36.83 1.84
CA VAL A 15 -6.84 -37.82 2.81
C VAL A 15 -7.87 -38.74 2.16
N GLU A 16 -8.74 -38.21 1.29
CA GLU A 16 -9.65 -39.10 0.56
C GLU A 16 -8.87 -40.12 -0.25
N LEU A 17 -7.78 -39.70 -0.89
CA LEU A 17 -7.00 -40.66 -1.65
C LEU A 17 -6.29 -41.64 -0.73
N LEU A 18 -5.86 -41.19 0.46
CA LEU A 18 -5.25 -42.09 1.44
C LEU A 18 -6.26 -43.16 1.88
N ASN A 19 -7.48 -42.74 2.21
CA ASN A 19 -8.50 -43.70 2.62
C ASN A 19 -8.83 -44.68 1.49
N GLN A 20 -8.91 -44.19 0.26
CA GLN A 20 -9.12 -45.07 -0.88
C GLN A 20 -8.07 -46.17 -0.91
N LYS A 21 -6.78 -45.78 -0.82
CA LYS A 21 -5.68 -46.71 -0.98
C LYS A 21 -5.30 -47.47 0.30
N PHE A 22 -5.78 -47.06 1.48
CA PHE A 22 -5.35 -47.74 2.70
C PHE A 22 -6.43 -48.01 3.75
N GLY A 23 -7.63 -47.44 3.64
CA GLY A 23 -8.58 -47.45 4.74
C GLY A 23 -8.98 -48.83 5.23
N ASN A 24 -8.88 -49.85 4.39
CA ASN A 24 -9.18 -51.22 4.80
C ASN A 24 -7.97 -52.14 4.63
N LYS A 25 -6.78 -51.57 4.75
CA LYS A 25 -5.58 -52.28 5.12
C LYS A 25 -5.06 -51.84 6.47
N ILE A 26 -5.49 -50.66 6.94
CA ILE A 26 -5.15 -50.15 8.27
C ILE A 26 -6.31 -49.28 8.75
N ASN A 27 -6.40 -49.09 10.07
CA ASN A 27 -7.40 -48.21 10.66
C ASN A 27 -6.87 -46.79 10.62
N LEU A 28 -7.48 -45.94 9.80
CA LEU A 28 -7.04 -44.56 9.67
C LEU A 28 -7.59 -43.67 10.77
N GLY A 29 -8.58 -44.15 11.52
CA GLY A 29 -9.12 -43.42 12.65
C GLY A 29 -10.06 -42.31 12.22
N ASN A 30 -10.41 -41.47 13.19
CA ASN A 30 -11.33 -40.39 12.90
C ASN A 30 -10.64 -39.24 12.18
N PHE A 31 -9.33 -39.08 12.40
CA PHE A 31 -8.57 -38.04 11.75
C PHE A 31 -7.27 -38.60 11.20
N ALA A 32 -6.91 -38.13 10.01
CA ALA A 32 -5.67 -38.52 9.35
C ALA A 32 -5.13 -37.27 8.66
N ASP A 33 -3.90 -37.36 8.18
CA ASP A 33 -3.33 -36.29 7.36
C ASP A 33 -2.59 -36.90 6.17
N ALA A 34 -2.54 -36.12 5.08
CA ALA A 34 -1.87 -36.58 3.88
C ALA A 34 -1.51 -35.41 3.00
N VAL A 35 -0.50 -35.65 2.14
CA VAL A 35 -0.09 -34.74 1.06
C VAL A 35 0.08 -35.54 -0.22
N PHE A 36 -0.30 -34.93 -1.35
CA PHE A 36 0.07 -35.50 -2.64
C PHE A 36 1.59 -35.53 -2.78
N THR A 37 2.11 -36.60 -3.38
CA THR A 37 3.54 -36.76 -3.54
C THR A 37 4.07 -36.08 -4.80
N ASP A 38 3.19 -35.66 -5.72
CA ASP A 38 3.58 -35.13 -7.02
C ASP A 38 2.53 -34.12 -7.47
N ALA A 39 2.93 -33.29 -8.46
CA ALA A 39 2.03 -32.26 -8.95
C ALA A 39 0.87 -32.81 -9.79
N ALA A 40 0.81 -34.10 -10.06
CA ALA A 40 -0.34 -34.68 -10.75
C ALA A 40 -1.29 -35.40 -9.80
N PHE A 41 -0.97 -35.44 -8.51
CA PHE A 41 -1.88 -35.84 -7.44
C PHE A 41 -2.21 -37.33 -7.48
N LYS A 42 -1.38 -38.15 -8.08
CA LYS A 42 -1.73 -39.55 -8.26
C LYS A 42 -1.38 -40.41 -7.05
N ASN A 43 -0.49 -39.94 -6.17
CA ASN A 43 -0.12 -40.70 -4.98
C ASN A 43 -0.07 -39.78 -3.76
N VAL A 44 -0.17 -40.39 -2.57
CA VAL A 44 -0.16 -39.65 -1.31
C VAL A 44 0.85 -40.24 -0.34
N ALA A 45 1.35 -39.39 0.57
CA ALA A 45 2.01 -39.81 1.80
C ALA A 45 1.16 -39.29 2.96
N GLY A 46 0.73 -40.17 3.87
CA GLY A 46 -0.17 -39.77 4.94
C GLY A 46 0.22 -40.41 6.26
N ILE A 47 -0.59 -40.10 7.27
CA ILE A 47 -0.36 -40.65 8.61
C ILE A 47 -1.72 -40.86 9.25
N ALA A 48 -1.88 -42.01 9.90
CA ALA A 48 -3.15 -42.46 10.43
C ALA A 48 -3.41 -42.03 11.87
N ASN A 49 -4.70 -41.87 12.18
CA ASN A 49 -5.21 -41.88 13.57
C ASN A 49 -4.65 -40.73 14.42
N LEU A 50 -4.83 -39.53 13.94
CA LEU A 50 -4.41 -38.37 14.70
C LEU A 50 -5.50 -37.98 15.68
N PRO A 51 -5.15 -37.27 16.75
CA PRO A 51 -6.20 -36.82 17.69
C PRO A 51 -7.11 -35.76 17.10
N MET A 52 -6.63 -35.00 16.14
CA MET A 52 -7.45 -34.01 15.46
C MET A 52 -6.77 -33.72 14.13
N LYS A 53 -7.50 -33.02 13.28
CA LYS A 53 -6.91 -32.52 12.05
C LYS A 53 -5.75 -31.60 12.37
N ALA A 54 -4.64 -31.83 11.66
CA ALA A 54 -3.44 -31.01 11.88
C ALA A 54 -2.46 -31.23 10.73
N PRO A 55 -1.60 -30.25 10.46
CA PRO A 55 -0.64 -30.34 9.33
C PRO A 55 0.59 -31.16 9.68
N VAL A 56 0.36 -32.43 10.02
CA VAL A 56 1.43 -33.28 10.49
C VAL A 56 2.39 -33.62 9.37
N MET A 57 1.88 -33.94 8.18
CA MET A 57 2.76 -34.30 7.09
C MET A 57 3.67 -33.12 6.77
N GLN A 58 3.14 -31.89 6.82
CA GLN A 58 3.99 -30.72 6.59
C GLN A 58 5.16 -30.66 7.57
N VAL A 59 4.88 -30.85 8.85
CA VAL A 59 5.96 -30.80 9.85
C VAL A 59 6.90 -31.99 9.65
N LEU A 60 6.36 -33.18 9.34
CA LEU A 60 7.22 -34.32 9.09
C LEU A 60 8.15 -34.06 7.90
N MET A 61 7.67 -33.38 6.86
CA MET A 61 8.56 -33.13 5.74
C MET A 61 9.67 -32.14 6.10
N GLU A 62 9.44 -31.25 7.09
CA GLU A 62 10.50 -30.33 7.49
C GLU A 62 11.64 -31.07 8.19
N ASN A 63 11.43 -32.34 8.54
CA ASN A 63 12.37 -33.11 9.37
C ASN A 63 13.32 -33.88 8.47
N SER A 64 14.61 -33.56 8.56
CA SER A 64 15.60 -34.14 7.67
C SER A 64 15.49 -35.65 7.65
N ILE A 65 15.40 -36.28 8.82
CA ILE A 65 15.40 -37.73 8.91
C ILE A 65 14.18 -38.34 8.23
N VAL A 66 12.99 -37.82 8.52
CA VAL A 66 11.80 -38.46 7.98
C VAL A 66 11.67 -38.24 6.47
N SER A 67 11.97 -37.02 6.00
CA SER A 67 11.86 -36.74 4.57
C SER A 67 12.86 -37.58 3.77
N LYS A 68 14.12 -37.63 4.21
CA LYS A 68 15.08 -38.56 3.61
C LYS A 68 14.52 -39.98 3.56
N TYR A 69 14.03 -40.47 4.69
CA TYR A 69 13.46 -41.81 4.74
C TYR A 69 12.33 -41.98 3.72
N LEU A 70 11.45 -40.99 3.62
CA LEU A 70 10.29 -41.13 2.75
C LEU A 70 10.70 -41.25 1.29
N LYS A 71 11.84 -40.68 0.90
CA LYS A 71 12.24 -40.70 -0.51
C LYS A 71 12.50 -42.11 -1.02
N GLN A 72 12.72 -43.07 -0.12
CA GLN A 72 12.81 -44.47 -0.54
C GLN A 72 11.54 -44.95 -1.20
N PHE A 73 10.44 -44.24 -1.00
CA PHE A 73 9.15 -44.64 -1.54
C PHE A 73 8.52 -43.57 -2.41
N VAL A 74 8.40 -42.34 -1.91
CA VAL A 74 7.75 -41.27 -2.64
C VAL A 74 8.76 -40.72 -3.63
N PRO A 75 8.34 -40.16 -4.77
CA PRO A 75 6.95 -39.92 -5.19
C PRO A 75 6.23 -41.10 -5.84
N ASP A 76 6.94 -42.17 -6.22
CA ASP A 76 6.36 -43.21 -7.06
C ASP A 76 5.34 -44.06 -6.33
N ARG A 77 5.52 -44.29 -5.03
CA ARG A 77 4.65 -45.15 -4.26
C ARG A 77 3.96 -44.34 -3.16
N SER A 78 2.65 -44.50 -3.04
CA SER A 78 1.89 -44.00 -1.90
C SER A 78 2.32 -44.74 -0.62
N VAL A 79 2.18 -44.08 0.53
CA VAL A 79 2.59 -44.65 1.82
C VAL A 79 1.71 -44.06 2.90
N SER A 80 1.50 -44.81 3.98
CA SER A 80 0.90 -44.26 5.18
C SER A 80 1.67 -44.71 6.43
N PHE A 81 2.01 -43.74 7.28
CA PHE A 81 2.54 -44.06 8.59
C PHE A 81 1.42 -44.53 9.50
N VAL A 82 1.76 -45.46 10.40
CA VAL A 82 0.81 -46.00 11.37
C VAL A 82 1.57 -46.45 12.61
N GLU A 83 0.98 -46.20 13.78
CA GLU A 83 1.59 -46.56 15.07
C GLU A 83 0.86 -47.75 15.67
N GLU A 84 1.63 -48.77 16.06
CA GLU A 84 1.09 -49.94 16.77
C GLU A 84 2.05 -50.30 17.91
N GLY A 85 1.50 -50.55 19.09
CA GLY A 85 2.36 -50.42 20.26
C GLY A 85 2.73 -48.95 20.40
N GLN A 86 3.91 -48.68 20.94
CA GLN A 86 4.51 -47.36 20.79
C GLN A 86 5.61 -47.40 19.74
N LYS A 87 5.30 -48.00 18.58
CA LYS A 87 6.26 -48.14 17.49
C LYS A 87 5.60 -47.83 16.15
N PHE A 88 6.35 -47.21 15.25
CA PHE A 88 5.82 -46.84 13.96
C PHE A 88 6.22 -47.80 12.84
N TYR A 89 5.31 -47.95 11.90
CA TYR A 89 5.51 -48.67 10.65
C TYR A 89 5.14 -47.75 9.50
N ILE A 90 5.59 -48.09 8.31
CA ILE A 90 5.13 -47.49 7.07
C ILE A 90 4.49 -48.59 6.24
N VAL A 91 3.33 -48.28 5.66
CA VAL A 91 2.52 -49.25 4.94
C VAL A 91 2.47 -48.83 3.48
N LEU A 92 2.62 -49.80 2.59
CA LEU A 92 2.55 -49.57 1.16
C LEU A 92 1.26 -50.14 0.60
N GLU A 93 0.98 -49.78 -0.66
CA GLU A 93 -0.25 -50.25 -1.29
C GLU A 93 -0.25 -51.76 -1.49
N ASP A 94 0.94 -52.36 -1.64
CA ASP A 94 1.07 -53.80 -1.84
C ASP A 94 0.95 -54.59 -0.56
N GLY A 95 0.81 -53.94 0.60
CA GLY A 95 0.59 -54.62 1.86
C GLY A 95 1.81 -54.69 2.77
N GLN A 96 3.01 -54.49 2.23
CA GLN A 96 4.19 -54.48 3.08
C GLN A 96 3.96 -53.53 4.27
N LYS A 97 4.25 -54.03 5.46
CA LYS A 97 4.27 -53.23 6.69
C LYS A 97 5.71 -53.27 7.17
N ILE A 98 6.39 -52.13 7.14
CA ILE A 98 7.80 -52.02 7.43
C ILE A 98 7.95 -51.24 8.73
N GLU A 99 8.43 -51.91 9.77
CA GLU A 99 8.89 -51.20 10.96
C GLU A 99 9.95 -50.21 10.55
N VAL A 100 9.67 -48.92 10.75
CA VAL A 100 10.59 -47.88 10.30
C VAL A 100 11.79 -47.91 11.22
N PRO A 101 12.94 -47.43 10.77
CA PRO A 101 14.13 -47.36 11.64
C PRO A 101 13.91 -46.53 12.88
N GLU A 102 14.77 -46.78 13.88
CA GLU A 102 14.63 -46.15 15.18
C GLU A 102 14.66 -44.62 15.08
N ASP A 103 15.61 -44.07 14.30
CA ASP A 103 15.69 -42.61 14.23
C ASP A 103 14.45 -42.03 13.55
N VAL A 104 13.81 -42.78 12.66
CA VAL A 104 12.56 -42.33 12.08
C VAL A 104 11.43 -42.48 13.09
N ASN A 105 11.37 -43.65 13.75
CA ASN A 105 10.38 -43.87 14.80
C ASN A 105 10.42 -42.76 15.85
N LYS A 106 11.62 -42.36 16.27
CA LYS A 106 11.73 -41.30 17.27
C LYS A 106 11.22 -39.98 16.73
N ALA A 107 11.58 -39.63 15.50
CA ALA A 107 11.06 -38.39 14.92
C ALA A 107 9.54 -38.40 14.79
N LEU A 108 8.96 -39.53 14.36
CA LEU A 108 7.51 -39.59 14.20
C LEU A 108 6.83 -39.48 15.56
N LYS A 109 7.32 -40.21 16.57
CA LYS A 109 6.71 -40.14 17.90
C LYS A 109 6.81 -38.74 18.47
N ALA A 110 7.99 -38.11 18.31
CA ALA A 110 8.16 -36.74 18.78
C ALA A 110 7.19 -35.80 18.10
N THR A 111 6.87 -36.07 16.83
CA THR A 111 6.03 -35.14 16.09
C THR A 111 4.57 -35.26 16.46
N VAL A 112 4.08 -36.49 16.65
CA VAL A 112 2.66 -36.64 16.95
C VAL A 112 2.34 -36.49 18.43
N SER A 113 3.36 -36.45 19.30
CA SER A 113 3.09 -36.62 20.73
C SER A 113 2.11 -35.57 21.24
N ASP A 114 2.19 -34.33 20.75
CA ASP A 114 1.35 -33.28 21.32
C ASP A 114 0.51 -32.55 20.26
N VAL A 115 0.15 -33.24 19.20
CA VAL A 115 -0.71 -32.66 18.16
C VAL A 115 -1.94 -32.01 18.76
N LYS A 116 -2.49 -32.62 19.83
CA LYS A 116 -3.69 -32.08 20.47
C LYS A 116 -3.55 -30.61 20.88
N HIS A 117 -2.33 -30.14 21.09
CA HIS A 117 -2.14 -28.77 21.54
C HIS A 117 -1.30 -27.93 20.58
N TRP A 118 -1.24 -28.33 19.29
CA TRP A 118 -0.40 -27.63 18.34
C TRP A 118 -0.83 -26.19 18.09
N ALA A 119 -2.10 -25.85 18.30
CA ALA A 119 -2.55 -24.47 18.17
C ALA A 119 -2.56 -23.76 19.52
N GLY A 120 -1.93 -24.34 20.53
CA GLY A 120 -1.83 -23.69 21.82
C GLY A 120 -2.94 -24.14 22.72
N TYR A 121 -3.05 -23.47 23.85
CA TYR A 121 -4.04 -23.84 24.84
C TYR A 121 -4.42 -22.61 25.61
N LEU A 122 -5.50 -22.71 26.36
CA LEU A 122 -6.01 -21.61 27.17
C LEU A 122 -5.80 -21.88 28.64
N THR A 123 -5.33 -20.85 29.35
CA THR A 123 -5.24 -20.95 30.79
C THR A 123 -6.63 -20.89 31.42
N GLU A 124 -6.68 -21.19 32.71
CA GLU A 124 -7.95 -21.09 33.42
C GLU A 124 -8.56 -19.70 33.30
N ASP A 125 -7.73 -18.65 33.20
CA ASP A 125 -8.17 -17.28 33.03
C ASP A 125 -8.38 -16.90 31.57
N GLY A 126 -8.33 -17.85 30.65
CA GLY A 126 -8.63 -17.57 29.26
C GLY A 126 -7.54 -16.94 28.46
N GLU A 127 -6.27 -17.08 28.89
CA GLU A 127 -5.12 -16.56 28.18
C GLU A 127 -4.60 -17.63 27.23
N HIS A 128 -4.21 -17.21 26.04
CA HIS A 128 -3.83 -18.16 25.00
C HIS A 128 -2.31 -18.33 25.05
N VAL A 129 -1.86 -19.51 25.44
CA VAL A 129 -0.44 -19.86 25.44
C VAL A 129 -0.11 -20.59 24.14
N ILE A 130 0.89 -20.05 23.44
CA ILE A 130 1.16 -20.32 22.03
C ILE A 130 2.61 -20.72 21.90
N ASP A 131 2.87 -21.76 21.13
CA ASP A 131 4.22 -22.20 20.82
C ASP A 131 4.69 -21.46 19.56
N LEU A 132 5.84 -20.79 19.67
CA LEU A 132 6.29 -19.98 18.54
C LEU A 132 6.76 -20.80 17.34
N LEU A 133 6.96 -22.12 17.48
CA LEU A 133 7.31 -22.92 16.31
C LEU A 133 6.09 -23.56 15.65
N LYS A 134 4.92 -23.53 16.31
CA LYS A 134 3.88 -24.34 15.70
C LYS A 134 3.14 -23.58 14.60
N PRO A 135 2.56 -24.31 13.65
CA PRO A 135 1.92 -23.63 12.51
C PRO A 135 0.63 -22.94 12.93
N ALA A 136 0.25 -21.94 12.12
CA ALA A 136 -0.92 -21.16 12.48
C ALA A 136 -2.15 -21.70 11.78
N PRO A 137 -3.27 -21.85 12.48
CA PRO A 137 -4.53 -22.18 11.80
C PRO A 137 -4.98 -21.17 10.75
N GLY A 138 -4.71 -19.90 10.99
CA GLY A 138 -5.07 -18.83 10.11
C GLY A 138 -4.48 -17.53 10.61
N PRO A 139 -4.67 -16.46 9.83
CA PRO A 139 -3.95 -15.21 10.08
C PRO A 139 -4.48 -14.38 11.24
N HIS A 140 -5.61 -14.75 11.83
CA HIS A 140 -6.17 -14.04 12.96
C HIS A 140 -6.03 -14.80 14.26
N PHE A 141 -5.58 -16.04 14.20
CA PHE A 141 -5.70 -16.95 15.35
C PHE A 141 -4.76 -16.56 16.48
N TYR A 142 -3.53 -16.15 16.15
CA TYR A 142 -2.48 -15.86 17.13
C TYR A 142 -2.36 -14.38 17.39
N VAL A 143 -3.47 -13.64 17.38
CA VAL A 143 -3.46 -12.18 17.45
C VAL A 143 -4.11 -11.70 18.74
N ASN A 144 -3.49 -10.72 19.35
CA ASN A 144 -4.05 -9.98 20.47
C ASN A 144 -4.27 -8.54 20.08
N LEU A 145 -5.26 -7.90 20.71
CA LEU A 145 -5.61 -6.50 20.49
C LEU A 145 -5.44 -5.74 21.80
N LEU A 146 -4.72 -4.62 21.75
CA LEU A 146 -4.48 -3.80 22.93
C LEU A 146 -5.11 -2.43 22.81
N ILE A 147 -5.47 -1.85 23.95
CA ILE A 147 -6.08 -0.54 23.97
C ILE A 147 -5.56 0.24 25.16
N GLY A 148 -5.46 1.55 24.98
CA GLY A 148 -5.12 2.46 26.05
C GLY A 148 -6.33 2.77 26.91
N ASN A 149 -6.28 3.92 27.55
CA ASN A 149 -7.39 4.33 28.42
C ASN A 149 -7.36 5.84 28.46
N ARG A 150 -8.36 6.47 27.85
CA ARG A 150 -8.51 7.92 27.87
C ARG A 150 -9.72 8.36 28.68
N LEU A 151 -10.32 7.45 29.47
CA LEU A 151 -11.42 7.81 30.34
C LEU A 151 -10.97 8.93 31.31
N GLY A 152 -11.80 9.96 31.44
CA GLY A 152 -11.43 11.10 32.24
C GLY A 152 -10.67 12.16 31.50
N PHE A 153 -10.48 11.99 30.20
CA PHE A 153 -9.76 12.95 29.36
C PHE A 153 -10.59 13.24 28.14
N LYS A 154 -10.17 14.26 27.39
CA LYS A 154 -11.00 14.78 26.32
C LYS A 154 -11.03 13.84 25.13
N ARG A 155 -12.17 13.84 24.43
CA ARG A 155 -12.33 13.17 23.16
C ARG A 155 -11.86 11.72 23.30
N THR A 156 -12.33 11.07 24.37
CA THR A 156 -11.91 9.72 24.70
C THR A 156 -12.11 8.78 23.52
N LEU A 157 -13.25 8.90 22.85
CA LEU A 157 -13.54 8.04 21.72
C LEU A 157 -12.48 8.17 20.62
N GLN A 158 -12.07 9.39 20.32
CA GLN A 158 -11.23 9.65 19.16
C GLN A 158 -9.74 9.56 19.45
N THR A 159 -9.34 9.52 20.71
CA THR A 159 -7.93 9.62 21.05
C THR A 159 -7.36 8.42 21.77
N THR A 160 -8.15 7.38 22.01
CA THR A 160 -7.64 6.21 22.73
C THR A 160 -6.70 5.44 21.81
N PRO A 161 -5.46 5.19 22.22
CA PRO A 161 -4.52 4.44 21.36
C PRO A 161 -4.89 2.96 21.28
N LYS A 162 -4.44 2.30 20.22
CA LYS A 162 -4.75 0.89 20.02
C LYS A 162 -3.61 0.23 19.26
N SER A 163 -3.40 -1.06 19.52
N SER A 163 -3.39 -1.06 19.57
CA SER A 163 -2.31 -1.76 18.86
CA SER A 163 -2.31 -1.86 19.02
C SER A 163 -2.70 -3.21 18.60
C SER A 163 -2.75 -3.24 18.59
N VAL A 164 -2.04 -3.78 17.61
CA VAL A 164 -2.17 -5.17 17.19
C VAL A 164 -0.85 -5.88 17.46
N VAL A 165 -0.93 -7.05 18.11
CA VAL A 165 0.26 -7.82 18.50
C VAL A 165 0.02 -9.29 18.20
N ASP A 166 0.88 -9.90 17.36
CA ASP A 166 0.81 -11.33 17.14
C ASP A 166 1.72 -12.06 18.12
N ARG A 167 1.88 -13.39 17.93
CA ARG A 167 2.63 -14.17 18.93
C ARG A 167 4.10 -13.77 19.00
N PHE A 168 4.64 -13.21 17.91
CA PHE A 168 6.00 -12.72 17.86
C PHE A 168 6.11 -11.23 18.16
N GLY A 169 5.00 -10.59 18.51
CA GLY A 169 5.04 -9.18 18.78
C GLY A 169 4.96 -8.33 17.54
N ARG A 170 4.77 -8.95 16.37
CA ARG A 170 4.64 -8.18 15.16
C ARG A 170 3.31 -7.42 15.15
N GLY A 171 3.29 -6.39 14.35
CA GLY A 171 2.07 -5.64 14.19
C GLY A 171 2.35 -4.15 14.18
N SER A 172 1.38 -3.38 14.65
CA SER A 172 1.52 -1.94 14.58
C SER A 172 0.66 -1.32 15.68
N PHE A 173 0.71 0.02 15.78
CA PHE A 173 0.26 0.80 16.92
C PHE A 173 -0.16 2.16 16.37
N ARG A 174 -1.37 2.57 16.72
CA ARG A 174 -1.96 3.82 16.28
C ARG A 174 -2.35 4.72 17.45
N SER A 175 -2.35 6.01 17.16
CA SER A 175 -2.95 7.03 18.03
C SER A 175 -4.34 7.34 17.47
N HIS A 176 -4.72 8.62 17.50
CA HIS A 176 -6.05 9.05 17.04
C HIS A 176 -6.28 8.71 15.58
N ALA A 177 -7.54 8.41 15.24
CA ALA A 177 -7.97 8.06 13.87
C ALA A 177 -7.05 6.94 13.38
N ALA A 178 -6.43 7.08 12.22
CA ALA A 178 -5.56 6.09 11.62
C ALA A 178 -4.12 6.58 11.70
N THR A 179 -3.81 7.43 12.67
CA THR A 179 -2.45 7.96 12.79
C THR A 179 -1.52 6.85 13.25
N GLN A 180 -0.49 6.54 12.45
CA GLN A 180 0.43 5.46 12.78
C GLN A 180 1.61 5.94 13.62
N VAL A 181 1.87 5.21 14.71
CA VAL A 181 3.06 5.42 15.52
C VAL A 181 4.15 4.49 14.95
N LEU A 182 3.93 3.20 15.08
CA LEU A 182 4.71 2.20 14.37
C LEU A 182 4.01 1.85 13.07
N ALA A 183 4.80 1.58 12.03
CA ALA A 183 4.27 1.49 10.68
C ALA A 183 3.41 0.25 10.45
N THR A 184 2.21 0.50 9.92
CA THR A 184 1.38 -0.53 9.28
C THR A 184 2.01 -0.94 7.96
N ARG A 185 1.79 -2.21 7.60
CA ARG A 185 2.11 -2.71 6.28
C ARG A 185 0.83 -3.04 5.50
N PHE A 186 0.74 -2.54 4.27
CA PHE A 186 -0.34 -2.82 3.33
C PHE A 186 0.30 -3.62 2.18
N ASP A 187 0.30 -4.94 2.29
CA ASP A 187 0.98 -5.79 1.31
C ASP A 187 0.08 -6.99 1.05
N MET A 188 0.68 -8.09 0.55
CA MET A 188 -0.11 -9.16 -0.08
C MET A 188 -0.76 -10.08 0.95
N ARG A 189 -0.18 -10.19 2.13
CA ARG A 189 -0.53 -11.21 3.10
C ARG A 189 -1.32 -10.62 4.26
N GLN A 190 -2.42 -11.30 4.60
CA GLN A 190 -3.16 -10.97 5.80
C GLN A 190 -2.28 -11.04 7.05
N GLU A 191 -1.26 -11.91 7.04
CA GLU A 191 -0.40 -12.08 8.20
C GLU A 191 0.49 -10.87 8.50
N GLU A 192 0.65 -9.94 7.57
CA GLU A 192 1.53 -8.82 7.74
C GLU A 192 0.80 -7.52 7.99
N ASN A 193 0.56 -7.23 9.27
CA ASN A 193 -0.08 -5.99 9.68
C ASN A 193 0.94 -4.84 9.79
N GLY A 194 2.19 -5.15 10.12
CA GLY A 194 3.16 -4.13 10.41
C GLY A 194 4.48 -4.33 9.67
N PHE A 195 5.25 -3.25 9.62
CA PHE A 195 6.64 -3.38 9.12
C PHE A 195 7.37 -4.44 9.95
N PRO A 196 8.18 -5.30 9.33
CA PRO A 196 8.67 -6.48 10.07
C PRO A 196 9.57 -6.17 11.26
N ALA A 197 10.28 -5.04 11.25
CA ALA A 197 11.15 -4.71 12.39
C ALA A 197 10.38 -4.28 13.64
N ASN A 198 9.08 -4.00 13.56
CA ASN A 198 8.41 -3.40 14.69
C ASN A 198 8.51 -4.30 15.92
N ARG A 199 8.88 -3.70 17.05
CA ARG A 199 8.94 -4.30 18.38
C ARG A 199 10.06 -5.32 18.52
N GLN A 200 10.88 -5.51 17.50
CA GLN A 200 11.89 -6.56 17.56
C GLN A 200 13.26 -6.06 17.98
N PHE A 201 14.08 -7.00 18.47
CA PHE A 201 15.41 -6.62 18.93
C PHE A 201 16.36 -7.80 18.82
N TYR A 202 17.64 -7.45 18.93
CA TYR A 202 18.76 -8.38 18.80
C TYR A 202 19.62 -8.33 20.05
N LEU A 203 20.24 -9.47 20.38
CA LEU A 203 21.28 -9.50 21.41
C LEU A 203 22.59 -9.92 20.77
N TYR A 204 23.67 -9.31 21.26
CA TYR A 204 25.03 -9.62 20.80
C TYR A 204 25.92 -10.02 21.98
N GLU A 205 26.87 -10.90 21.69
CA GLU A 205 27.90 -11.28 22.66
C GLU A 205 29.23 -11.30 21.90
N ASP A 206 30.22 -10.58 22.42
CA ASP A 206 31.55 -10.58 21.80
C ASP A 206 31.42 -10.29 20.30
N GLY A 207 30.53 -9.36 19.96
CA GLY A 207 30.34 -8.93 18.60
C GLY A 207 29.46 -9.79 17.73
N LYS A 208 29.13 -11.01 18.13
CA LYS A 208 28.32 -11.92 17.33
C LYS A 208 26.86 -11.84 17.78
N GLN A 209 25.95 -11.91 16.79
CA GLN A 209 24.54 -12.03 17.11
C GLN A 209 24.23 -13.36 17.76
N ILE A 210 23.56 -13.33 18.91
CA ILE A 210 23.15 -14.56 19.58
C ILE A 210 21.64 -14.72 19.64
N PHE A 211 20.86 -13.69 19.27
CA PHE A 211 19.43 -13.73 19.46
C PHE A 211 18.79 -12.67 18.57
N TYR A 212 17.66 -13.02 17.97
CA TYR A 212 16.77 -12.04 17.36
C TYR A 212 15.37 -12.46 17.78
N SER A 213 14.56 -11.50 18.26
CA SER A 213 13.26 -11.81 18.84
C SER A 213 12.27 -12.40 17.85
N ALA A 214 12.53 -12.30 16.56
CA ALA A 214 11.63 -12.87 15.57
C ALA A 214 12.33 -13.94 14.72
N LEU A 215 13.23 -14.71 15.33
CA LEU A 215 13.87 -15.84 14.67
C LEU A 215 14.05 -16.94 15.70
N ILE A 216 13.37 -18.06 15.50
CA ILE A 216 13.57 -19.23 16.35
C ILE A 216 14.47 -20.19 15.59
N ASP A 217 15.69 -20.36 16.05
CA ASP A 217 16.62 -21.32 15.46
C ASP A 217 17.00 -22.36 16.50
N ASP A 218 17.97 -23.21 16.16
CA ASP A 218 18.36 -24.29 17.05
C ASP A 218 18.90 -23.80 18.38
N ASN A 219 19.34 -22.54 18.45
CA ASN A 219 19.82 -22.00 19.72
C ASN A 219 18.69 -21.52 20.63
N ILE A 220 17.45 -21.62 20.18
CA ILE A 220 16.29 -21.37 21.03
C ILE A 220 15.74 -22.73 21.46
N VAL A 221 15.67 -22.95 22.77
CA VAL A 221 15.25 -24.23 23.33
C VAL A 221 13.83 -24.19 23.86
N GLU A 222 13.30 -23.00 24.15
CA GLU A 222 11.91 -22.80 24.55
C GLU A 222 11.47 -21.46 23.99
N ALA A 223 10.27 -21.40 23.41
CA ALA A 223 9.76 -20.11 22.96
C ALA A 223 8.23 -20.15 22.95
N THR A 224 7.60 -19.32 23.80
CA THR A 224 6.16 -19.31 23.97
C THR A 224 5.67 -17.88 24.07
N SER A 225 4.39 -17.68 23.71
CA SER A 225 3.75 -16.37 23.76
C SER A 225 2.44 -16.55 24.51
N LYS A 226 2.08 -15.56 25.32
CA LYS A 226 0.84 -15.61 26.08
C LYS A 226 0.06 -14.32 25.84
N HIS A 227 -1.07 -14.45 25.19
CA HIS A 227 -1.97 -13.35 24.99
C HIS A 227 -2.98 -13.30 26.13
N SER A 228 -3.00 -12.19 26.87
CA SER A 228 -3.87 -12.00 27.99
C SER A 228 -4.70 -10.72 27.76
N SER A 229 -5.51 -10.36 28.74
CA SER A 229 -6.35 -9.18 28.62
C SER A 229 -5.47 -7.93 28.61
N ASN A 230 -5.33 -7.30 27.44
CA ASN A 230 -4.65 -6.03 27.23
C ASN A 230 -3.14 -6.09 27.51
N ARG A 231 -2.53 -7.25 27.40
CA ARG A 231 -1.07 -7.33 27.30
C ARG A 231 -0.69 -8.66 26.68
N THR A 232 0.53 -8.72 26.14
CA THR A 232 1.11 -9.94 25.60
C THR A 232 2.47 -10.13 26.25
N VAL A 233 2.78 -11.36 26.62
CA VAL A 233 4.07 -11.71 27.22
C VAL A 233 4.69 -12.85 26.43
N ILE A 234 5.96 -12.70 26.04
CA ILE A 234 6.64 -13.61 25.15
C ILE A 234 7.93 -14.05 25.83
N LYS A 235 8.16 -15.34 25.90
CA LYS A 235 9.25 -15.89 26.70
C LYS A 235 10.10 -16.79 25.84
N TYR A 236 11.42 -16.67 25.99
CA TYR A 236 12.36 -17.50 25.29
C TYR A 236 13.43 -17.99 26.26
N LYS A 237 13.96 -19.18 26.00
CA LYS A 237 15.15 -19.67 26.68
C LYS A 237 16.16 -20.07 25.62
N THR A 238 17.39 -19.55 25.74
CA THR A 238 18.44 -19.94 24.81
C THR A 238 19.18 -21.19 25.31
N ALA A 239 19.85 -21.84 24.36
CA ALA A 239 20.68 -23.00 24.72
C ALA A 239 21.78 -22.62 25.70
N SER A 240 22.27 -21.38 25.61
CA SER A 240 23.25 -20.83 26.54
C SER A 240 22.63 -20.38 27.84
N ASN A 241 21.33 -20.64 28.03
CA ASN A 241 20.64 -20.42 29.31
C ASN A 241 20.38 -18.94 29.59
N LEU A 242 20.08 -18.19 28.55
CA LEU A 242 19.51 -16.88 28.75
C LEU A 242 18.00 -17.01 28.75
N GLU A 243 17.33 -16.28 29.65
CA GLU A 243 15.88 -16.31 29.74
C GLU A 243 15.41 -14.91 29.41
N ILE A 244 14.66 -14.77 28.31
CA ILE A 244 14.29 -13.47 27.75
C ILE A 244 12.77 -13.38 27.81
N THR A 245 12.27 -12.29 28.42
CA THR A 245 10.84 -12.02 28.53
C THR A 245 10.50 -10.63 27.99
N ARG A 246 9.49 -10.58 27.10
CA ARG A 246 8.98 -9.35 26.51
C ARG A 246 7.55 -9.18 27.00
N THR A 247 7.25 -7.99 27.51
CA THR A 247 5.93 -7.63 27.96
C THR A 247 5.51 -6.38 27.22
N ILE A 248 4.33 -6.42 26.57
CA ILE A 248 3.93 -5.34 25.68
C ILE A 248 2.55 -4.86 26.12
N PHE A 249 2.40 -3.56 26.35
CA PHE A 249 1.09 -3.02 26.69
C PHE A 249 1.08 -1.54 26.39
N LEU A 250 -0.13 -0.99 26.29
CA LEU A 250 -0.30 0.43 26.10
C LEU A 250 -0.45 1.15 27.44
N VAL A 251 0.19 2.31 27.57
CA VAL A 251 0.13 3.10 28.82
C VAL A 251 -1.21 3.79 28.98
N PRO A 252 -1.93 3.56 30.07
CA PRO A 252 -3.16 4.32 30.32
C PRO A 252 -2.82 5.79 30.51
N HIS A 253 -3.68 6.65 30.02
CA HIS A 253 -3.30 8.06 30.03
C HIS A 253 -3.19 8.59 31.43
N LYS A 254 -2.21 9.48 31.63
CA LYS A 254 -2.09 10.32 32.81
C LYS A 254 -1.87 11.74 32.32
N LYS A 255 -2.41 12.72 33.05
CA LYS A 255 -2.23 14.12 32.64
C LYS A 255 -0.75 14.45 32.40
N GLY A 256 -0.49 15.14 31.30
CA GLY A 256 0.85 15.48 30.89
C GLY A 256 1.59 14.44 30.07
N PHE A 257 1.03 13.24 29.88
CA PHE A 257 1.64 12.22 29.05
C PHE A 257 1.42 12.47 27.57
N PRO A 258 2.21 11.83 26.71
CA PRO A 258 1.89 11.83 25.29
C PRO A 258 0.55 11.16 25.02
N LEU A 259 -0.05 11.51 23.87
CA LEU A 259 -1.37 10.99 23.57
C LEU A 259 -1.34 9.47 23.38
N ALA A 260 -0.20 8.92 22.97
CA ALA A 260 -0.08 7.47 22.77
C ALA A 260 1.32 7.03 23.16
N THR A 261 1.42 6.06 24.08
CA THR A 261 2.68 5.39 24.40
C THR A 261 2.47 3.90 24.56
N GLU A 262 3.28 3.13 23.82
CA GLU A 262 3.34 1.69 23.95
C GLU A 262 4.63 1.36 24.70
N LEU A 263 4.51 0.59 25.76
CA LEU A 263 5.63 0.16 26.58
C LEU A 263 5.97 -1.28 26.23
N GLN A 264 7.23 -1.54 25.91
CA GLN A 264 7.70 -2.93 25.87
C GLN A 264 8.86 -3.09 26.84
N ARG A 265 8.67 -3.94 27.86
CA ARG A 265 9.71 -4.30 28.81
C ARG A 265 10.34 -5.60 28.37
N ILE A 266 11.67 -5.63 28.36
CA ILE A 266 12.47 -6.77 27.97
C ILE A 266 13.28 -7.14 29.19
N GLU A 267 13.06 -8.33 29.71
CA GLU A 267 13.82 -8.87 30.84
C GLU A 267 14.79 -9.90 30.33
N ILE A 268 16.06 -9.78 30.72
CA ILE A 268 17.08 -10.72 30.28
C ILE A 268 17.73 -11.28 31.53
N LYS A 269 17.42 -12.54 31.83
CA LYS A 269 17.97 -13.24 32.97
C LYS A 269 19.10 -14.16 32.54
N ASN A 270 20.22 -14.09 33.24
CA ASN A 270 21.36 -14.95 32.96
C ASN A 270 21.25 -16.14 33.91
N ALA A 271 20.68 -17.24 33.42
CA ALA A 271 20.48 -18.44 34.20
C ALA A 271 21.68 -19.38 34.14
N SER A 272 22.85 -18.88 33.75
CA SER A 272 24.06 -19.67 33.69
C SER A 272 24.95 -19.31 34.86
N ASP A 273 26.12 -19.95 34.92
CA ASP A 273 27.04 -19.76 36.03
C ASP A 273 28.25 -18.93 35.61
N LYS A 274 28.13 -18.20 34.51
CA LYS A 274 29.17 -17.25 34.08
C LYS A 274 28.50 -15.96 33.63
N ALA A 275 29.04 -14.83 34.08
CA ALA A 275 28.59 -13.54 33.58
C ALA A 275 28.69 -13.49 32.06
N ARG A 276 27.86 -12.64 31.45
CA ARG A 276 27.87 -12.49 30.00
C ARG A 276 27.89 -11.01 29.68
N ASN A 277 28.76 -10.65 28.74
CA ASN A 277 28.90 -9.27 28.26
C ASN A 277 28.07 -9.15 27.00
N LEU A 278 26.90 -8.53 27.12
CA LEU A 278 25.93 -8.53 26.05
C LEU A 278 25.70 -7.09 25.56
N SER A 279 25.02 -6.98 24.42
CA SER A 279 24.47 -5.71 24.01
C SER A 279 23.09 -5.99 23.44
N ILE A 280 22.22 -4.99 23.50
CA ILE A 280 20.93 -5.05 22.82
C ILE A 280 20.89 -3.99 21.73
N THR A 281 20.21 -4.32 20.63
CA THR A 281 19.85 -3.39 19.55
C THR A 281 18.35 -3.49 19.40
N TYR A 282 17.66 -2.41 19.73
CA TYR A 282 16.19 -2.40 19.68
C TYR A 282 15.74 -1.66 18.43
N THR A 283 14.83 -2.27 17.64
CA THR A 283 14.49 -1.69 16.33
C THR A 283 13.00 -1.47 16.19
N GLY A 284 12.66 -0.74 15.13
CA GLY A 284 11.28 -0.50 14.74
C GLY A 284 11.25 0.44 13.55
N MET A 285 10.03 0.70 13.08
CA MET A 285 9.80 1.59 11.95
C MET A 285 8.65 2.51 12.31
N PHE A 286 8.93 3.80 12.37
CA PHE A 286 7.85 4.76 12.57
C PHE A 286 6.91 4.75 11.37
N GLY A 287 5.61 4.88 11.61
CA GLY A 287 4.68 5.12 10.52
C GLY A 287 4.94 6.47 9.87
N THR A 288 4.65 6.56 8.58
CA THR A 288 4.65 7.86 7.90
C THR A 288 3.38 8.63 8.25
N GLY A 289 3.53 9.96 8.30
CA GLY A 289 2.35 10.79 8.31
C GLY A 289 1.69 10.91 6.95
N ALA A 290 2.40 10.56 5.89
CA ALA A 290 1.90 10.71 4.52
C ALA A 290 1.47 9.36 3.96
N VAL A 291 0.41 8.82 4.56
CA VAL A 291 0.00 7.46 4.27
C VAL A 291 -0.40 7.30 2.80
N HIS A 292 -1.12 8.26 2.25
CA HIS A 292 -1.54 8.08 0.86
C HIS A 292 -0.34 8.04 -0.09
N ALA A 293 0.75 8.71 0.28
CA ALA A 293 1.91 8.74 -0.58
C ALA A 293 2.66 7.44 -0.62
N ILE A 294 2.40 6.52 0.31
CA ILE A 294 3.02 5.19 0.19
C ILE A 294 2.63 4.56 -1.13
N PHE A 295 1.40 4.80 -1.56
N PHE A 295 1.35 4.74 -1.55
CA PHE A 295 0.90 4.29 -2.82
CA PHE A 295 0.96 4.28 -2.88
C PHE A 295 1.19 5.22 -3.99
C PHE A 295 1.37 5.24 -3.98
N GLU A 296 1.20 6.55 -3.75
CA GLU A 296 1.26 7.50 -4.86
C GLU A 296 2.66 8.03 -5.11
N ASP A 297 3.51 8.12 -4.09
CA ASP A 297 4.80 8.79 -4.24
C ASP A 297 5.72 8.40 -3.11
N VAL A 298 6.29 7.20 -3.17
CA VAL A 298 7.08 6.77 -2.01
C VAL A 298 8.26 7.71 -1.80
N THR A 299 8.84 8.26 -2.86
CA THR A 299 9.98 9.15 -2.67
C THR A 299 9.58 10.37 -1.84
N TYR A 300 8.36 10.87 -2.05
CA TYR A 300 7.84 11.94 -1.19
C TYR A 300 7.87 11.57 0.28
N THR A 301 7.38 10.38 0.62
CA THR A 301 7.39 9.99 2.03
C THR A 301 8.79 10.06 2.60
N ASN A 302 9.79 9.78 1.79
CA ASN A 302 11.17 9.79 2.25
C ASN A 302 11.68 11.23 2.42
N VAL A 303 11.53 12.07 1.40
CA VAL A 303 12.21 13.36 1.46
C VAL A 303 11.54 14.36 2.39
N ILE A 304 10.27 14.15 2.75
CA ILE A 304 9.59 15.17 3.58
C ILE A 304 9.99 15.08 5.04
N MET A 305 10.82 14.10 5.42
CA MET A 305 11.24 13.93 6.80
C MET A 305 12.72 13.61 6.89
N GLN A 306 13.23 13.71 8.12
CA GLN A 306 14.60 13.34 8.49
C GLN A 306 14.55 12.79 9.90
N SER A 307 15.59 12.02 10.29
CA SER A 307 15.71 11.60 11.67
C SER A 307 16.31 12.70 12.55
N ALA A 308 15.94 12.69 13.83
CA ALA A 308 16.47 13.64 14.81
C ALA A 308 16.74 12.91 16.12
N ALA A 309 17.75 13.36 16.84
CA ALA A 309 18.11 12.70 18.09
C ALA A 309 17.60 13.54 19.28
N LEU A 310 17.27 12.84 20.36
CA LEU A 310 16.78 13.43 21.60
C LEU A 310 17.82 13.27 22.70
N TYR A 311 18.00 14.33 23.49
CA TYR A 311 18.98 14.35 24.56
C TYR A 311 18.34 14.89 25.84
N ASN A 312 18.66 14.24 26.96
CA ASN A 312 18.09 14.63 28.24
C ASN A 312 18.87 15.80 28.82
N ASP A 313 18.56 16.14 30.09
CA ASP A 313 19.13 17.32 30.74
C ASP A 313 20.65 17.27 30.79
N LYS A 314 21.22 16.09 31.05
CA LYS A 314 22.67 15.92 31.16
C LYS A 314 23.39 15.77 29.82
N GLY A 315 22.73 16.04 28.69
CA GLY A 315 23.32 15.87 27.36
C GLY A 315 23.44 14.43 26.89
N GLU A 316 22.81 13.49 27.60
CA GLU A 316 22.82 12.07 27.27
C GLU A 316 21.77 11.78 26.19
N PHE A 317 22.17 11.03 25.17
CA PHE A 317 21.21 10.56 24.15
C PHE A 317 20.14 9.67 24.77
N ILE A 318 18.87 9.94 24.42
CA ILE A 318 17.80 9.09 24.92
C ILE A 318 17.00 8.39 23.81
N GLY A 319 17.00 8.90 22.58
CA GLY A 319 16.25 8.19 21.55
C GLY A 319 16.10 9.03 20.30
N ILE A 320 15.08 8.69 19.50
CA ILE A 320 14.90 9.24 18.17
C ILE A 320 13.47 9.73 17.98
N THR A 321 13.33 10.79 17.18
CA THR A 321 12.05 11.24 16.66
C THR A 321 12.18 11.53 15.17
N PRO A 322 11.19 11.20 14.39
CA PRO A 322 11.19 11.58 12.98
C PRO A 322 10.66 13.00 12.77
N ASP A 323 11.47 13.85 12.13
CA ASP A 323 11.21 15.29 12.01
C ASP A 323 10.69 15.61 10.61
N TYR A 324 9.54 16.28 10.54
CA TYR A 324 8.85 16.50 9.29
C TYR A 324 8.92 17.96 8.86
N TYR A 325 8.99 18.17 7.54
CA TYR A 325 9.00 19.53 7.04
C TYR A 325 7.57 20.08 6.87
N PRO A 326 6.65 19.35 6.26
CA PRO A 326 5.31 19.93 6.03
C PRO A 326 4.53 20.14 7.32
N GLU A 327 3.83 21.28 7.39
CA GLU A 327 3.06 21.57 8.59
C GLU A 327 2.01 20.50 8.86
N GLU A 328 1.38 19.99 7.81
CA GLU A 328 0.31 19.03 8.06
C GLU A 328 0.83 17.77 8.75
N PHE A 329 2.14 17.49 8.68
CA PHE A 329 2.74 16.30 9.27
C PHE A 329 3.53 16.65 10.53
N LYS A 330 3.41 17.88 11.01
CA LYS A 330 4.02 18.35 12.24
C LYS A 330 3.03 18.49 13.38
N GLN A 331 1.76 18.13 13.17
CA GLN A 331 0.75 18.20 14.22
C GLN A 331 0.70 16.97 15.12
N ASP A 332 1.45 15.92 14.77
CA ASP A 332 1.79 14.82 15.64
C ASP A 332 3.32 14.69 15.68
N THR A 333 3.87 14.23 16.80
CA THR A 333 5.31 14.05 16.93
C THR A 333 5.64 12.73 17.60
N ARG A 334 6.32 11.85 16.88
CA ARG A 334 6.62 10.50 17.32
C ARG A 334 7.93 10.44 18.09
N PHE A 335 8.09 9.41 18.90
CA PHE A 335 9.32 9.18 19.65
C PHE A 335 9.54 7.72 19.98
N VAL A 336 10.80 7.39 20.22
CA VAL A 336 11.18 6.11 20.81
C VAL A 336 12.36 6.37 21.73
N THR A 337 12.34 5.73 22.90
N THR A 337 12.31 5.82 22.95
CA THR A 337 13.38 5.90 23.91
CA THR A 337 13.42 5.87 23.89
C THR A 337 13.48 4.59 24.68
C THR A 337 13.52 4.54 24.63
N MET A 338 14.61 4.37 25.35
CA MET A 338 14.90 3.13 26.03
C MET A 338 15.74 3.42 27.28
N ILE A 339 15.44 2.69 28.36
CA ILE A 339 16.17 2.73 29.63
C ILE A 339 16.68 1.33 29.93
N VAL A 340 17.97 1.22 30.25
CA VAL A 340 18.57 -0.06 30.59
C VAL A 340 18.86 -0.07 32.09
N ARG A 341 18.28 -1.04 32.80
CA ARG A 341 18.32 -1.11 34.26
C ARG A 341 19.17 -2.32 34.64
N ASN A 342 20.28 -2.09 35.32
CA ASN A 342 21.25 -3.16 35.58
C ASN A 342 21.71 -3.03 37.03
N GLY A 343 20.97 -3.65 37.93
CA GLY A 343 21.19 -3.40 39.34
C GLY A 343 20.60 -2.05 39.72
N ASP A 344 21.42 -1.22 40.34
CA ASP A 344 21.02 0.16 40.61
C ASP A 344 21.35 1.08 39.44
N GLU A 345 22.28 0.67 38.58
CA GLU A 345 22.61 1.45 37.39
C GLU A 345 21.42 1.52 36.43
N LYS A 346 21.06 2.76 36.06
CA LYS A 346 20.23 3.06 34.91
C LYS A 346 21.08 3.69 33.81
N SER A 347 20.85 3.32 32.55
CA SER A 347 21.53 4.01 31.47
C SER A 347 20.65 4.15 30.23
N PHE A 348 21.00 5.10 29.40
CA PHE A 348 20.31 5.32 28.14
C PHE A 348 21.13 4.75 27.00
N PRO A 349 20.55 4.65 25.81
CA PRO A 349 21.30 4.06 24.70
C PRO A 349 22.61 4.79 24.41
N GLN A 350 23.59 4.02 24.02
CA GLN A 350 24.93 4.53 23.71
C GLN A 350 25.14 4.76 22.23
N SER A 351 24.34 4.10 21.38
CA SER A 351 24.46 4.26 19.94
C SER A 351 23.09 4.13 19.31
N PHE A 352 23.02 4.53 18.05
CA PHE A 352 21.80 4.37 17.27
C PHE A 352 22.13 4.29 15.79
N SER A 353 21.15 3.79 15.03
N SER A 353 21.16 3.77 15.03
CA SER A 353 21.15 3.85 13.58
CA SER A 353 21.16 3.90 13.58
C SER A 353 19.76 4.28 13.14
C SER A 353 19.76 4.34 13.17
N THR A 354 19.70 5.01 12.02
CA THR A 354 18.40 5.43 11.48
C THR A 354 18.31 5.20 9.98
N ASP A 355 19.20 4.41 9.42
CA ASP A 355 19.16 4.11 7.99
C ASP A 355 19.12 2.60 7.86
N TYR A 356 18.00 2.09 7.34
CA TYR A 356 17.77 0.65 7.22
C TYR A 356 18.85 -0.02 6.36
N ASN A 357 19.32 0.68 5.31
CA ASN A 357 20.34 0.08 4.44
C ASN A 357 21.67 -0.07 5.17
N ASP A 358 22.04 0.94 5.94
CA ASP A 358 23.29 0.80 6.71
C ASP A 358 23.13 -0.29 7.76
N PHE A 359 21.94 -0.40 8.34
CA PHE A 359 21.70 -1.38 9.41
C PHE A 359 21.79 -2.81 8.90
N VAL A 360 21.04 -3.14 7.87
CA VAL A 360 21.04 -4.49 7.34
C VAL A 360 22.31 -4.76 6.55
N GLY A 361 22.80 -3.77 5.81
CA GLY A 361 24.01 -3.93 5.02
C GLY A 361 23.93 -5.12 4.08
N THR A 362 24.98 -5.94 4.10
CA THR A 362 25.02 -7.13 3.27
C THR A 362 24.21 -8.28 3.83
N GLY A 363 23.58 -8.11 4.97
CA GLY A 363 22.90 -9.18 5.62
C GLY A 363 21.41 -9.19 5.32
N THR A 364 20.63 -9.63 6.32
CA THR A 364 19.18 -9.68 6.25
C THR A 364 18.64 -9.01 7.50
N LEU A 365 17.33 -8.77 7.51
CA LEU A 365 16.76 -8.27 8.75
C LEU A 365 16.92 -9.26 9.90
N GLU A 366 16.87 -10.58 9.62
CA GLU A 366 17.03 -11.55 10.69
C GLU A 366 18.47 -11.60 11.17
N HIS A 367 19.41 -11.24 10.29
CA HIS A 367 20.85 -11.28 10.56
C HIS A 367 21.51 -10.04 9.96
N PRO A 368 21.32 -8.86 10.56
CA PRO A 368 21.79 -7.62 9.94
C PRO A 368 23.29 -7.42 10.13
N ALA A 369 23.95 -7.02 9.05
CA ALA A 369 25.42 -6.87 9.12
C ALA A 369 25.86 -5.66 9.94
N GLY A 370 25.01 -4.63 10.06
CA GLY A 370 25.34 -3.46 10.84
C GLY A 370 24.64 -3.37 12.19
N GLY A 371 24.10 -4.49 12.66
CA GLY A 371 23.27 -4.45 13.85
C GLY A 371 24.04 -4.32 15.14
N SER A 372 25.29 -4.77 15.16
CA SER A 372 26.09 -4.68 16.38
C SER A 372 26.68 -3.28 16.54
N ASN A 373 27.29 -2.75 15.49
CA ASN A 373 28.01 -1.47 15.53
C ASN A 373 27.20 -0.39 14.82
N LEU A 374 26.25 0.21 15.53
CA LEU A 374 25.42 1.25 14.95
C LEU A 374 26.27 2.48 14.60
N ASN A 375 25.85 3.22 13.57
CA ASN A 375 26.73 4.23 12.99
C ASN A 375 26.48 5.65 13.50
N ASN A 376 25.48 5.85 14.34
CA ASN A 376 25.21 7.15 14.95
C ASN A 376 25.04 8.23 13.90
N LYS A 377 24.51 7.83 12.73
CA LYS A 377 24.21 8.75 11.64
C LYS A 377 22.72 9.08 11.65
N LEU A 378 22.39 10.35 11.73
CA LEU A 378 21.00 10.77 11.55
C LEU A 378 20.69 10.85 10.05
N ASN A 379 19.71 10.06 9.64
CA ASN A 379 19.33 10.00 8.24
C ASN A 379 18.69 11.30 7.80
N ARG A 380 19.16 11.84 6.68
CA ARG A 380 18.57 13.08 6.18
C ARG A 380 17.18 12.87 5.62
N LYS A 381 16.85 11.62 5.32
CA LYS A 381 15.58 11.22 4.76
C LYS A 381 14.88 10.20 5.64
N GLY A 382 13.58 9.98 5.33
CA GLY A 382 12.93 8.78 5.78
C GLY A 382 13.30 7.58 4.92
N PRO A 383 12.72 6.45 5.24
CA PRO A 383 11.73 6.20 6.28
C PRO A 383 12.33 6.22 7.69
N GLY A 384 11.46 6.33 8.71
CA GLY A 384 11.88 6.43 10.08
C GLY A 384 12.19 5.09 10.71
N PHE A 385 13.15 4.39 10.13
CA PHE A 385 13.72 3.25 10.82
C PHE A 385 14.60 3.70 11.99
N PHE A 386 14.58 2.92 13.07
CA PHE A 386 15.44 3.20 14.19
C PHE A 386 16.01 1.92 14.76
N ALA A 387 17.25 2.01 15.26
CA ALA A 387 17.93 0.98 16.03
C ALA A 387 18.61 1.71 17.17
N LEU A 388 18.37 1.25 18.40
CA LEU A 388 18.95 1.84 19.60
C LEU A 388 19.81 0.77 20.27
N GLY A 389 21.05 1.12 20.60
CA GLY A 389 22.01 0.13 21.07
C GLY A 389 22.49 0.47 22.47
N ALA A 390 22.68 -0.58 23.28
CA ALA A 390 23.28 -0.42 24.61
C ALA A 390 23.97 -1.69 25.07
N PRO A 391 25.16 -1.56 25.66
CA PRO A 391 25.84 -2.73 26.24
C PRO A 391 25.44 -2.90 27.69
N PHE A 392 25.55 -4.15 28.16
CA PHE A 392 25.34 -4.47 29.56
C PHE A 392 25.98 -5.82 29.88
N THR A 393 26.51 -5.92 31.10
CA THR A 393 27.01 -7.17 31.64
C THR A 393 25.97 -7.68 32.62
N VAL A 394 25.59 -8.94 32.50
CA VAL A 394 24.64 -9.52 33.43
C VAL A 394 25.33 -10.68 34.14
N GLU A 395 25.35 -10.62 35.45
CA GLU A 395 26.04 -11.62 36.26
C GLU A 395 25.22 -12.89 36.37
N PRO A 396 25.83 -13.98 36.84
CA PRO A 396 25.06 -15.22 36.98
C PRO A 396 23.86 -15.03 37.91
N GLY A 397 22.71 -15.56 37.48
CA GLY A 397 21.48 -15.43 38.24
C GLY A 397 20.83 -14.07 38.24
N LYS A 398 21.39 -13.09 37.56
CA LYS A 398 20.90 -11.72 37.58
C LYS A 398 20.02 -11.44 36.36
N THR A 399 19.25 -10.37 36.47
CA THR A 399 18.34 -9.93 35.42
C THR A 399 18.64 -8.47 35.10
N VAL A 400 18.79 -8.17 33.81
CA VAL A 400 18.77 -6.80 33.31
C VAL A 400 17.42 -6.51 32.68
N ILE A 401 16.85 -5.34 32.96
CA ILE A 401 15.57 -4.92 32.43
C ILE A 401 15.77 -3.76 31.45
N ILE A 402 15.25 -3.90 30.23
CA ILE A 402 15.27 -2.81 29.25
C ILE A 402 13.83 -2.39 28.99
N ASP A 403 13.51 -1.15 29.34
CA ASP A 403 12.17 -0.59 29.18
C ASP A 403 12.20 0.31 27.94
N THR A 404 11.35 0.01 26.97
CA THR A 404 11.23 0.84 25.79
C THR A 404 9.90 1.56 25.82
N PHE A 405 9.91 2.81 25.34
CA PHE A 405 8.75 3.67 25.27
C PHE A 405 8.68 4.21 23.85
N THR A 406 7.59 3.90 23.14
CA THR A 406 7.41 4.27 21.75
C THR A 406 6.08 5.00 21.69
N GLY A 407 6.01 6.14 21.02
CA GLY A 407 4.76 6.87 21.04
C GLY A 407 4.70 8.13 20.20
N LEU A 408 3.68 8.93 20.52
CA LEU A 408 3.31 10.09 19.74
C LEU A 408 2.61 11.10 20.64
N SER A 409 3.00 12.37 20.53
CA SER A 409 2.26 13.49 21.08
C SER A 409 1.51 14.19 19.95
N SER A 410 0.44 14.94 20.29
CA SER A 410 -0.41 15.45 19.24
C SER A 410 -1.12 16.77 19.56
N SER A 411 -1.32 17.57 18.52
CA SER A 411 -2.18 18.75 18.62
C SER A 411 -3.60 18.39 19.02
N LYS A 412 -4.02 17.14 18.76
CA LYS A 412 -5.39 16.75 19.05
C LYS A 412 -5.69 16.84 20.53
N ASP A 413 -4.65 16.87 21.39
CA ASP A 413 -4.84 17.00 22.83
C ASP A 413 -4.13 18.21 23.40
N ASN A 414 -3.67 19.15 22.56
CA ASN A 414 -2.84 20.27 23.05
C ASN A 414 -3.02 21.47 22.15
N GLU A 415 -3.40 22.60 22.72
CA GLU A 415 -3.39 23.83 21.94
C GLU A 415 -1.96 24.34 21.78
N ASN A 416 -1.78 25.24 20.82
CA ASN A 416 -0.47 25.86 20.56
C ASN A 416 0.59 24.77 20.47
N TYR A 417 0.30 23.79 19.61
CA TYR A 417 1.11 22.60 19.53
C TYR A 417 2.38 22.85 18.74
N SER A 418 3.47 22.22 19.18
CA SER A 418 4.70 22.08 18.42
C SER A 418 5.49 20.91 19.00
N ASP A 419 6.60 20.58 18.35
CA ASP A 419 7.40 19.49 18.88
C ASP A 419 7.90 19.78 20.29
N ALA A 420 7.86 21.04 20.76
CA ALA A 420 8.24 21.30 22.14
C ALA A 420 7.23 20.72 23.13
N VAL A 421 5.96 20.60 22.72
CA VAL A 421 4.98 19.89 23.54
C VAL A 421 5.36 18.42 23.65
N MET A 422 5.79 17.78 22.56
CA MET A 422 6.20 16.40 22.70
C MET A 422 7.36 16.25 23.68
N LEU A 423 8.34 17.15 23.61
CA LEU A 423 9.50 17.01 24.48
C LEU A 423 9.10 17.13 25.94
N ARG A 424 8.17 18.03 26.26
CA ARG A 424 7.69 18.13 27.65
C ARG A 424 6.95 16.86 28.07
N GLU A 425 6.05 16.37 27.21
CA GLU A 425 5.27 15.17 27.58
C GLU A 425 6.15 13.94 27.70
N LEU A 426 7.20 13.84 26.85
CA LEU A 426 8.13 12.73 26.95
C LEU A 426 8.88 12.82 28.28
N ASP A 427 9.26 14.04 28.68
CA ASP A 427 9.91 14.20 29.97
C ASP A 427 8.99 13.75 31.10
N ASN A 428 7.71 14.13 31.03
CA ASN A 428 6.76 13.71 32.05
C ASN A 428 6.67 12.20 32.11
N LEU A 429 6.59 11.57 30.93
CA LEU A 429 6.50 10.13 30.85
C LEU A 429 7.74 9.47 31.45
N LEU A 430 8.93 9.93 31.03
CA LEU A 430 10.13 9.26 31.50
C LEU A 430 10.31 9.48 33.01
N ARG A 431 9.87 10.61 33.56
CA ARG A 431 10.00 10.78 34.99
C ARG A 431 9.06 9.85 35.75
N TYR A 432 7.85 9.66 35.22
CA TYR A 432 6.87 8.80 35.87
C TYR A 432 7.40 7.38 35.97
N PHE A 433 8.06 6.92 34.91
CA PHE A 433 8.59 5.57 34.84
C PHE A 433 10.07 5.49 35.18
N GLU A 434 10.59 6.42 36.00
CA GLU A 434 12.01 6.34 36.33
C GLU A 434 12.31 5.18 37.27
N LYS A 435 11.41 4.90 38.22
CA LYS A 435 11.61 3.74 39.10
C LYS A 435 11.17 2.47 38.41
N SER A 436 11.92 1.40 38.64
CA SER A 436 11.66 0.17 37.92
C SER A 436 10.27 -0.37 38.21
N GLU A 437 9.88 -0.34 39.49
CA GLU A 437 8.60 -0.94 39.85
C GLU A 437 7.39 -0.18 39.27
N SER A 438 7.59 1.02 38.71
CA SER A 438 6.50 1.79 38.12
C SER A 438 5.88 1.05 36.93
N VAL A 439 6.69 0.32 36.18
CA VAL A 439 6.19 -0.44 35.03
C VAL A 439 5.30 -1.59 35.47
N GLU A 440 5.77 -2.37 36.44
CA GLU A 440 4.95 -3.45 36.96
C GLU A 440 3.69 -2.91 37.61
N GLU A 441 3.79 -1.76 38.28
CA GLU A 441 2.59 -1.28 38.96
C GLU A 441 1.53 -0.84 37.95
N THR A 442 1.98 -0.24 36.83
CA THR A 442 1.05 0.19 35.78
C THR A 442 0.40 -1.01 35.11
N LEU A 443 1.17 -2.07 34.82
CA LEU A 443 0.58 -3.30 34.32
C LEU A 443 -0.47 -3.82 35.29
N ASN A 444 -0.13 -3.85 36.59
CA ASN A 444 -1.10 -4.32 37.56
C ASN A 444 -2.34 -3.44 37.55
N GLU A 445 -2.16 -2.12 37.33
CA GLU A 445 -3.30 -1.23 37.23
C GLU A 445 -4.20 -1.61 36.05
N ILE A 446 -3.58 -1.88 34.91
CA ILE A 446 -4.34 -2.33 33.74
C ILE A 446 -5.10 -3.62 34.07
N ILE A 447 -4.40 -4.61 34.62
CA ILE A 447 -5.04 -5.88 34.93
C ILE A 447 -6.25 -5.65 35.84
N ASN A 448 -6.06 -4.84 36.87
CA ASN A 448 -7.15 -4.62 37.83
C ASN A 448 -8.28 -3.83 37.20
N PHE A 449 -7.97 -2.90 36.29
CA PHE A 449 -9.04 -2.14 35.62
C PHE A 449 -9.97 -3.10 34.87
N HIS A 450 -9.40 -4.02 34.08
CA HIS A 450 -10.25 -4.93 33.32
C HIS A 450 -10.91 -5.94 34.23
N GLU A 451 -10.24 -6.37 35.28
CA GLU A 451 -10.91 -7.25 36.24
C GLU A 451 -12.12 -6.57 36.85
N ASN A 452 -11.97 -5.31 37.25
CA ASN A 452 -13.08 -4.61 37.88
C ASN A 452 -14.20 -4.33 36.87
N TYR A 453 -13.84 -3.90 35.66
CA TYR A 453 -14.80 -3.68 34.58
C TYR A 453 -15.72 -4.88 34.37
N GLY A 454 -15.14 -6.08 34.34
CA GLY A 454 -15.92 -7.27 33.99
C GLY A 454 -16.91 -7.71 35.06
N LYS A 455 -16.84 -7.11 36.26
CA LYS A 455 -17.70 -7.54 37.35
C LYS A 455 -19.19 -7.29 37.11
N TYR A 456 -19.54 -6.46 36.12
CA TYR A 456 -20.96 -6.27 35.84
C TYR A 456 -21.69 -7.62 35.77
N PHE A 457 -21.12 -8.59 35.06
CA PHE A 457 -21.76 -9.91 34.91
C PHE A 457 -20.71 -11.01 34.90
N GLN A 458 -20.84 -11.98 35.82
CA GLN A 458 -19.85 -13.04 36.00
C GLN A 458 -20.56 -14.39 36.07
N PHE A 459 -20.37 -15.21 35.04
CA PHE A 459 -20.82 -16.60 35.13
C PHE A 459 -19.92 -17.36 36.10
N ASN A 460 -20.49 -18.30 36.85
CA ASN A 460 -19.69 -19.26 37.62
C ASN A 460 -20.28 -20.64 37.35
N THR A 461 -19.81 -21.29 36.31
CA THR A 461 -20.26 -22.61 35.88
C THR A 461 -19.13 -23.59 36.10
N GLY A 462 -19.37 -24.85 35.74
CA GLY A 462 -18.30 -25.81 35.80
C GLY A 462 -17.12 -25.44 34.92
N ASN A 463 -17.39 -24.73 33.82
CA ASN A 463 -16.52 -24.67 32.65
C ASN A 463 -15.73 -23.38 32.71
N LYS A 464 -14.45 -23.48 33.10
CA LYS A 464 -13.64 -22.28 33.22
C LYS A 464 -13.28 -21.68 31.86
N LEU A 465 -13.28 -22.48 30.79
CA LEU A 465 -13.07 -21.93 29.45
C LEU A 465 -14.24 -21.04 29.07
N PHE A 466 -15.46 -21.51 29.34
CA PHE A 466 -16.63 -20.66 29.13
C PHE A 466 -16.62 -19.44 30.06
N ASP A 467 -16.39 -19.67 31.36
CA ASP A 467 -16.43 -18.56 32.31
C ASP A 467 -15.40 -17.48 31.96
N SER A 468 -14.13 -17.87 31.72
CA SER A 468 -13.14 -16.86 31.35
C SER A 468 -13.41 -16.28 29.96
N GLY A 469 -13.88 -17.12 29.04
CA GLY A 469 -14.21 -16.63 27.71
C GLY A 469 -15.25 -15.52 27.71
N PHE A 470 -16.27 -15.66 28.55
CA PHE A 470 -17.30 -14.62 28.67
C PHE A 470 -16.84 -13.51 29.61
N ASN A 471 -16.48 -13.88 30.84
CA ASN A 471 -16.32 -12.90 31.89
C ASN A 471 -15.17 -11.96 31.60
N ARG A 472 -14.12 -12.49 30.99
CA ARG A 472 -12.91 -11.73 30.70
C ARG A 472 -12.77 -11.40 29.22
N ASN A 473 -12.69 -12.40 28.36
CA ASN A 473 -12.30 -12.11 26.98
C ASN A 473 -13.41 -11.41 26.21
N LEU A 474 -14.65 -11.83 26.36
CA LEU A 474 -15.71 -11.16 25.61
C LEU A 474 -16.00 -9.78 26.18
N ALA A 475 -15.92 -9.64 27.50
CA ALA A 475 -16.03 -8.33 28.13
C ALA A 475 -14.99 -7.36 27.59
N PHE A 476 -13.76 -7.83 27.43
CA PHE A 476 -12.73 -6.96 26.87
C PHE A 476 -13.02 -6.58 25.43
N GLN A 477 -13.44 -7.54 24.60
CA GLN A 477 -13.63 -7.25 23.18
C GLN A 477 -14.77 -6.26 22.98
N VAL A 478 -15.83 -6.32 23.80
CA VAL A 478 -16.89 -5.35 23.67
C VAL A 478 -16.45 -3.95 24.14
N LEU A 479 -15.58 -3.91 25.12
CA LEU A 479 -14.93 -2.65 25.48
C LEU A 479 -14.11 -2.11 24.32
N TYR A 480 -13.26 -2.96 23.76
CA TYR A 480 -12.42 -2.59 22.63
C TYR A 480 -13.25 -2.04 21.46
N GLN A 481 -14.35 -2.71 21.14
CA GLN A 481 -15.16 -2.28 19.99
C GLN A 481 -15.97 -1.03 20.28
N THR A 482 -16.29 -0.75 21.53
CA THR A 482 -16.93 0.52 21.85
C THR A 482 -16.07 1.71 21.43
N PHE A 483 -14.75 1.58 21.56
CA PHE A 483 -13.88 2.68 21.14
C PHE A 483 -13.49 2.60 19.68
N MET A 484 -13.24 1.40 19.17
CA MET A 484 -12.61 1.22 17.88
C MET A 484 -13.60 0.88 16.78
N SER A 485 -14.86 0.61 17.14
CA SER A 485 -15.83 0.17 16.15
C SER A 485 -15.24 -0.99 15.36
N ARG A 486 -15.08 -0.81 14.06
CA ARG A 486 -14.56 -1.81 13.14
C ARG A 486 -13.32 -1.29 12.43
N SER A 487 -12.52 -0.49 13.12
CA SER A 487 -11.55 0.35 12.45
C SER A 487 -10.11 -0.11 12.56
N PHE A 488 -9.77 -1.03 13.46
CA PHE A 488 -8.34 -1.37 13.57
C PHE A 488 -8.14 -2.75 14.14
N GLY A 489 -7.53 -3.63 13.37
CA GLY A 489 -7.18 -4.95 13.80
C GLY A 489 -6.05 -5.49 12.96
N GLN A 490 -5.92 -6.83 12.96
CA GLN A 490 -4.88 -7.45 12.14
C GLN A 490 -5.04 -7.11 10.66
N THR A 491 -6.27 -7.26 10.13
CA THR A 491 -6.53 -7.00 8.72
C THR A 491 -7.42 -5.77 8.47
N GLN A 492 -8.01 -5.21 9.51
CA GLN A 492 -8.65 -3.91 9.38
C GLN A 492 -7.57 -2.86 9.56
N LYS A 493 -7.10 -2.27 8.46
CA LYS A 493 -5.96 -1.35 8.49
C LYS A 493 -6.20 -0.01 7.83
N GLY A 494 -7.26 0.13 7.04
CA GLY A 494 -7.49 1.36 6.31
C GLY A 494 -8.48 2.25 7.01
N TYR A 495 -8.58 3.47 6.50
N TYR A 495 -8.76 3.38 6.37
CA TYR A 495 -9.28 4.55 7.17
CA TYR A 495 -10.15 3.78 6.14
C TYR A 495 -10.76 4.20 7.23
C TYR A 495 -10.94 4.43 7.27
N ARG A 496 -11.20 3.81 8.43
CA ARG A 496 -12.58 3.66 8.85
C ARG A 496 -12.97 4.69 9.91
N GLU A 497 -13.95 5.50 9.57
CA GLU A 497 -14.63 6.31 10.56
C GLU A 497 -15.65 5.46 11.33
N ILE A 498 -16.26 6.07 12.33
CA ILE A 498 -17.18 5.36 13.21
C ILE A 498 -18.55 5.35 12.56
N GLY A 499 -19.08 4.16 12.27
CA GLY A 499 -20.37 4.09 11.63
C GLY A 499 -21.48 4.44 12.61
N PHE A 500 -22.47 5.19 12.13
CA PHE A 500 -23.57 5.52 13.02
C PHE A 500 -24.16 4.24 13.61
N ARG A 501 -24.31 3.19 12.81
N ARG A 501 -24.38 3.22 12.78
CA ARG A 501 -24.93 1.95 13.30
CA ARG A 501 -25.09 2.02 13.23
C ARG A 501 -23.99 1.09 14.13
C ARG A 501 -24.33 1.27 14.31
N GLU A 502 -22.74 1.49 14.35
N GLU A 502 -23.00 1.36 14.31
CA GLU A 502 -21.93 0.78 15.33
CA GLU A 502 -22.18 0.62 15.26
C GLU A 502 -22.22 1.25 16.76
C GLU A 502 -22.27 1.22 16.72
N ILE A 503 -23.20 2.15 16.93
CA ILE A 503 -23.72 2.47 18.27
C ILE A 503 -24.20 1.16 18.90
N GLN A 504 -24.44 0.14 18.06
CA GLN A 504 -24.74 -1.20 18.57
C GLN A 504 -23.76 -1.64 19.67
N ASP A 505 -22.47 -1.35 19.50
CA ASP A 505 -21.50 -1.86 20.47
C ASP A 505 -21.84 -1.36 21.87
N LEU A 506 -22.27 -0.10 21.98
CA LEU A 506 -22.68 0.46 23.26
C LEU A 506 -23.89 -0.25 23.84
N PHE A 507 -24.70 -0.96 23.01
CA PHE A 507 -25.84 -1.67 23.57
C PHE A 507 -25.38 -2.65 24.65
N ALA A 508 -24.22 -3.29 24.46
CA ALA A 508 -23.69 -4.24 25.43
C ALA A 508 -22.78 -3.58 26.46
N SER A 509 -21.85 -2.70 26.02
CA SER A 509 -20.87 -2.19 26.97
C SER A 509 -21.43 -1.13 27.92
N MET A 510 -22.58 -0.48 27.61
CA MET A 510 -23.02 0.60 28.50
C MET A 510 -23.15 0.12 29.95
N TYR A 511 -23.68 -1.10 30.15
CA TYR A 511 -23.90 -1.60 31.49
C TYR A 511 -22.58 -1.73 32.25
N TYR A 512 -21.54 -2.21 31.54
CA TYR A 512 -20.22 -2.33 32.14
C TYR A 512 -19.67 -0.96 32.55
N PHE A 513 -19.73 0.02 31.64
CA PHE A 513 -19.25 1.36 31.97
C PHE A 513 -20.01 1.97 33.14
N ILE A 514 -21.33 1.82 33.16
CA ILE A 514 -22.12 2.42 34.23
C ILE A 514 -21.73 1.83 35.57
N ASN A 515 -21.40 0.54 35.61
CA ASN A 515 -21.12 -0.12 36.88
C ASN A 515 -19.67 0.00 37.32
N ILE A 516 -18.85 0.78 36.62
CA ILE A 516 -17.60 1.26 37.16
C ILE A 516 -17.57 2.78 37.25
N GLY A 517 -18.76 3.40 37.30
CA GLY A 517 -18.85 4.81 37.59
C GLY A 517 -18.73 5.74 36.41
N TYR A 518 -18.89 5.23 35.19
CA TYR A 518 -18.73 6.00 33.98
C TYR A 518 -20.05 6.17 33.22
N GLN A 519 -21.15 6.27 33.95
CA GLN A 519 -22.42 6.69 33.36
C GLN A 519 -22.28 7.95 32.53
N ASP A 520 -21.52 8.93 33.03
CA ASP A 520 -21.40 10.18 32.28
C ASP A 520 -20.72 9.96 30.93
N PHE A 521 -19.80 9.00 30.86
CA PHE A 521 -19.17 8.68 29.59
C PHE A 521 -20.17 8.10 28.60
N VAL A 522 -21.03 7.20 29.07
CA VAL A 522 -22.09 6.66 28.23
C VAL A 522 -22.99 7.78 27.70
N LYS A 523 -23.34 8.74 28.57
CA LYS A 523 -24.16 9.87 28.11
C LYS A 523 -23.41 10.68 27.07
N GLU A 524 -22.08 10.82 27.21
CA GLU A 524 -21.32 11.59 26.24
C GLU A 524 -21.35 10.92 24.88
N LEU A 525 -21.23 9.59 24.85
CA LEU A 525 -21.36 8.85 23.60
C LEU A 525 -22.77 9.02 23.00
N LEU A 526 -23.79 8.89 23.83
CA LEU A 526 -25.16 9.08 23.34
C LEU A 526 -25.34 10.48 22.76
N PHE A 527 -24.86 11.50 23.48
CA PHE A 527 -25.04 12.86 22.99
C PHE A 527 -24.28 13.05 21.69
N GLU A 528 -23.11 12.41 21.58
CA GLU A 528 -22.28 12.56 20.39
C GLU A 528 -22.97 11.97 19.17
N TRP A 529 -23.60 10.81 19.36
CA TRP A 529 -24.37 10.28 18.24
C TRP A 529 -25.59 11.14 17.98
N THR A 530 -26.25 11.60 19.04
CA THR A 530 -27.43 12.44 18.85
C THR A 530 -27.09 13.67 18.03
N ALA A 531 -25.86 14.19 18.19
CA ALA A 531 -25.47 15.38 17.45
C ALA A 531 -25.24 15.08 15.97
N ASN A 532 -25.31 13.82 15.55
CA ASN A 532 -25.17 13.49 14.14
C ASN A 532 -26.49 13.18 13.50
N VAL A 533 -27.59 13.51 14.19
CA VAL A 533 -28.95 13.44 13.65
C VAL A 533 -29.34 14.84 13.16
N TYR A 534 -29.89 14.89 11.97
CA TYR A 534 -30.34 16.15 11.41
C TYR A 534 -31.72 16.51 11.97
N LYS A 535 -32.16 17.73 11.68
CA LYS A 535 -33.44 18.19 12.20
C LYS A 535 -34.57 17.30 11.70
N MET A 536 -34.49 16.88 10.44
CA MET A 536 -35.56 16.10 9.81
C MET A 536 -35.63 14.66 10.30
N GLY A 537 -34.59 14.15 10.96
CA GLY A 537 -34.64 12.79 11.50
C GLY A 537 -33.64 11.79 10.91
N TYR A 538 -32.99 12.09 9.79
CA TYR A 538 -31.97 11.22 9.22
C TYR A 538 -30.62 11.52 9.85
N ALA A 539 -29.63 10.69 9.52
CA ALA A 539 -28.35 10.73 10.21
C ALA A 539 -27.18 10.67 9.26
N ASN A 540 -26.08 11.34 9.65
CA ASN A 540 -24.79 11.13 8.99
C ASN A 540 -24.42 9.65 9.08
N HIS A 541 -24.26 9.00 7.92
CA HIS A 541 -23.93 7.58 7.99
C HIS A 541 -22.62 7.31 8.74
N ASN A 542 -21.72 8.29 8.80
CA ASN A 542 -20.39 8.14 9.38
C ASN A 542 -19.98 9.44 10.07
N PHE A 543 -19.12 9.32 11.09
CA PHE A 543 -18.57 10.49 11.76
C PHE A 543 -17.29 10.11 12.51
N TYR A 544 -16.29 10.99 12.46
CA TYR A 544 -15.12 10.81 13.32
C TYR A 544 -14.81 12.11 14.09
N TRP A 545 -14.11 13.06 13.46
CA TRP A 545 -14.08 14.42 14.01
C TRP A 545 -15.33 15.21 13.58
N VAL A 546 -15.81 14.97 12.36
CA VAL A 546 -17.07 15.52 11.86
C VAL A 546 -17.88 14.40 11.24
N GLY A 547 -19.22 14.59 11.19
CA GLY A 547 -20.10 13.63 10.55
C GLY A 547 -20.26 13.87 9.05
N LYS A 548 -20.68 12.81 8.34
CA LYS A 548 -20.78 12.86 6.88
C LYS A 548 -21.78 11.83 6.41
N GLN A 549 -22.18 11.96 5.13
CA GLN A 549 -23.07 11.04 4.41
C GLN A 549 -24.48 11.13 4.95
N PRO A 550 -25.06 12.33 4.89
CA PRO A 550 -26.33 12.64 5.58
C PRO A 550 -27.51 11.87 5.00
N GLY A 551 -28.17 11.11 5.87
CA GLY A 551 -29.24 10.22 5.44
C GLY A 551 -28.90 9.26 4.30
N LEU A 552 -27.61 8.96 4.07
CA LEU A 552 -27.23 8.09 2.94
C LEU A 552 -27.86 6.71 3.09
N TYR A 553 -27.89 6.21 4.32
CA TYR A 553 -28.43 4.90 4.62
C TYR A 553 -29.66 5.05 5.51
N SER A 554 -30.68 4.24 5.25
CA SER A 554 -31.99 4.52 5.77
C SER A 554 -32.21 4.03 7.19
N ASP A 555 -31.43 3.09 7.67
CA ASP A 555 -31.67 2.51 8.99
C ASP A 555 -31.00 3.29 10.13
N ASP A 556 -29.95 4.04 9.86
CA ASP A 556 -29.07 4.59 10.89
C ASP A 556 -29.72 5.22 12.11
N SER A 557 -30.43 6.32 11.94
CA SER A 557 -31.04 6.97 13.10
C SER A 557 -31.79 5.99 13.99
N LEU A 558 -32.44 4.99 13.39
CA LEU A 558 -33.37 4.17 14.17
C LEU A 558 -32.64 3.39 15.26
N TRP A 559 -31.38 3.05 15.02
CA TRP A 559 -30.61 2.31 16.03
C TRP A 559 -30.42 3.13 17.29
N LEU A 560 -30.45 4.46 17.19
CA LEU A 560 -30.14 5.29 18.36
C LEU A 560 -31.23 5.17 19.40
N LEU A 561 -32.48 4.93 18.99
CA LEU A 561 -33.53 4.72 19.98
C LEU A 561 -33.24 3.48 20.82
N GLN A 562 -32.59 2.46 20.25
CA GLN A 562 -32.25 1.29 21.05
C GLN A 562 -31.18 1.62 22.10
N ALA A 563 -30.22 2.45 21.72
CA ALA A 563 -29.22 2.93 22.68
C ALA A 563 -29.86 3.78 23.77
N TYR A 564 -30.69 4.76 23.40
CA TYR A 564 -31.38 5.55 24.41
C TYR A 564 -32.31 4.70 25.26
N TYR A 565 -33.04 3.77 24.63
CA TYR A 565 -33.92 2.91 25.41
C TYR A 565 -33.14 2.12 26.45
N ARG A 566 -32.05 1.48 26.02
CA ARG A 566 -31.26 0.70 26.95
C ARG A 566 -30.81 1.58 28.12
N TYR A 567 -30.28 2.75 27.81
CA TYR A 567 -29.76 3.63 28.86
C TYR A 567 -30.87 4.11 29.79
N ILE A 568 -31.97 4.58 29.23
CA ILE A 568 -33.01 5.19 30.07
C ILE A 568 -33.68 4.14 30.94
N ILE A 569 -33.97 2.97 30.40
CA ILE A 569 -34.63 1.95 31.18
C ILE A 569 -33.71 1.43 32.28
N TYR A 570 -32.41 1.31 31.99
CA TYR A 570 -31.51 0.78 33.02
C TYR A 570 -31.30 1.79 34.13
N THR A 571 -31.00 3.04 33.76
CA THR A 571 -30.64 4.09 34.71
C THR A 571 -31.85 4.80 35.28
N LYS A 572 -32.99 4.75 34.59
CA LYS A 572 -34.16 5.60 34.83
C LYS A 572 -33.80 7.08 34.77
N ASP A 573 -32.68 7.41 34.11
CA ASP A 573 -32.24 8.81 33.96
C ASP A 573 -32.89 9.41 32.73
N THR A 574 -34.10 9.92 32.89
CA THR A 574 -34.74 10.60 31.78
C THR A 574 -34.17 11.99 31.51
N SER A 575 -33.42 12.56 32.47
CA SER A 575 -32.86 13.90 32.28
C SER A 575 -32.22 14.05 30.91
N VAL A 576 -31.68 12.97 30.37
CA VAL A 576 -31.01 13.05 29.08
C VAL A 576 -31.93 13.54 28.01
N LEU A 577 -33.24 13.37 28.21
CA LEU A 577 -34.20 13.83 27.20
C LEU A 577 -34.21 15.33 27.07
N ASN A 578 -33.80 16.03 28.12
CA ASN A 578 -33.84 17.48 28.20
C ASN A 578 -32.52 18.12 27.81
N GLU A 579 -31.53 17.32 27.46
CA GLU A 579 -30.24 17.85 27.01
C GLU A 579 -30.43 18.59 25.69
N GLU A 580 -29.86 19.79 25.59
CA GLU A 580 -29.78 20.54 24.35
C GLU A 580 -28.52 20.10 23.62
N VAL A 581 -28.67 19.59 22.40
CA VAL A 581 -27.56 18.97 21.68
C VAL A 581 -27.50 19.51 20.26
N PRO A 582 -26.30 19.75 19.73
CA PRO A 582 -26.18 20.22 18.35
C PRO A 582 -26.99 19.37 17.39
N VAL A 583 -27.61 20.03 16.39
CA VAL A 583 -28.20 19.32 15.26
C VAL A 583 -27.14 19.24 14.16
N ALA A 584 -27.07 18.10 13.48
CA ALA A 584 -26.06 17.91 12.45
C ALA A 584 -26.15 18.92 11.32
N ASP A 585 -27.27 19.67 11.24
CA ASP A 585 -27.41 20.71 10.23
C ASP A 585 -26.45 21.88 10.48
N GLY A 586 -25.90 21.99 11.68
CA GLY A 586 -24.90 23.01 11.93
C GLY A 586 -25.51 24.36 12.21
N ASN A 587 -25.04 25.37 11.46
CA ASN A 587 -25.17 26.75 11.92
C ASN A 587 -24.74 26.72 13.39
N ASN A 588 -25.59 27.20 14.28
CA ASN A 588 -25.35 27.11 15.72
C ASN A 588 -26.63 26.69 16.42
N GLU A 589 -27.23 25.60 15.94
CA GLU A 589 -28.54 25.18 16.40
C GLU A 589 -28.45 23.88 17.18
N LYS A 590 -29.15 23.86 18.31
CA LYS A 590 -29.24 22.73 19.21
C LYS A 590 -30.71 22.36 19.35
N ARG A 591 -30.97 21.09 19.60
CA ARG A 591 -32.33 20.61 19.83
C ARG A 591 -32.32 19.70 21.04
N ALA A 592 -33.39 19.75 21.81
CA ALA A 592 -33.49 18.87 22.97
C ALA A 592 -33.57 17.44 22.48
N VAL A 593 -32.97 16.53 23.23
CA VAL A 593 -32.92 15.13 22.81
C VAL A 593 -34.32 14.63 22.51
N ARG A 594 -35.28 14.96 23.38
CA ARG A 594 -36.65 14.50 23.19
C ARG A 594 -37.15 14.77 21.78
N GLU A 595 -36.86 15.96 21.25
CA GLU A 595 -37.41 16.31 19.93
C GLU A 595 -36.63 15.65 18.80
N THR A 596 -35.34 15.39 19.01
CA THR A 596 -34.61 14.65 17.97
C THR A 596 -35.09 13.20 17.89
N LEU A 597 -35.51 12.61 19.01
CA LEU A 597 -36.03 11.24 18.96
C LEU A 597 -37.43 11.18 18.37
N LYS A 598 -38.25 12.20 18.64
CA LYS A 598 -39.52 12.34 17.93
C LYS A 598 -39.28 12.57 16.44
N ALA A 599 -38.26 13.35 16.10
CA ALA A 599 -37.96 13.57 14.69
C ALA A 599 -37.51 12.28 14.01
N ILE A 600 -36.66 11.48 14.66
CA ILE A 600 -36.18 10.25 14.04
C ILE A 600 -37.36 9.38 13.63
N ILE A 601 -38.30 9.20 14.56
CA ILE A 601 -39.47 8.36 14.32
C ILE A 601 -40.32 8.96 13.21
N GLN A 602 -40.46 10.30 13.19
CA GLN A 602 -41.29 10.92 12.16
C GLN A 602 -40.69 10.75 10.78
N TYR A 603 -39.35 10.79 10.66
CA TYR A 603 -38.73 10.62 9.35
C TYR A 603 -39.08 9.26 8.75
N SER A 604 -38.94 8.19 9.55
CA SER A 604 -39.16 6.86 9.00
C SER A 604 -40.62 6.44 9.03
N ALA A 605 -41.47 7.11 9.81
CA ALA A 605 -42.87 6.73 9.95
C ALA A 605 -43.82 7.57 9.13
N SER A 606 -43.43 8.77 8.72
CA SER A 606 -44.36 9.63 7.99
C SER A 606 -43.78 10.24 6.73
N ILE A 607 -42.53 10.66 6.77
CA ILE A 607 -41.92 11.38 5.65
C ILE A 607 -41.27 10.44 4.64
N SER A 608 -40.16 9.82 5.04
CA SER A 608 -39.43 8.90 4.15
C SER A 608 -40.10 7.53 4.22
N VAL A 609 -41.28 7.45 3.63
CA VAL A 609 -42.04 6.21 3.54
C VAL A 609 -42.42 6.01 2.09
N GLY A 610 -42.81 4.78 1.77
CA GLY A 610 -43.23 4.39 0.44
C GLY A 610 -44.72 4.19 0.33
N ASP A 611 -45.13 3.53 -0.75
CA ASP A 611 -46.56 3.39 -1.01
C ASP A 611 -47.31 2.67 0.10
N HIS A 612 -46.64 1.88 0.92
CA HIS A 612 -47.30 1.08 1.96
C HIS A 612 -47.17 1.70 3.34
N GLY A 613 -46.67 2.92 3.43
CA GLY A 613 -46.48 3.52 4.74
C GLY A 613 -45.28 2.98 5.49
N LEU A 614 -44.33 2.25 4.78
CA LEU A 614 -43.14 1.67 5.37
C LEU A 614 -41.93 2.53 5.05
N PRO A 615 -40.90 2.51 5.92
CA PRO A 615 -39.70 3.32 5.66
C PRO A 615 -39.04 2.99 4.35
N LEU A 616 -38.67 4.02 3.59
CA LEU A 616 -37.99 3.81 2.33
C LEU A 616 -36.61 3.19 2.56
N LEU A 617 -36.19 2.36 1.59
CA LEU A 617 -34.89 1.70 1.61
C LEU A 617 -33.77 2.69 1.34
N ASP A 618 -33.98 3.61 0.40
CA ASP A 618 -32.93 4.53 -0.09
C ASP A 618 -31.75 3.70 -0.64
N LEU A 619 -30.52 4.20 -0.53
CA LEU A 619 -29.43 3.47 -1.17
C LEU A 619 -29.39 2.03 -0.71
N ALA A 620 -29.57 1.80 0.61
CA ALA A 620 -29.46 0.53 1.32
C ALA A 620 -29.91 0.80 2.76
N ASP A 621 -30.11 -0.29 3.52
CA ASP A 621 -30.35 -0.19 4.96
C ASP A 621 -29.19 -0.91 5.63
N TRP A 622 -29.41 -1.60 6.76
CA TRP A 622 -28.31 -2.30 7.41
C TRP A 622 -27.56 -3.21 6.47
N ASN A 623 -28.25 -3.78 5.50
CA ASN A 623 -27.66 -4.79 4.63
C ASN A 623 -26.96 -4.07 3.48
N ASP A 624 -25.61 -4.13 3.50
CA ASP A 624 -24.79 -3.28 2.67
C ASP A 624 -25.16 -3.40 1.20
N SER A 625 -25.65 -4.57 0.79
CA SER A 625 -25.70 -4.89 -0.64
C SER A 625 -27.13 -5.07 -1.17
N LEU A 626 -28.11 -4.42 -0.55
CA LEU A 626 -29.46 -4.25 -1.12
C LEU A 626 -29.61 -2.93 -1.90
N LYS A 627 -28.72 -2.71 -2.86
N LYS A 627 -28.70 -2.69 -2.84
CA LYS A 627 -28.80 -1.55 -3.73
CA LYS A 627 -28.78 -1.55 -3.74
C LYS A 627 -29.87 -1.79 -4.79
C LYS A 627 -29.87 -1.80 -4.78
N ILE A 628 -31.10 -1.99 -4.31
CA ILE A 628 -32.22 -2.25 -5.22
C ILE A 628 -32.50 -1.03 -6.10
N ASP A 629 -32.42 0.18 -5.52
CA ASP A 629 -32.88 1.40 -6.15
C ASP A 629 -31.66 2.17 -6.65
N SER A 630 -31.45 2.19 -7.96
CA SER A 630 -30.23 2.73 -8.54
C SER A 630 -30.21 4.26 -8.64
N ASN A 631 -31.37 4.90 -8.47
CA ASN A 631 -31.48 6.36 -8.48
C ASN A 631 -31.82 6.89 -7.09
N SER A 632 -31.28 6.29 -6.05
CA SER A 632 -31.65 6.73 -4.71
C SER A 632 -31.02 8.09 -4.41
N ILE A 633 -31.46 8.68 -3.29
CA ILE A 633 -30.96 9.96 -2.84
C ILE A 633 -30.74 9.87 -1.33
N ASP A 634 -29.73 10.60 -0.85
CA ASP A 634 -29.51 10.77 0.58
C ASP A 634 -30.51 11.79 1.12
N GLY A 635 -30.49 12.03 2.43
CA GLY A 635 -31.53 12.80 3.09
C GLY A 635 -31.48 14.30 2.84
N ALA A 636 -30.32 14.83 2.45
CA ALA A 636 -30.23 16.25 2.12
C ALA A 636 -30.78 16.52 0.73
N THR A 637 -30.52 15.61 -0.23
CA THR A 637 -31.16 15.73 -1.53
C THR A 637 -32.66 15.52 -1.41
N LYS A 638 -33.07 14.60 -0.53
CA LYS A 638 -34.49 14.39 -0.27
C LYS A 638 -35.12 15.58 0.43
N GLU A 639 -34.39 16.19 1.37
CA GLU A 639 -34.92 17.37 2.07
C GLU A 639 -35.17 18.51 1.08
N LYS A 640 -34.18 18.86 0.25
CA LYS A 640 -34.37 19.90 -0.75
C LYS A 640 -35.58 19.62 -1.63
N LEU A 641 -35.73 18.37 -2.08
CA LEU A 641 -36.88 18.04 -2.93
C LEU A 641 -38.18 17.98 -2.14
N TYR A 642 -38.14 17.44 -0.92
CA TYR A 642 -39.35 17.32 -0.12
C TYR A 642 -40.04 18.68 0.02
N TYR A 643 -39.26 19.72 0.32
CA TYR A 643 -39.86 21.03 0.56
C TYR A 643 -40.47 21.61 -0.72
N GLU A 644 -39.81 21.43 -1.87
CA GLU A 644 -40.37 21.95 -3.11
C GLU A 644 -41.53 21.12 -3.62
N GLN A 645 -41.63 19.86 -3.18
CA GLN A 645 -42.90 19.12 -3.32
C GLN A 645 -43.98 19.77 -2.45
N LEU A 646 -43.64 20.14 -1.22
CA LEU A 646 -44.63 20.73 -0.33
C LEU A 646 -45.16 22.04 -0.90
N LYS A 647 -44.29 22.88 -1.48
CA LYS A 647 -44.75 24.16 -2.01
C LYS A 647 -45.57 23.96 -3.28
N LYS A 648 -45.17 23.00 -4.11
CA LYS A 648 -45.86 22.76 -5.38
C LYS A 648 -47.08 21.86 -5.23
N THR A 649 -47.41 21.42 -4.00
CA THR A 649 -48.63 20.66 -3.77
C THR A 649 -49.44 21.17 -2.58
N ASN A 650 -49.05 22.28 -1.95
CA ASN A 650 -49.79 22.88 -0.85
C ASN A 650 -49.71 22.05 0.43
N GLY A 651 -48.83 21.06 0.50
CA GLY A 651 -48.76 20.18 1.64
C GLY A 651 -48.18 20.83 2.89
N LYS A 652 -48.10 20.03 3.95
CA LYS A 652 -47.59 20.47 5.25
C LYS A 652 -46.53 19.49 5.72
N TYR A 653 -45.54 20.02 6.46
CA TYR A 653 -44.45 19.19 6.97
C TYR A 653 -45.01 18.05 7.81
N GLY A 654 -44.44 16.85 7.61
CA GLY A 654 -45.00 15.63 8.14
C GLY A 654 -45.71 14.81 7.10
N ASP A 655 -46.10 15.43 5.98
CA ASP A 655 -46.69 14.69 4.87
C ASP A 655 -45.64 13.79 4.23
N ARG A 656 -46.12 12.72 3.60
CA ARG A 656 -45.23 11.76 2.99
C ARG A 656 -44.49 12.36 1.80
N PHE A 657 -43.20 12.08 1.72
CA PHE A 657 -42.42 12.33 0.52
C PHE A 657 -42.91 11.39 -0.57
N MET A 658 -43.50 11.93 -1.62
CA MET A 658 -44.14 11.10 -2.64
C MET A 658 -43.08 10.53 -3.60
N SER A 659 -43.10 9.22 -3.78
CA SER A 659 -42.12 8.53 -4.61
C SER A 659 -42.59 7.09 -4.85
N ASP A 660 -41.90 6.41 -5.78
CA ASP A 660 -42.07 4.99 -6.05
C ASP A 660 -40.87 4.19 -5.56
N TYR A 661 -40.05 4.78 -4.72
CA TYR A 661 -38.89 4.09 -4.19
C TYR A 661 -39.34 2.85 -3.40
N SER A 662 -38.42 1.89 -3.29
CA SER A 662 -38.67 0.69 -2.50
C SER A 662 -38.71 0.98 -0.99
N GLU A 663 -39.28 0.04 -0.25
CA GLU A 663 -39.42 0.13 1.19
C GLU A 663 -38.67 -1.03 1.86
N SER A 664 -38.07 -0.74 3.02
CA SER A 664 -37.33 -1.73 3.80
C SER A 664 -38.19 -2.28 4.92
N VAL A 665 -38.50 -3.58 4.85
CA VAL A 665 -39.25 -4.18 5.94
C VAL A 665 -38.38 -4.22 7.19
N MET A 666 -37.09 -4.39 7.03
CA MET A 666 -36.23 -4.38 8.22
C MET A 666 -36.30 -3.03 8.93
N ASN A 667 -36.30 -1.92 8.17
CA ASN A 667 -36.43 -0.62 8.82
C ASN A 667 -37.78 -0.50 9.50
N ALA A 668 -38.82 -1.12 8.94
CA ALA A 668 -40.14 -1.08 9.57
C ALA A 668 -40.08 -1.69 10.95
N PHE A 669 -39.40 -2.82 11.08
CA PHE A 669 -39.25 -3.45 12.39
C PHE A 669 -38.42 -2.58 13.32
N LEU A 670 -37.37 -2.00 12.79
CA LEU A 670 -36.54 -1.09 13.59
C LEU A 670 -37.33 0.12 14.05
N LEU A 671 -38.19 0.65 13.17
CA LEU A 671 -39.03 1.77 13.55
C LEU A 671 -40.07 1.34 14.58
N LYS A 672 -40.76 0.23 14.34
CA LYS A 672 -41.77 -0.21 15.29
C LYS A 672 -41.14 -0.35 16.66
N LEU A 673 -39.95 -0.98 16.71
CA LEU A 673 -39.21 -1.08 17.97
C LEU A 673 -38.87 0.29 18.52
N ALA A 674 -38.35 1.15 17.67
CA ALA A 674 -38.05 2.53 18.09
C ALA A 674 -39.26 3.19 18.73
N ILE A 675 -40.44 3.02 18.11
CA ILE A 675 -41.61 3.72 18.62
C ILE A 675 -41.99 3.16 19.98
N ASP A 676 -41.98 1.84 20.14
CA ASP A 676 -42.30 1.28 21.44
C ASP A 676 -41.33 1.81 22.48
N HIS A 677 -40.04 1.79 22.15
CA HIS A 677 -39.01 2.35 23.02
C HIS A 677 -39.35 3.76 23.46
N LEU A 678 -39.61 4.63 22.50
CA LEU A 678 -39.95 6.02 22.86
C LEU A 678 -41.22 6.07 23.72
N ALA A 679 -42.23 5.26 23.38
CA ALA A 679 -43.44 5.28 24.19
C ALA A 679 -43.10 4.91 25.62
N GLU A 680 -42.23 3.91 25.79
CA GLU A 680 -41.87 3.44 27.11
C GLU A 680 -41.03 4.50 27.84
N ILE A 681 -40.16 5.17 27.09
CA ILE A 681 -39.35 6.25 27.66
C ILE A 681 -40.25 7.36 28.17
N ALA A 682 -41.21 7.78 27.35
CA ALA A 682 -42.13 8.84 27.75
C ALA A 682 -42.95 8.45 28.97
N THR A 683 -43.44 7.21 29.02
CA THR A 683 -44.10 6.74 30.23
C THR A 683 -43.22 6.97 31.46
N LEU A 684 -41.97 6.49 31.40
CA LEU A 684 -41.06 6.70 32.52
C LEU A 684 -40.83 8.19 32.78
N ASP A 685 -40.91 9.00 31.73
CA ASP A 685 -40.80 10.45 31.85
C ASP A 685 -42.11 11.09 32.30
N ASN A 686 -43.17 10.32 32.48
CA ASN A 686 -44.53 10.82 32.79
C ASN A 686 -44.97 11.87 31.77
N ASP A 687 -44.43 11.81 30.56
CA ASP A 687 -44.90 12.61 29.42
C ASP A 687 -46.15 11.93 28.87
N THR A 688 -47.32 12.45 29.23
CA THR A 688 -48.57 11.76 28.89
C THR A 688 -48.88 11.85 27.41
N GLN A 689 -48.69 13.01 26.78
CA GLN A 689 -49.01 13.13 25.37
C GLN A 689 -48.11 12.25 24.50
N LEU A 690 -46.82 12.20 24.80
CA LEU A 690 -45.92 11.42 23.94
C LEU A 690 -46.17 9.92 24.08
N ALA A 691 -46.41 9.44 25.30
CA ALA A 691 -46.71 8.02 25.48
C ALA A 691 -47.94 7.59 24.69
N GLN A 692 -48.98 8.41 24.70
CA GLN A 692 -50.19 8.07 23.93
C GLN A 692 -49.91 8.09 22.44
N GLN A 693 -49.25 9.16 21.96
CA GLN A 693 -48.95 9.30 20.54
C GLN A 693 -48.21 8.08 20.02
N MET A 694 -47.13 7.69 20.71
CA MET A 694 -46.30 6.60 20.23
C MET A 694 -47.01 5.26 20.33
N SER A 695 -47.67 5.00 21.46
CA SER A 695 -48.47 3.79 21.57
C SER A 695 -49.42 3.66 20.38
N GLU A 696 -49.92 4.79 19.85
CA GLU A 696 -50.89 4.75 18.76
C GLU A 696 -50.19 4.61 17.41
N LEU A 697 -49.05 5.29 17.22
CA LEU A 697 -48.32 5.12 15.97
C LEU A 697 -47.78 3.69 15.87
N SER A 698 -47.55 3.05 17.01
CA SER A 698 -47.03 1.68 16.97
C SER A 698 -48.07 0.71 16.45
N LYS A 699 -49.31 0.85 16.90
CA LYS A 699 -50.39 0.01 16.40
C LYS A 699 -50.57 0.23 14.89
N GLU A 700 -50.51 1.50 14.47
CA GLU A 700 -50.57 1.82 13.05
C GLU A 700 -49.48 1.11 12.27
N VAL A 701 -48.22 1.32 12.68
CA VAL A 701 -47.10 0.79 11.91
C VAL A 701 -47.12 -0.74 11.89
N THR A 702 -47.52 -1.35 13.00
CA THR A 702 -47.68 -2.80 13.04
C THR A 702 -48.74 -3.26 12.05
N ASP A 703 -49.90 -2.61 12.08
CA ASP A 703 -50.91 -2.87 11.07
C ASP A 703 -50.30 -2.78 9.67
N ARG A 704 -49.51 -1.73 9.42
CA ARG A 704 -48.92 -1.56 8.11
C ARG A 704 -48.11 -2.79 7.73
N ILE A 705 -47.26 -3.28 8.65
CA ILE A 705 -46.36 -4.36 8.29
C ILE A 705 -47.14 -5.64 8.07
N GLN A 706 -48.02 -5.97 9.03
CA GLN A 706 -48.86 -7.15 8.91
C GLN A 706 -49.61 -7.15 7.59
N LYS A 707 -50.25 -6.01 7.27
CA LYS A 707 -51.09 -5.94 6.08
C LYS A 707 -50.28 -6.08 4.81
N HIS A 708 -49.07 -5.48 4.75
CA HIS A 708 -48.38 -5.31 3.49
C HIS A 708 -47.05 -6.04 3.40
N ALA A 709 -46.56 -6.63 4.49
CA ALA A 709 -45.25 -7.25 4.47
C ALA A 709 -45.24 -8.74 4.82
N TRP A 710 -46.25 -9.26 5.50
CA TRP A 710 -46.41 -10.71 5.63
C TRP A 710 -46.78 -11.29 4.27
N LYS A 711 -45.95 -12.18 3.74
CA LYS A 711 -46.11 -12.74 2.40
C LYS A 711 -46.15 -14.27 2.49
N GLU A 712 -47.24 -14.79 3.03
N GLU A 712 -47.23 -14.81 3.06
CA GLU A 712 -47.56 -16.22 3.05
CA GLU A 712 -47.57 -16.22 3.01
C GLU A 712 -46.58 -17.06 3.84
C GLU A 712 -46.58 -17.14 3.73
N ASN A 713 -45.29 -16.89 3.56
CA ASN A 713 -44.22 -17.74 4.09
C ASN A 713 -43.35 -17.10 5.16
N PHE A 714 -43.45 -15.80 5.34
CA PHE A 714 -42.30 -15.07 5.86
C PHE A 714 -42.68 -13.61 5.84
N PHE A 715 -42.00 -12.84 6.65
CA PHE A 715 -42.01 -11.40 6.45
C PHE A 715 -41.02 -11.07 5.34
N ALA A 716 -41.50 -10.33 4.33
CA ALA A 716 -40.63 -9.94 3.23
C ALA A 716 -39.52 -9.03 3.78
N ARG A 717 -38.49 -8.84 2.94
N ARG A 717 -38.47 -8.83 2.97
CA ARG A 717 -37.38 -7.94 3.25
CA ARG A 717 -37.43 -7.87 3.32
C ARG A 717 -37.58 -6.54 2.66
C ARG A 717 -37.65 -6.50 2.69
N VAL A 718 -38.06 -6.47 1.42
CA VAL A 718 -38.17 -5.25 0.65
C VAL A 718 -39.53 -5.31 -0.03
N LEU A 719 -40.23 -4.20 -0.04
CA LEU A 719 -41.43 -4.06 -0.85
C LEU A 719 -41.10 -3.15 -2.02
N ILE A 720 -41.35 -3.64 -3.24
N ILE A 720 -41.36 -3.63 -3.25
CA ILE A 720 -41.01 -2.94 -4.47
CA ILE A 720 -41.00 -2.93 -4.48
C ILE A 720 -42.25 -2.24 -4.99
C ILE A 720 -42.25 -2.25 -5.03
N ASN A 721 -42.09 -0.99 -5.44
CA ASN A 721 -43.23 -0.17 -5.83
C ASN A 721 -43.19 0.38 -7.25
N ARG A 722 -42.11 0.17 -7.98
CA ARG A 722 -41.92 0.83 -9.26
C ARG A 722 -42.55 0.08 -10.43
N TYR A 723 -43.21 -1.05 -10.20
CA TYR A 723 -43.76 -1.88 -11.27
C TYR A 723 -45.27 -1.97 -11.04
N LYS A 724 -46.02 -1.00 -11.57
CA LYS A 724 -47.43 -0.89 -11.25
C LYS A 724 -48.27 -1.99 -11.92
N ASP A 725 -47.68 -2.79 -12.81
CA ASP A 725 -48.34 -3.95 -13.39
C ASP A 725 -48.14 -5.22 -12.56
N GLY A 726 -47.34 -5.15 -11.50
CA GLY A 726 -47.18 -6.24 -10.57
C GLY A 726 -46.07 -7.20 -10.90
N SER A 727 -45.29 -6.91 -11.93
CA SER A 727 -44.16 -7.74 -12.33
C SER A 727 -43.39 -8.27 -11.13
N TYR A 728 -42.83 -7.36 -10.32
CA TYR A 728 -42.24 -7.69 -9.03
C TYR A 728 -42.87 -6.75 -8.03
N THR A 729 -43.19 -7.27 -6.85
N THR A 729 -43.22 -7.27 -6.86
CA THR A 729 -43.85 -6.49 -5.81
CA THR A 729 -43.78 -6.41 -5.80
C THR A 729 -43.18 -6.63 -4.45
C THR A 729 -43.13 -6.60 -4.44
N TYR A 730 -42.43 -7.70 -4.20
CA TYR A 730 -41.73 -7.83 -2.93
C TYR A 730 -40.53 -8.74 -3.13
N LEU A 731 -39.68 -8.77 -2.13
CA LEU A 731 -38.49 -9.60 -2.08
C LEU A 731 -38.40 -10.11 -0.65
N GLY A 732 -38.22 -11.41 -0.46
CA GLY A 732 -38.01 -11.95 0.86
C GLY A 732 -39.06 -12.91 1.36
N ALA A 733 -39.77 -13.58 0.47
CA ALA A 733 -40.73 -14.57 0.92
C ALA A 733 -41.08 -15.44 -0.26
N LYS A 734 -41.79 -16.53 0.02
CA LYS A 734 -42.24 -17.38 -1.07
C LYS A 734 -43.05 -16.52 -2.03
N GLY A 735 -42.79 -16.72 -3.33
CA GLY A 735 -43.59 -16.05 -4.33
C GLY A 735 -43.03 -14.74 -4.81
N ASP A 736 -41.90 -14.29 -4.24
CA ASP A 736 -41.28 -13.06 -4.69
C ASP A 736 -40.64 -13.20 -6.07
N LYS A 737 -40.59 -14.42 -6.63
CA LYS A 737 -40.06 -14.71 -7.95
C LYS A 737 -38.57 -14.42 -8.09
N LEU A 738 -37.87 -14.16 -6.99
CA LEU A 738 -36.50 -13.67 -7.05
C LEU A 738 -35.46 -14.68 -6.62
N SER A 739 -35.86 -15.91 -6.32
CA SER A 739 -34.84 -16.89 -5.94
C SER A 739 -33.91 -17.20 -7.11
N ALA A 740 -32.73 -17.70 -6.78
CA ALA A 740 -31.78 -18.18 -7.78
C ALA A 740 -31.31 -19.57 -7.40
N ASP A 741 -32.13 -20.30 -6.65
CA ASP A 741 -31.88 -21.70 -6.35
C ASP A 741 -33.06 -22.48 -6.91
N PRO A 742 -32.84 -23.40 -7.86
CA PRO A 742 -33.97 -24.11 -8.46
C PRO A 742 -34.91 -24.74 -7.45
N ASN A 743 -34.38 -25.23 -6.33
CA ASN A 743 -35.19 -25.95 -5.34
C ASN A 743 -35.77 -25.05 -4.26
N ILE A 744 -35.69 -23.71 -4.42
CA ILE A 744 -36.23 -22.81 -3.41
C ILE A 744 -37.17 -21.81 -4.08
N ASP A 745 -38.41 -21.79 -3.62
CA ASP A 745 -39.39 -20.77 -3.99
C ASP A 745 -39.22 -19.62 -3.01
N GLY A 746 -38.68 -18.50 -3.50
CA GLY A 746 -38.53 -17.30 -2.70
C GLY A 746 -37.12 -17.08 -2.19
N VAL A 747 -36.88 -15.87 -1.70
CA VAL A 747 -35.65 -15.47 -1.04
C VAL A 747 -35.99 -15.23 0.42
N TYR A 748 -35.16 -15.76 1.30
CA TYR A 748 -35.39 -15.66 2.74
C TYR A 748 -34.18 -14.99 3.35
N PHE A 749 -34.44 -13.90 4.05
CA PHE A 749 -33.41 -13.15 4.77
C PHE A 749 -33.55 -13.46 6.24
N LEU A 750 -32.46 -13.95 6.84
CA LEU A 750 -32.46 -14.19 8.29
C LEU A 750 -32.92 -12.97 9.07
N ASN A 751 -32.54 -11.75 8.64
CA ASN A 751 -32.94 -10.55 9.39
C ASN A 751 -34.42 -10.20 9.28
N SER A 752 -35.12 -10.66 8.24
CA SER A 752 -36.57 -10.51 8.23
C SER A 752 -37.17 -11.24 9.41
N PHE A 753 -36.70 -12.46 9.65
CA PHE A 753 -37.18 -13.17 10.81
C PHE A 753 -36.73 -12.48 12.08
N ALA A 754 -35.44 -12.20 12.20
CA ALA A 754 -34.91 -11.75 13.48
C ALA A 754 -35.61 -10.49 13.96
N TRP A 755 -35.74 -9.51 13.07
CA TRP A 755 -36.27 -8.20 13.46
C TRP A 755 -37.80 -8.18 13.53
N SER A 756 -38.48 -9.14 12.91
CA SER A 756 -39.93 -9.26 13.14
C SER A 756 -40.21 -9.70 14.56
N VAL A 757 -39.28 -10.41 15.17
CA VAL A 757 -39.46 -10.85 16.52
C VAL A 757 -38.95 -9.83 17.51
N LEU A 758 -37.74 -9.31 17.31
CA LEU A 758 -37.16 -8.36 18.26
C LEU A 758 -38.04 -7.11 18.40
N SER A 759 -38.76 -6.73 17.33
CA SER A 759 -39.75 -5.65 17.39
C SER A 759 -41.13 -6.09 17.90
N ASP A 760 -41.35 -7.39 18.13
CA ASP A 760 -42.59 -7.88 18.75
C ASP A 760 -43.78 -7.66 17.82
N VAL A 761 -43.55 -7.89 16.54
CA VAL A 761 -44.60 -7.88 15.53
C VAL A 761 -45.14 -9.29 15.27
N ALA A 762 -44.26 -10.29 15.20
CA ALA A 762 -44.65 -11.59 14.66
C ALA A 762 -45.49 -12.35 15.67
N THR A 763 -46.56 -12.96 15.18
CA THR A 763 -47.41 -13.77 16.03
C THR A 763 -46.73 -15.11 16.26
N ASP A 764 -47.22 -15.83 17.28
CA ASP A 764 -46.69 -17.17 17.52
C ASP A 764 -46.72 -17.98 16.24
N GLU A 765 -47.79 -17.85 15.46
CA GLU A 765 -47.95 -18.68 14.27
C GLU A 765 -46.98 -18.27 13.17
N GLN A 766 -46.77 -16.97 12.99
CA GLN A 766 -45.78 -16.51 12.02
C GLN A 766 -44.36 -16.92 12.42
N ILE A 767 -44.06 -16.94 13.70
CA ILE A 767 -42.78 -17.46 14.17
C ILE A 767 -42.62 -18.93 13.77
N ALA A 768 -43.67 -19.74 14.00
CA ALA A 768 -43.59 -21.17 13.67
C ALA A 768 -43.28 -21.40 12.20
N ILE A 769 -43.99 -20.69 11.32
CA ILE A 769 -43.77 -20.86 9.88
C ILE A 769 -42.36 -20.40 9.48
N MET A 770 -41.89 -19.29 10.05
CA MET A 770 -40.56 -18.80 9.67
C MET A 770 -39.45 -19.70 10.20
N VAL A 771 -39.56 -20.19 11.41
CA VAL A 771 -38.55 -21.11 11.94
C VAL A 771 -38.49 -22.36 11.08
N ASP A 772 -39.64 -22.84 10.61
CA ASP A 772 -39.61 -24.01 9.74
C ASP A 772 -38.83 -23.71 8.48
N VAL A 773 -39.03 -22.52 7.87
CA VAL A 773 -38.32 -22.18 6.65
C VAL A 773 -36.83 -22.09 6.96
N ILE A 774 -36.51 -21.52 8.11
CA ILE A 774 -35.12 -21.38 8.54
C ILE A 774 -34.47 -22.75 8.66
N LYS A 775 -35.15 -23.68 9.33
CA LYS A 775 -34.57 -25.01 9.48
C LYS A 775 -34.27 -25.64 8.12
N LYS A 776 -35.17 -25.42 7.15
CA LYS A 776 -35.05 -26.07 5.85
C LYS A 776 -34.02 -25.40 4.95
N HIS A 777 -33.83 -24.08 5.09
CA HIS A 777 -33.07 -23.39 4.05
C HIS A 777 -32.07 -22.35 4.54
N LEU A 778 -32.04 -21.99 5.81
CA LEU A 778 -31.00 -21.09 6.33
C LEU A 778 -30.08 -21.73 7.35
N LEU A 779 -30.44 -22.87 7.92
CA LEU A 779 -29.61 -23.53 8.93
C LEU A 779 -28.67 -24.51 8.25
N THR A 780 -27.37 -24.24 8.32
CA THR A 780 -26.35 -25.13 7.82
C THR A 780 -25.63 -25.83 8.94
N PRO A 781 -24.79 -26.81 8.64
CA PRO A 781 -23.96 -27.43 9.70
C PRO A 781 -23.02 -26.46 10.38
N TYR A 782 -22.76 -25.31 9.77
CA TYR A 782 -21.91 -24.28 10.35
C TYR A 782 -22.71 -23.07 10.83
N GLY A 783 -24.04 -23.15 10.91
CA GLY A 783 -24.86 -22.12 11.53
C GLY A 783 -25.86 -21.55 10.54
N LEU A 784 -26.41 -20.40 10.93
CA LEU A 784 -27.50 -19.71 10.23
C LEU A 784 -26.94 -18.77 9.17
N ARG A 785 -27.21 -19.05 7.89
CA ARG A 785 -26.74 -18.12 6.86
C ARG A 785 -27.61 -16.88 6.76
N LEU A 786 -27.04 -15.81 6.14
CA LEU A 786 -27.69 -14.51 6.12
C LEU A 786 -28.92 -14.51 5.21
N VAL A 787 -28.82 -15.18 4.08
CA VAL A 787 -29.90 -15.16 3.10
C VAL A 787 -29.71 -16.37 2.21
N THR A 788 -30.81 -16.79 1.56
CA THR A 788 -30.79 -17.81 0.52
C THR A 788 -30.48 -17.20 -0.85
N PRO A 789 -30.06 -18.02 -1.82
CA PRO A 789 -29.65 -17.48 -3.13
C PRO A 789 -30.73 -16.65 -3.81
N ALA A 790 -30.33 -15.48 -4.28
CA ALA A 790 -31.24 -14.60 -4.97
C ALA A 790 -30.60 -14.08 -6.24
N ASP A 791 -31.45 -13.83 -7.24
CA ASP A 791 -31.02 -13.26 -8.51
C ASP A 791 -31.65 -11.87 -8.57
N LEU A 792 -30.97 -10.89 -7.99
CA LEU A 792 -31.50 -9.53 -7.97
C LEU A 792 -31.30 -8.81 -9.30
N ASN A 793 -30.62 -9.44 -10.27
CA ASN A 793 -30.52 -8.90 -11.63
C ASN A 793 -31.90 -8.59 -12.18
N LYS A 794 -32.90 -9.43 -11.82
CA LYS A 794 -34.23 -9.27 -12.38
C LYS A 794 -34.82 -7.88 -12.12
N ILE A 795 -34.31 -7.16 -11.14
CA ILE A 795 -34.77 -5.80 -10.84
C ILE A 795 -33.65 -4.80 -10.72
N ALA A 796 -32.39 -5.21 -10.85
CA ALA A 796 -31.27 -4.29 -10.79
C ALA A 796 -29.94 -4.86 -11.27
N ASN A 797 -29.37 -5.83 -10.56
CA ASN A 797 -28.10 -6.49 -10.90
C ASN A 797 -26.88 -5.67 -10.44
N ASP A 798 -25.81 -6.35 -10.02
CA ASP A 798 -24.71 -5.61 -9.41
C ASP A 798 -23.58 -6.47 -8.83
N THR A 799 -23.62 -6.73 -7.51
CA THR A 799 -22.44 -7.23 -6.81
C THR A 799 -22.85 -8.19 -5.69
N ALA A 800 -21.81 -8.75 -5.03
CA ALA A 800 -21.89 -9.58 -3.83
C ALA A 800 -21.91 -11.07 -4.20
N THR A 801 -23.03 -11.54 -4.74
CA THR A 801 -23.00 -12.77 -5.51
C THR A 801 -22.12 -12.62 -6.75
N GLY A 802 -21.65 -11.39 -7.04
CA GLY A 802 -20.70 -11.21 -8.12
C GLY A 802 -19.25 -11.42 -7.73
N HIS A 803 -18.93 -11.39 -6.42
CA HIS A 803 -17.53 -11.25 -6.00
C HIS A 803 -16.89 -12.46 -5.34
N TYR A 804 -17.66 -13.41 -4.82
CA TYR A 804 -17.11 -14.38 -3.90
C TYR A 804 -17.45 -15.81 -4.29
N PHE A 805 -16.47 -16.71 -4.13
CA PHE A 805 -16.74 -18.14 -4.16
C PHE A 805 -17.78 -18.48 -3.12
N PHE A 806 -18.52 -19.57 -3.37
CA PHE A 806 -19.57 -19.98 -2.47
C PHE A 806 -18.95 -20.24 -1.10
N GLY A 807 -19.59 -19.70 -0.06
CA GLY A 807 -19.13 -19.86 1.30
C GLY A 807 -18.57 -18.60 1.94
N ASP A 808 -18.12 -17.63 1.15
CA ASP A 808 -17.43 -16.45 1.67
C ASP A 808 -18.37 -15.24 1.71
N ARG A 809 -18.35 -14.53 2.82
CA ARG A 809 -19.03 -13.24 2.96
C ARG A 809 -20.45 -13.39 2.39
N GLU A 810 -20.74 -12.74 1.27
N GLU A 810 -20.81 -12.76 1.28
CA GLU A 810 -22.11 -12.56 0.79
CA GLU A 810 -22.23 -12.70 0.90
C GLU A 810 -22.61 -13.73 -0.06
C GLU A 810 -22.60 -13.60 -0.28
N ASN A 811 -21.72 -14.49 -0.73
CA ASN A 811 -22.16 -15.72 -1.38
C ASN A 811 -22.28 -16.84 -0.33
N GLY A 812 -23.16 -16.59 0.64
CA GLY A 812 -23.75 -17.67 1.45
C GLY A 812 -23.04 -17.97 2.74
N ALA A 813 -22.21 -17.05 3.24
CA ALA A 813 -21.53 -17.34 4.49
C ALA A 813 -22.51 -17.28 5.65
N VAL A 814 -22.09 -17.87 6.76
CA VAL A 814 -22.68 -17.61 8.06
C VAL A 814 -22.04 -16.32 8.57
N PHE A 815 -22.76 -15.20 8.36
N PHE A 815 -22.75 -15.21 8.39
CA PHE A 815 -22.37 -13.91 8.91
CA PHE A 815 -22.29 -13.94 8.90
C PHE A 815 -22.68 -13.93 10.38
C PHE A 815 -22.66 -13.89 10.36
N LYS A 816 -21.66 -13.98 11.24
CA LYS A 816 -21.95 -14.32 12.63
C LYS A 816 -22.69 -13.20 13.38
N HIS A 817 -22.55 -11.95 12.96
CA HIS A 817 -23.31 -10.87 13.57
C HIS A 817 -24.79 -11.04 13.31
N ALA A 818 -25.15 -11.23 12.04
CA ALA A 818 -26.54 -11.56 11.69
C ALA A 818 -27.01 -12.83 12.40
N SER A 819 -26.16 -13.86 12.47
N SER A 819 -26.15 -13.86 12.46
CA SER A 819 -26.56 -15.08 13.18
CA SER A 819 -26.50 -15.09 13.17
C SER A 819 -26.87 -14.77 14.63
C SER A 819 -26.84 -14.80 14.62
N MET A 820 -26.11 -13.86 15.24
CA MET A 820 -26.40 -13.49 16.62
C MET A 820 -27.67 -12.63 16.76
N MET A 821 -28.00 -11.78 15.79
CA MET A 821 -29.28 -11.10 15.89
C MET A 821 -30.42 -12.10 15.78
N ALA A 822 -30.23 -13.17 15.01
CA ALA A 822 -31.28 -14.19 14.91
C ALA A 822 -31.39 -14.96 16.20
N VAL A 823 -30.27 -15.22 16.85
CA VAL A 823 -30.31 -15.89 18.15
C VAL A 823 -31.03 -15.02 19.16
N ALA A 824 -30.84 -13.71 19.06
CA ALA A 824 -31.52 -12.81 20.00
C ALA A 824 -33.04 -12.96 19.85
N ALA A 825 -33.49 -13.07 18.61
CA ALA A 825 -34.91 -13.34 18.36
C ALA A 825 -35.33 -14.70 18.88
N LEU A 826 -34.56 -15.74 18.56
CA LEU A 826 -34.95 -17.08 19.00
C LEU A 826 -35.12 -17.12 20.52
N ILE A 827 -34.22 -16.43 21.23
CA ILE A 827 -34.23 -16.41 22.68
C ILE A 827 -35.45 -15.66 23.18
N LYS A 828 -35.71 -14.51 22.59
CA LYS A 828 -36.86 -13.73 23.00
C LYS A 828 -38.15 -14.52 22.78
N ALA A 829 -38.28 -15.13 21.61
CA ALA A 829 -39.48 -15.96 21.35
C ALA A 829 -39.53 -17.17 22.26
N ALA A 830 -38.39 -17.82 22.51
CA ALA A 830 -38.41 -19.03 23.33
C ALA A 830 -38.95 -18.75 24.72
N LYS A 831 -38.75 -17.53 25.23
CA LYS A 831 -39.26 -17.16 26.55
C LYS A 831 -40.76 -17.00 26.56
N LYS A 832 -41.38 -16.70 25.43
CA LYS A 832 -42.74 -16.19 25.42
C LYS A 832 -43.75 -17.01 24.64
N VAL A 833 -43.36 -17.71 23.57
CA VAL A 833 -44.37 -18.36 22.75
C VAL A 833 -45.12 -19.42 23.58
N LYS A 834 -46.38 -19.66 23.21
CA LYS A 834 -47.19 -20.59 24.01
C LYS A 834 -46.76 -22.04 23.82
N ASP A 835 -46.38 -22.41 22.61
CA ASP A 835 -46.01 -23.80 22.26
C ASP A 835 -44.62 -24.14 22.82
N ASN A 836 -44.58 -24.96 23.87
CA ASN A 836 -43.32 -25.30 24.49
C ASN A 836 -42.41 -26.07 23.55
N GLU A 837 -42.97 -26.80 22.58
CA GLU A 837 -42.11 -27.53 21.65
C GLU A 837 -41.46 -26.56 20.66
N LEU A 838 -42.19 -25.52 20.26
CA LEU A 838 -41.59 -24.43 19.47
C LEU A 838 -40.50 -23.71 20.26
N ALA A 839 -40.78 -23.33 21.52
CA ALA A 839 -39.74 -22.78 22.37
C ALA A 839 -38.53 -23.69 22.49
N LYS A 840 -38.75 -25.00 22.70
CA LYS A 840 -37.65 -25.92 22.83
C LYS A 840 -36.78 -25.92 21.58
N GLU A 841 -37.41 -25.96 20.39
CA GLU A 841 -36.61 -26.05 19.18
C GLU A 841 -35.83 -24.76 18.96
N MET A 842 -36.45 -23.61 19.24
CA MET A 842 -35.77 -22.35 19.00
C MET A 842 -34.59 -22.18 19.95
N ALA A 843 -34.74 -22.64 21.19
CA ALA A 843 -33.62 -22.64 22.13
C ALA A 843 -32.52 -23.62 21.69
N ARG A 844 -32.90 -24.74 21.06
CA ARG A 844 -31.89 -25.66 20.54
C ARG A 844 -31.06 -24.97 19.44
N ILE A 845 -31.75 -24.28 18.52
CA ILE A 845 -31.04 -23.61 17.44
C ILE A 845 -30.18 -22.48 18.00
N ALA A 846 -30.71 -21.75 18.99
CA ALA A 846 -29.93 -20.72 19.65
C ALA A 846 -28.61 -21.25 20.18
N TYR A 847 -28.65 -22.33 20.95
CA TYR A 847 -27.43 -22.82 21.58
C TYR A 847 -26.48 -23.42 20.56
N PHE A 848 -27.02 -24.11 19.54
CA PHE A 848 -26.23 -24.59 18.41
C PHE A 848 -25.43 -23.45 17.80
N MET A 849 -26.10 -22.32 17.55
CA MET A 849 -25.44 -21.20 16.91
C MET A 849 -24.44 -20.54 17.87
N ILE A 850 -24.78 -20.42 19.15
CA ILE A 850 -23.84 -19.82 20.09
C ILE A 850 -22.58 -20.67 20.18
N ASP A 851 -22.73 -21.99 20.13
CA ASP A 851 -21.58 -22.88 20.22
C ASP A 851 -20.64 -22.74 19.03
N LEU A 852 -21.18 -22.36 17.87
CA LEU A 852 -20.38 -22.13 16.67
C LEU A 852 -19.70 -20.77 16.63
N VAL A 853 -20.01 -19.87 17.58
CA VAL A 853 -19.34 -18.57 17.62
C VAL A 853 -18.50 -18.34 18.87
N LEU A 854 -18.71 -19.07 19.94
CA LEU A 854 -17.93 -18.88 21.16
C LEU A 854 -16.45 -19.04 20.82
N PRO A 855 -15.62 -17.99 20.99
CA PRO A 855 -14.21 -18.12 20.55
C PRO A 855 -13.44 -19.29 21.15
N TYR A 856 -13.57 -19.56 22.44
CA TYR A 856 -12.73 -20.64 23.03
C TYR A 856 -12.96 -22.01 22.36
N LYS A 857 -14.14 -22.23 21.79
CA LYS A 857 -14.39 -23.50 21.12
C LYS A 857 -13.64 -23.62 19.81
N ASN A 858 -13.03 -22.53 19.34
CA ASN A 858 -12.17 -22.64 18.17
C ASN A 858 -10.98 -23.57 18.43
N LEU A 859 -10.62 -23.81 19.69
CA LEU A 859 -9.54 -24.74 20.00
C LEU A 859 -9.97 -26.20 20.02
N GLU A 860 -11.24 -26.51 19.73
CA GLU A 860 -11.61 -27.92 19.67
C GLU A 860 -11.14 -28.59 18.39
N ASN A 861 -11.14 -27.86 17.27
CA ASN A 861 -10.73 -28.42 15.98
C ASN A 861 -10.02 -27.29 15.21
N PRO A 862 -8.95 -26.74 15.77
CA PRO A 862 -8.48 -25.42 15.27
C PRO A 862 -7.97 -25.41 13.85
N PHE A 863 -7.39 -26.49 13.35
CA PHE A 863 -6.84 -26.38 12.00
C PHE A 863 -7.92 -26.44 10.95
N GLN A 864 -9.14 -26.83 11.33
CA GLN A 864 -10.28 -26.69 10.44
C GLN A 864 -11.05 -25.38 10.68
N VAL A 865 -11.38 -25.08 11.92
CA VAL A 865 -12.26 -23.92 12.14
C VAL A 865 -11.51 -22.61 12.33
N ALA A 866 -10.21 -22.65 12.58
CA ALA A 866 -9.36 -21.44 12.74
C ALA A 866 -10.06 -20.43 13.65
N GLY A 867 -10.19 -19.15 13.24
CA GLY A 867 -10.77 -18.13 14.09
C GLY A 867 -9.72 -17.52 14.99
N ASN A 868 -9.99 -17.55 16.30
CA ASN A 868 -9.16 -16.99 17.37
C ASN A 868 -9.83 -17.38 18.69
N PRO A 869 -9.14 -18.05 19.61
CA PRO A 869 -9.84 -18.63 20.77
C PRO A 869 -10.17 -17.64 21.87
N ARG A 870 -9.84 -16.38 21.67
CA ARG A 870 -10.11 -15.30 22.63
C ARG A 870 -10.89 -14.11 22.05
N ILE A 871 -11.03 -14.02 20.73
CA ILE A 871 -11.61 -12.86 20.07
C ILE A 871 -12.50 -13.40 18.95
N SER A 872 -13.72 -12.89 18.87
N SER A 872 -13.73 -12.91 18.88
CA SER A 872 -14.65 -13.35 17.83
CA SER A 872 -14.63 -13.35 17.82
C SER A 872 -14.25 -12.80 16.47
C SER A 872 -14.10 -12.89 16.47
N THR A 873 -14.57 -13.57 15.43
CA THR A 873 -14.23 -13.26 14.04
C THR A 873 -15.56 -13.07 13.30
N GLN A 874 -15.50 -12.58 12.07
CA GLN A 874 -16.70 -12.04 11.41
C GLN A 874 -17.61 -13.10 10.83
N TYR A 875 -17.05 -14.12 10.17
CA TYR A 875 -17.92 -15.06 9.48
C TYR A 875 -17.33 -16.46 9.43
N ILE A 876 -18.22 -17.42 9.20
CA ILE A 876 -17.85 -18.80 8.98
C ILE A 876 -18.08 -19.16 7.52
N ASN A 877 -17.03 -19.68 6.88
CA ASN A 877 -17.12 -20.17 5.52
C ASN A 877 -17.92 -21.47 5.50
N THR A 878 -19.04 -21.48 4.78
CA THR A 878 -19.94 -22.63 4.83
C THR A 878 -19.48 -23.79 3.97
N ASP A 879 -18.43 -23.59 3.18
CA ASP A 879 -17.76 -24.68 2.47
C ASP A 879 -16.84 -25.47 3.39
N THR A 880 -16.06 -24.78 4.23
CA THR A 880 -15.00 -25.42 4.97
C THR A 880 -15.18 -25.43 6.49
N GLY A 881 -16.03 -24.59 7.02
CA GLY A 881 -16.13 -24.42 8.46
C GLY A 881 -15.13 -23.43 9.03
N GLU A 882 -14.32 -22.82 8.21
CA GLU A 882 -13.33 -21.85 8.72
C GLU A 882 -13.96 -20.55 9.19
N ASN A 883 -13.61 -20.15 10.42
CA ASN A 883 -13.93 -18.83 10.94
C ASN A 883 -12.91 -17.86 10.36
N ILE A 884 -13.40 -16.88 9.59
N ILE A 884 -13.39 -16.85 9.63
CA ILE A 884 -12.59 -15.92 8.88
CA ILE A 884 -12.51 -15.94 8.92
C ILE A 884 -12.68 -14.57 9.58
C ILE A 884 -12.67 -14.55 9.49
N GLY A 885 -11.55 -13.84 9.59
CA GLY A 885 -11.54 -12.48 10.09
C GLY A 885 -12.36 -11.51 9.24
N PRO A 886 -12.48 -10.26 9.67
CA PRO A 886 -11.73 -9.64 10.78
C PRO A 886 -12.17 -9.99 12.18
N LEU A 887 -11.44 -9.45 13.15
CA LEU A 887 -11.60 -9.74 14.56
C LEU A 887 -12.57 -8.81 15.26
N LEU A 888 -12.99 -7.74 14.64
CA LEU A 888 -13.93 -6.82 15.25
C LEU A 888 -15.26 -7.07 14.54
N SER A 889 -16.31 -7.28 15.32
N SER A 889 -16.32 -7.28 15.31
CA SER A 889 -17.58 -7.64 14.71
CA SER A 889 -17.60 -7.54 14.67
C SER A 889 -18.71 -7.52 15.72
C SER A 889 -18.69 -7.42 15.70
N GLY A 890 -19.90 -7.15 15.22
CA GLY A 890 -21.07 -7.19 16.06
C GLY A 890 -21.38 -8.54 16.63
N THR A 891 -20.74 -9.57 16.10
CA THR A 891 -20.84 -10.87 16.74
C THR A 891 -20.57 -10.77 18.22
N ALA A 892 -19.54 -10.05 18.60
CA ALA A 892 -19.14 -10.06 20.01
C ALA A 892 -20.18 -9.35 20.86
N THR A 893 -20.69 -8.22 20.37
CA THR A 893 -21.70 -7.44 21.05
C THR A 893 -22.97 -8.24 21.29
N TRP A 894 -23.50 -8.83 20.23
CA TRP A 894 -24.75 -9.58 20.34
C TRP A 894 -24.56 -10.93 21.03
N LEU A 895 -23.38 -11.56 20.93
CA LEU A 895 -23.15 -12.74 21.74
C LEU A 895 -23.26 -12.42 23.21
N ASN A 896 -22.69 -11.28 23.61
CA ASN A 896 -22.76 -10.84 25.01
C ASN A 896 -24.21 -10.63 25.41
N LEU A 897 -24.95 -9.89 24.60
CA LEU A 897 -26.35 -9.66 24.91
C LEU A 897 -27.08 -10.99 25.01
N ASN A 898 -26.78 -11.93 24.10
CA ASN A 898 -27.58 -13.16 24.02
C ASN A 898 -27.34 -14.05 25.23
N LEU A 899 -26.11 -14.14 25.69
CA LEU A 899 -25.84 -15.06 26.78
C LEU A 899 -26.41 -14.52 28.09
N ILE A 900 -26.39 -13.19 28.27
CA ILE A 900 -27.04 -12.55 29.41
C ILE A 900 -28.55 -12.72 29.31
N SER A 901 -29.09 -12.62 28.10
CA SER A 901 -30.51 -12.84 27.92
C SER A 901 -30.92 -14.27 28.27
N LEU A 902 -30.11 -15.27 27.85
CA LEU A 902 -30.41 -16.65 28.17
C LEU A 902 -30.26 -16.91 29.66
N ALA A 903 -29.33 -16.23 30.33
CA ALA A 903 -29.26 -16.34 31.78
C ALA A 903 -30.49 -15.74 32.46
N GLY A 904 -31.30 -15.01 31.72
CA GLY A 904 -32.60 -14.55 32.17
C GLY A 904 -32.78 -13.06 32.39
N ILE A 905 -31.78 -12.24 32.09
CA ILE A 905 -31.83 -10.84 32.48
C ILE A 905 -32.37 -9.99 31.34
N GLU A 906 -33.50 -9.33 31.60
CA GLU A 906 -34.00 -8.27 30.74
C GLU A 906 -34.41 -7.11 31.64
N TYR A 907 -33.89 -5.92 31.37
CA TYR A 907 -34.23 -4.75 32.16
C TYR A 907 -35.50 -4.12 31.59
N THR A 908 -36.48 -3.90 32.46
CA THR A 908 -37.73 -3.24 32.11
C THR A 908 -37.97 -2.06 33.04
N ARG A 909 -38.97 -1.25 32.72
CA ARG A 909 -39.36 -0.13 33.57
C ARG A 909 -39.37 -0.46 35.06
N ASP A 910 -39.98 -1.58 35.41
CA ASP A 910 -40.19 -1.95 36.80
C ASP A 910 -39.08 -2.83 37.36
N GLY A 911 -38.02 -3.08 36.60
CA GLY A 911 -36.90 -3.83 37.15
C GLY A 911 -36.29 -4.88 36.22
N ILE A 912 -36.07 -6.08 36.75
CA ILE A 912 -35.38 -7.16 36.05
C ILE A 912 -36.42 -8.23 35.76
N SER A 913 -36.86 -8.30 34.51
CA SER A 913 -37.73 -9.40 34.08
C SER A 913 -36.86 -10.65 33.95
N PHE A 914 -37.04 -11.59 34.88
CA PHE A 914 -36.18 -12.75 35.03
C PHE A 914 -36.84 -13.98 34.39
N ASN A 915 -36.18 -14.55 33.41
CA ASN A 915 -36.80 -15.61 32.62
C ASN A 915 -35.73 -16.40 31.90
N PRO A 916 -34.96 -17.22 32.61
CA PRO A 916 -33.81 -17.89 32.02
C PRO A 916 -34.19 -19.12 31.20
N ILE A 917 -33.39 -19.37 30.18
CA ILE A 917 -33.55 -20.53 29.30
C ILE A 917 -32.23 -21.29 29.34
N LEU A 918 -32.14 -22.30 30.19
CA LEU A 918 -30.93 -23.08 30.31
C LEU A 918 -30.83 -24.13 29.19
N ARG A 919 -29.63 -24.67 29.03
CA ARG A 919 -29.44 -25.81 28.16
C ARG A 919 -30.14 -27.04 28.74
N GLU A 920 -30.62 -27.90 27.86
CA GLU A 920 -31.35 -29.09 28.31
C GLU A 920 -30.49 -29.97 29.22
N GLU A 921 -29.21 -30.13 28.88
CA GLU A 921 -28.32 -31.01 29.65
C GLU A 921 -27.86 -30.39 30.96
N GLU A 922 -27.99 -29.08 31.12
CA GLU A 922 -27.56 -28.39 32.34
C GLU A 922 -28.56 -28.61 33.47
N THR A 923 -28.03 -28.75 34.69
CA THR A 923 -28.89 -28.86 35.87
C THR A 923 -28.76 -27.68 36.82
N GLN A 924 -27.77 -26.81 36.62
CA GLN A 924 -27.71 -25.58 37.39
C GLN A 924 -27.07 -24.50 36.55
N LEU A 925 -27.39 -23.25 36.88
CA LEU A 925 -26.67 -22.10 36.36
C LEU A 925 -26.53 -21.09 37.49
N ASN A 926 -25.29 -20.64 37.76
CA ASN A 926 -25.02 -19.66 38.79
C ASN A 926 -24.27 -18.48 38.17
N PHE A 927 -24.65 -17.27 38.57
CA PHE A 927 -23.96 -16.07 38.10
C PHE A 927 -24.20 -14.93 39.08
N THR A 928 -23.32 -13.95 39.04
CA THR A 928 -23.46 -12.74 39.83
C THR A 928 -23.69 -11.57 38.90
N LEU A 929 -24.42 -10.57 39.40
CA LEU A 929 -24.82 -9.41 38.62
C LEU A 929 -24.65 -8.17 39.48
N LYS A 930 -23.90 -7.19 38.97
CA LYS A 930 -23.80 -5.90 39.63
C LYS A 930 -24.88 -4.96 39.11
N ALA A 931 -25.37 -4.09 40.00
CA ALA A 931 -26.18 -2.94 39.63
C ALA A 931 -25.56 -1.72 40.28
N PRO A 932 -25.98 -0.51 39.87
CA PRO A 932 -25.30 0.69 40.39
C PRO A 932 -25.40 0.86 41.89
N LYS A 933 -26.50 0.45 42.51
CA LYS A 933 -26.61 0.54 43.97
C LYS A 933 -27.04 -0.78 44.60
N SER A 934 -26.72 -1.91 43.98
CA SER A 934 -26.95 -3.21 44.58
C SER A 934 -26.22 -4.26 43.77
N SER A 935 -26.28 -5.49 44.24
CA SER A 935 -25.75 -6.64 43.50
C SER A 935 -26.65 -7.85 43.75
N TYR A 936 -26.47 -8.88 42.93
CA TYR A 936 -27.32 -10.06 42.99
C TYR A 936 -26.49 -11.29 42.78
N LYS A 937 -26.88 -12.39 43.44
CA LYS A 937 -26.37 -13.73 43.16
C LYS A 937 -27.55 -14.54 42.66
N PHE A 938 -27.45 -15.07 41.45
CA PHE A 938 -28.51 -15.87 40.87
C PHE A 938 -28.09 -17.34 40.88
N SER A 939 -29.03 -18.20 41.25
CA SER A 939 -28.86 -19.64 41.22
C SER A 939 -30.12 -20.24 40.61
N ILE A 940 -29.94 -20.99 39.52
CA ILE A 940 -31.04 -21.68 38.85
C ILE A 940 -30.74 -23.18 38.85
N THR A 941 -31.73 -23.97 39.23
CA THR A 941 -31.59 -25.42 39.22
C THR A 941 -32.78 -26.02 38.48
N LYS A 942 -32.56 -27.15 37.84
CA LYS A 942 -33.59 -27.79 37.04
C LYS A 942 -33.19 -29.24 36.83
N PRO A 943 -34.15 -30.12 36.59
CA PRO A 943 -33.79 -31.44 36.07
C PRO A 943 -33.26 -31.31 34.64
N VAL A 944 -32.52 -32.34 34.22
CA VAL A 944 -32.16 -32.46 32.81
C VAL A 944 -33.43 -32.37 31.97
N GLY A 945 -33.33 -31.66 30.85
CA GLY A 945 -34.44 -31.44 29.96
C GLY A 945 -34.76 -29.97 29.77
N PHE A 946 -35.74 -29.71 28.91
CA PHE A 946 -36.10 -28.33 28.61
C PHE A 946 -37.04 -27.81 29.68
N ALA A 947 -36.67 -26.69 30.30
CA ALA A 947 -37.47 -26.03 31.33
C ALA A 947 -37.51 -24.54 31.01
N ARG A 948 -38.71 -23.96 31.12
CA ARG A 948 -38.85 -22.50 31.08
C ARG A 948 -40.06 -22.12 31.92
N MET A 949 -40.08 -20.86 32.38
CA MET A 949 -41.17 -20.42 33.26
C MET A 949 -42.52 -20.54 32.58
N GLU A 950 -42.57 -20.27 31.27
CA GLU A 950 -43.84 -20.24 30.59
C GLU A 950 -44.58 -21.58 30.70
N SER A 951 -43.86 -22.69 30.79
CA SER A 951 -44.47 -24.01 30.66
C SER A 951 -44.04 -25.02 31.73
N SER A 952 -43.16 -24.67 32.63
CA SER A 952 -42.62 -25.59 33.62
C SER A 952 -42.95 -25.08 35.01
N GLU A 953 -43.16 -26.03 35.93
CA GLU A 953 -43.36 -25.65 37.32
C GLU A 953 -42.05 -25.16 37.92
N TYR A 954 -42.14 -24.10 38.71
CA TYR A 954 -40.96 -23.51 39.34
C TYR A 954 -41.38 -22.77 40.60
N GLU A 955 -40.42 -22.64 41.52
CA GLU A 955 -40.52 -21.74 42.66
C GLU A 955 -39.37 -20.74 42.59
N LEU A 956 -39.70 -19.47 42.78
CA LEU A 956 -38.75 -18.37 42.78
C LEU A 956 -38.65 -17.75 44.17
N PHE A 957 -37.41 -17.54 44.65
CA PHE A 957 -37.14 -16.95 45.94
C PHE A 957 -36.19 -15.77 45.79
N VAL A 958 -36.46 -14.69 46.53
CA VAL A 958 -35.62 -13.49 46.55
C VAL A 958 -35.37 -13.14 48.01
N ASP A 959 -34.10 -13.21 48.42
CA ASP A 959 -33.73 -12.98 49.82
C ASP A 959 -34.58 -13.86 50.74
N GLY A 960 -34.62 -15.15 50.41
CA GLY A 960 -35.33 -16.14 51.21
C GLY A 960 -36.84 -16.13 51.13
N GLN A 961 -37.45 -15.13 50.51
CA GLN A 961 -38.90 -15.04 50.44
C GLN A 961 -39.36 -15.55 49.07
N LYS A 962 -40.07 -16.68 49.06
CA LYS A 962 -40.81 -17.09 47.88
C LYS A 962 -41.65 -15.92 47.38
N ILE A 963 -41.65 -15.71 46.07
CA ILE A 963 -42.42 -14.65 45.46
C ILE A 963 -42.97 -15.14 44.11
N ASP A 964 -44.03 -14.48 43.67
CA ASP A 964 -44.73 -14.81 42.43
C ASP A 964 -44.41 -13.83 41.32
N ASN A 965 -44.07 -12.60 41.67
CA ASN A 965 -43.67 -11.62 40.67
C ASN A 965 -42.30 -11.98 40.12
N THR A 966 -42.20 -12.19 38.80
CA THR A 966 -40.94 -12.57 38.17
C THR A 966 -40.16 -11.37 37.69
N VAL A 967 -40.63 -10.16 37.99
CA VAL A 967 -39.89 -8.93 37.75
C VAL A 967 -39.20 -8.57 39.07
N ILE A 968 -37.93 -8.92 39.18
CA ILE A 968 -37.16 -8.62 40.39
C ILE A 968 -36.95 -7.11 40.48
N PRO A 969 -37.09 -6.50 41.66
CA PRO A 969 -36.82 -5.07 41.75
C PRO A 969 -35.36 -4.77 41.40
N MET A 970 -35.15 -3.56 40.90
N MET A 970 -35.14 -3.55 40.91
CA MET A 970 -33.81 -2.99 40.74
CA MET A 970 -33.81 -2.98 40.75
C MET A 970 -33.45 -2.35 42.08
C MET A 970 -33.43 -2.34 42.07
N TYR A 971 -32.86 -3.13 42.97
CA TYR A 971 -32.63 -2.67 44.32
C TYR A 971 -31.58 -1.57 44.36
N THR A 972 -31.71 -0.70 45.37
CA THR A 972 -30.80 0.42 45.58
C THR A 972 -30.35 0.52 47.04
N ASP A 973 -30.43 -0.57 47.79
CA ASP A 973 -30.07 -0.61 49.20
C ASP A 973 -28.61 -1.00 49.44
N GLU A 974 -27.80 -1.05 48.37
CA GLU A 974 -26.38 -1.34 48.47
C GLU A 974 -26.13 -2.64 49.23
N LYS A 975 -27.01 -3.62 49.03
CA LYS A 975 -26.83 -4.97 49.57
C LYS A 975 -26.78 -6.00 48.45
N GLU A 976 -26.29 -7.19 48.80
CA GLU A 976 -26.27 -8.33 47.88
C GLU A 976 -27.54 -9.13 48.08
N HIS A 977 -28.29 -9.36 47.00
CA HIS A 977 -29.56 -10.05 47.03
C HIS A 977 -29.46 -11.42 46.39
N ILE A 978 -29.99 -12.43 47.07
CA ILE A 978 -29.90 -13.83 46.67
C ILE A 978 -31.17 -14.16 45.89
N VAL A 979 -31.01 -14.58 44.63
CA VAL A 979 -32.15 -14.96 43.79
C VAL A 979 -31.99 -16.44 43.45
N THR A 980 -32.98 -17.25 43.81
CA THR A 980 -32.95 -18.68 43.57
C THR A 980 -34.20 -19.07 42.79
N LEU A 981 -34.01 -19.90 41.75
CA LEU A 981 -35.09 -20.41 40.92
C LEU A 981 -34.95 -21.92 40.81
N LYS A 982 -36.01 -22.64 41.13
CA LYS A 982 -35.98 -24.09 41.18
C LYS A 982 -37.09 -24.61 40.27
N PHE A 983 -36.69 -25.24 39.17
CA PHE A 983 -37.63 -25.84 38.23
C PHE A 983 -37.93 -27.26 38.67
N LYS A 984 -39.17 -27.69 38.48
CA LYS A 984 -39.56 -29.05 38.80
C LYS A 984 -39.82 -29.82 37.51
N MET B 1 14.07 21.05 29.08
CA MET B 1 14.49 19.75 29.57
C MET B 1 15.15 18.95 28.44
N ILE B 2 14.34 18.19 27.68
CA ILE B 2 14.82 17.39 26.57
C ILE B 2 15.04 18.30 25.37
N THR B 3 16.16 18.09 24.67
CA THR B 3 16.43 18.80 23.43
C THR B 3 16.46 17.82 22.24
N LYS B 4 16.34 18.42 21.06
CA LYS B 4 16.19 17.73 19.79
C LYS B 4 17.21 18.26 18.81
N VAL B 5 17.92 17.35 18.13
CA VAL B 5 18.90 17.69 17.12
C VAL B 5 18.58 16.93 15.83
N THR B 6 18.23 17.67 14.77
CA THR B 6 17.89 17.06 13.49
C THR B 6 19.15 16.74 12.69
N ALA B 7 18.99 15.86 11.70
CA ALA B 7 20.12 15.53 10.81
C ALA B 7 20.75 16.79 10.24
N ARG B 8 19.90 17.72 9.79
CA ARG B 8 20.35 18.93 9.14
C ARG B 8 20.92 19.92 10.14
N ASN B 9 20.43 19.92 11.39
CA ASN B 9 20.94 20.88 12.38
C ASN B 9 22.17 20.38 13.11
N ASN B 10 22.54 19.13 12.93
CA ASN B 10 23.66 18.55 13.64
C ASN B 10 24.90 19.37 13.33
N LYS B 11 25.60 19.80 14.38
CA LYS B 11 26.55 20.90 14.26
C LYS B 11 27.76 20.55 13.39
N ILE B 12 28.19 19.30 13.36
CA ILE B 12 29.44 18.93 12.70
C ILE B 12 29.32 17.50 12.16
N THR B 13 29.91 17.27 10.98
CA THR B 13 29.95 15.93 10.42
C THR B 13 31.13 15.11 10.96
N PRO B 14 31.06 13.78 10.83
CA PRO B 14 32.20 12.96 11.27
C PRO B 14 33.53 13.33 10.62
N VAL B 15 33.57 13.55 9.31
CA VAL B 15 34.84 13.83 8.66
C VAL B 15 35.34 15.21 9.08
N GLU B 16 34.44 16.19 9.23
CA GLU B 16 34.86 17.50 9.75
C GLU B 16 35.51 17.35 11.11
N LEU B 17 34.91 16.52 11.98
CA LEU B 17 35.52 16.34 13.28
C LEU B 17 36.85 15.59 13.17
N LEU B 18 36.94 14.62 12.26
CA LEU B 18 38.20 13.92 12.03
C LEU B 18 39.30 14.92 11.60
N ASN B 19 38.99 15.79 10.64
CA ASN B 19 39.96 16.79 10.21
C ASN B 19 40.37 17.70 11.38
N GLN B 20 39.40 18.13 12.17
CA GLN B 20 39.69 18.92 13.36
C GLN B 20 40.72 18.26 14.26
N LYS B 21 40.48 16.97 14.59
CA LYS B 21 41.32 16.25 15.55
C LYS B 21 42.57 15.61 14.96
N PHE B 22 42.67 15.46 13.63
CA PHE B 22 43.86 14.83 13.08
C PHE B 22 44.46 15.51 11.86
N GLY B 23 43.81 16.50 11.26
CA GLY B 23 44.24 17.01 9.96
C GLY B 23 45.67 17.52 9.91
N ASN B 24 46.18 18.05 11.03
CA ASN B 24 47.55 18.53 11.07
C ASN B 24 48.46 17.62 11.91
N LYS B 25 48.08 16.35 12.04
CA LYS B 25 48.97 15.30 12.51
C LYS B 25 49.18 14.23 11.46
N ILE B 26 48.25 14.06 10.52
CA ILE B 26 48.38 13.15 9.39
C ILE B 26 47.74 13.82 8.17
N ASN B 27 48.15 13.38 6.99
CA ASN B 27 47.56 13.87 5.74
C ASN B 27 46.26 13.11 5.50
N LEU B 28 45.13 13.78 5.65
CA LEU B 28 43.85 13.12 5.43
C LEU B 28 43.50 12.98 3.96
N GLY B 29 44.22 13.68 3.08
CA GLY B 29 44.03 13.53 1.66
C GLY B 29 42.82 14.27 1.16
N ASN B 30 42.48 14.02 -0.10
CA ASN B 30 41.34 14.70 -0.69
C ASN B 30 40.02 14.11 -0.22
N PHE B 31 40.01 12.82 0.13
CA PHE B 31 38.79 12.19 0.63
C PHE B 31 39.13 11.36 1.86
N ALA B 32 38.22 11.38 2.82
CA ALA B 32 38.34 10.58 4.03
C ALA B 32 36.96 10.04 4.36
N ASP B 33 36.90 9.14 5.33
CA ASP B 33 35.62 8.66 5.88
C ASP B 33 35.69 8.57 7.40
N ALA B 34 34.55 8.80 8.04
CA ALA B 34 34.49 8.73 9.49
C ALA B 34 33.07 8.43 9.95
N VAL B 35 32.98 7.85 11.16
CA VAL B 35 31.72 7.67 11.89
C VAL B 35 31.88 8.22 13.32
N PHE B 36 30.81 8.81 13.85
CA PHE B 36 30.80 9.07 15.30
C PHE B 36 30.85 7.76 16.06
N THR B 37 31.59 7.76 17.17
CA THR B 37 31.78 6.58 17.99
C THR B 37 30.66 6.40 19.01
N ASP B 38 29.81 7.41 19.19
CA ASP B 38 28.82 7.45 20.27
C ASP B 38 27.65 8.34 19.84
N ALA B 39 26.52 8.17 20.51
CA ALA B 39 25.32 8.89 20.12
C ALA B 39 25.35 10.37 20.50
N ALA B 40 26.37 10.83 21.21
CA ALA B 40 26.53 12.25 21.50
C ALA B 40 27.54 12.93 20.59
N PHE B 41 28.17 12.19 19.68
CA PHE B 41 28.95 12.71 18.58
C PHE B 41 30.26 13.35 19.03
N LYS B 42 30.78 12.97 20.17
CA LYS B 42 31.97 13.64 20.70
C LYS B 42 33.27 13.13 20.11
N ASN B 43 33.28 11.89 19.59
CA ASN B 43 34.49 11.28 19.05
C ASN B 43 34.18 10.60 17.73
N VAL B 44 35.24 10.38 16.94
CA VAL B 44 35.13 9.75 15.62
C VAL B 44 36.13 8.62 15.47
N ALA B 45 35.79 7.64 14.63
CA ALA B 45 36.72 6.68 14.05
C ALA B 45 36.71 6.90 12.55
N GLY B 46 37.89 7.13 11.94
CA GLY B 46 37.96 7.51 10.54
C GLY B 46 39.10 6.82 9.81
N ILE B 47 39.23 7.12 8.52
CA ILE B 47 40.28 6.54 7.69
C ILE B 47 40.66 7.57 6.64
N ALA B 48 41.98 7.75 6.47
CA ALA B 48 42.54 8.81 5.66
C ALA B 48 42.74 8.41 4.21
N ASN B 49 42.65 9.40 3.34
CA ASN B 49 43.26 9.37 1.99
C ASN B 49 42.61 8.32 1.10
N LEU B 50 41.30 8.40 0.98
CA LEU B 50 40.60 7.46 0.11
C LEU B 50 40.59 7.99 -1.31
N PRO B 51 40.40 7.12 -2.30
CA PRO B 51 40.35 7.60 -3.68
C PRO B 51 39.10 8.40 -3.99
N MET B 52 38.02 8.18 -3.25
CA MET B 52 36.79 8.93 -3.41
C MET B 52 35.99 8.72 -2.14
N LYS B 53 34.93 9.52 -2.00
CA LYS B 53 34.00 9.32 -0.91
C LYS B 53 33.38 7.94 -1.01
N ALA B 54 33.32 7.25 0.11
CA ALA B 54 32.79 5.90 0.12
C ALA B 54 32.56 5.48 1.55
N PRO B 55 31.61 4.57 1.79
CA PRO B 55 31.25 4.18 3.17
C PRO B 55 32.21 3.15 3.75
N VAL B 56 33.48 3.54 3.85
CA VAL B 56 34.50 2.58 4.21
C VAL B 56 34.38 2.22 5.69
N MET B 57 34.16 3.19 6.57
CA MET B 57 34.07 2.84 7.99
C MET B 57 32.94 1.86 8.20
N GLN B 58 31.82 2.04 7.48
CA GLN B 58 30.71 1.10 7.59
C GLN B 58 31.16 -0.32 7.26
N VAL B 59 31.85 -0.52 6.14
CA VAL B 59 32.28 -1.87 5.78
C VAL B 59 33.30 -2.37 6.79
N LEU B 60 34.23 -1.50 7.22
CA LEU B 60 35.19 -1.95 8.21
C LEU B 60 34.50 -2.42 9.47
N MET B 61 33.45 -1.70 9.89
CA MET B 61 32.72 -2.11 11.08
C MET B 61 32.08 -3.49 10.93
N GLU B 62 31.69 -3.88 9.71
N GLU B 62 31.68 -3.88 9.71
CA GLU B 62 31.09 -5.20 9.49
CA GLU B 62 31.07 -5.19 9.55
C GLU B 62 32.12 -6.32 9.69
C GLU B 62 32.11 -6.32 9.60
N ASN B 63 33.41 -5.98 9.71
CA ASN B 63 34.49 -6.97 9.74
C ASN B 63 34.87 -7.31 11.18
N SER B 64 34.70 -8.57 11.56
CA SER B 64 34.87 -8.94 12.95
C SER B 64 36.24 -8.53 13.49
N ILE B 65 37.29 -8.68 12.69
CA ILE B 65 38.65 -8.41 13.16
C ILE B 65 38.87 -6.92 13.41
N VAL B 66 38.55 -6.08 12.43
CA VAL B 66 38.79 -4.66 12.59
C VAL B 66 37.87 -4.09 13.66
N SER B 67 36.60 -4.52 13.65
CA SER B 67 35.63 -4.14 14.69
C SER B 67 36.18 -4.41 16.08
N LYS B 68 36.56 -5.66 16.36
CA LYS B 68 37.09 -5.98 17.68
C LYS B 68 38.33 -5.17 18.00
N TYR B 69 39.20 -4.97 17.02
CA TYR B 69 40.41 -4.20 17.26
C TYR B 69 40.07 -2.78 17.68
N LEU B 70 39.09 -2.15 17.03
CA LEU B 70 38.80 -0.75 17.31
C LEU B 70 38.28 -0.56 18.74
N LYS B 71 37.66 -1.58 19.32
CA LYS B 71 37.08 -1.46 20.65
C LYS B 71 38.14 -1.24 21.72
N GLN B 72 39.41 -1.49 21.41
CA GLN B 72 40.48 -1.14 22.33
C GLN B 72 40.59 0.36 22.52
N PHE B 73 39.95 1.14 21.65
CA PHE B 73 40.07 2.58 21.69
C PHE B 73 38.71 3.27 21.73
N VAL B 74 37.84 2.91 20.78
CA VAL B 74 36.52 3.53 20.72
C VAL B 74 35.65 2.86 21.78
N PRO B 75 34.62 3.53 22.28
CA PRO B 75 34.15 4.86 21.89
C PRO B 75 34.84 6.04 22.56
N ASP B 76 35.68 5.83 23.59
CA ASP B 76 36.14 6.97 24.39
C ASP B 76 37.25 7.76 23.70
N ARG B 77 38.02 7.13 22.82
CA ARG B 77 39.09 7.80 22.10
C ARG B 77 38.78 7.82 20.60
N SER B 78 38.88 9.02 20.02
CA SER B 78 38.89 9.15 18.56
C SER B 78 40.14 8.48 17.98
N VAL B 79 40.05 8.00 16.74
CA VAL B 79 41.15 7.32 16.06
C VAL B 79 41.02 7.58 14.56
N SER B 80 42.15 7.55 13.86
CA SER B 80 42.13 7.51 12.41
C SER B 80 43.09 6.45 11.88
N PHE B 81 42.62 5.65 10.94
CA PHE B 81 43.49 4.76 10.20
C PHE B 81 44.27 5.54 9.15
N VAL B 82 45.50 5.11 8.90
CA VAL B 82 46.34 5.74 7.89
C VAL B 82 47.31 4.69 7.37
N GLU B 83 47.56 4.71 6.06
CA GLU B 83 48.45 3.77 5.40
C GLU B 83 49.75 4.49 5.03
N GLU B 84 50.89 3.91 5.43
CA GLU B 84 52.20 4.44 5.08
C GLU B 84 53.08 3.30 4.60
N GLY B 85 53.84 3.55 3.55
CA GLY B 85 54.26 2.40 2.77
C GLY B 85 53.02 1.64 2.40
N GLN B 86 53.08 0.32 2.52
CA GLN B 86 51.90 -0.51 2.39
C GLN B 86 51.57 -1.19 3.72
N LYS B 87 51.64 -0.41 4.80
CA LYS B 87 51.32 -0.87 6.14
C LYS B 87 50.36 0.12 6.78
N PHE B 88 49.41 -0.40 7.56
CA PHE B 88 48.44 0.46 8.23
C PHE B 88 48.85 0.73 9.67
N TYR B 89 48.58 1.96 10.11
CA TYR B 89 48.68 2.39 11.49
C TYR B 89 47.34 2.93 11.94
N ILE B 90 47.17 3.00 13.26
CA ILE B 90 46.08 3.74 13.87
C ILE B 90 46.70 4.88 14.66
N VAL B 91 46.12 6.06 14.53
CA VAL B 91 46.61 7.27 15.16
C VAL B 91 45.60 7.71 16.20
N LEU B 92 46.11 8.12 17.36
CA LEU B 92 45.29 8.64 18.44
C LEU B 92 45.46 10.14 18.56
N GLU B 93 44.55 10.76 19.32
CA GLU B 93 44.61 12.21 19.49
C GLU B 93 45.89 12.65 20.21
N ASP B 94 46.45 11.78 21.04
CA ASP B 94 47.67 12.10 21.79
C ASP B 94 48.94 11.88 20.99
N GLY B 95 48.85 11.66 19.68
CA GLY B 95 49.99 11.52 18.83
C GLY B 95 50.51 10.10 18.65
N GLN B 96 50.15 9.16 19.54
CA GLN B 96 50.61 7.81 19.36
C GLN B 96 50.26 7.34 17.96
N LYS B 97 51.19 6.61 17.35
CA LYS B 97 51.00 6.02 16.03
C LYS B 97 51.36 4.55 16.16
N ILE B 98 50.35 3.70 16.06
CA ILE B 98 50.46 2.28 16.35
C ILE B 98 50.35 1.51 15.05
N GLU B 99 51.41 0.80 14.70
CA GLU B 99 51.33 -0.19 13.64
C GLU B 99 50.30 -1.23 14.05
N VAL B 100 49.27 -1.40 13.22
CA VAL B 100 48.18 -2.30 13.61
C VAL B 100 48.63 -3.73 13.40
N PRO B 101 48.04 -4.69 14.12
CA PRO B 101 48.40 -6.10 13.95
C PRO B 101 48.20 -6.56 12.51
N GLU B 102 48.88 -7.67 12.16
CA GLU B 102 48.89 -8.12 10.78
C GLU B 102 47.48 -8.48 10.29
N ASP B 103 46.69 -9.18 11.12
CA ASP B 103 45.35 -9.55 10.66
C ASP B 103 44.49 -8.30 10.44
N VAL B 104 44.74 -7.24 11.19
CA VAL B 104 44.03 -5.98 10.97
C VAL B 104 44.55 -5.30 9.72
N ASN B 105 45.87 -5.19 9.59
CA ASN B 105 46.46 -4.64 8.38
C ASN B 105 45.91 -5.32 7.13
N LYS B 106 45.77 -6.64 7.18
CA LYS B 106 45.28 -7.37 6.01
C LYS B 106 43.82 -7.02 5.72
N ALA B 107 42.99 -7.00 6.76
CA ALA B 107 41.60 -6.61 6.57
C ALA B 107 41.46 -5.19 6.01
N LEU B 108 42.23 -4.25 6.54
CA LEU B 108 42.14 -2.87 6.07
C LEU B 108 42.58 -2.76 4.62
N LYS B 109 43.68 -3.44 4.25
CA LYS B 109 44.15 -3.35 2.87
C LYS B 109 43.15 -4.00 1.93
N ALA B 110 42.59 -5.16 2.33
CA ALA B 110 41.58 -5.82 1.51
C ALA B 110 40.37 -4.90 1.31
N THR B 111 40.03 -4.11 2.32
CA THR B 111 38.83 -3.29 2.24
C THR B 111 39.04 -2.09 1.33
N VAL B 112 40.17 -1.41 1.46
CA VAL B 112 40.37 -0.19 0.70
C VAL B 112 40.87 -0.46 -0.71
N SER B 113 41.24 -1.70 -1.03
CA SER B 113 41.99 -1.93 -2.27
C SER B 113 41.22 -1.44 -3.50
N ASP B 114 39.92 -1.72 -3.57
CA ASP B 114 39.16 -1.37 -4.79
C ASP B 114 38.00 -0.41 -4.53
N VAL B 115 38.16 0.48 -3.55
CA VAL B 115 37.13 1.49 -3.27
C VAL B 115 36.75 2.24 -4.54
N LYS B 116 37.70 2.48 -5.43
CA LYS B 116 37.44 3.21 -6.68
C LYS B 116 36.29 2.61 -7.48
N HIS B 117 36.01 1.32 -7.29
CA HIS B 117 34.99 0.64 -8.07
C HIS B 117 33.89 0.06 -7.20
N TRP B 118 33.72 0.57 -5.97
CA TRP B 118 32.73 -0.01 -5.08
C TRP B 118 31.30 0.12 -5.62
N ALA B 119 31.00 1.13 -6.47
CA ALA B 119 29.67 1.26 -7.06
C ALA B 119 29.60 0.62 -8.45
N GLY B 120 30.61 -0.19 -8.81
CA GLY B 120 30.58 -0.89 -10.06
C GLY B 120 31.30 -0.11 -11.12
N TYR B 121 31.21 -0.60 -12.36
CA TYR B 121 31.91 0.02 -13.46
C TYR B 121 31.11 -0.20 -14.72
N LEU B 122 31.44 0.55 -15.75
CA LEU B 122 30.78 0.44 -17.04
C LEU B 122 31.66 -0.24 -18.08
N THR B 123 31.06 -1.15 -18.83
CA THR B 123 31.76 -1.76 -19.94
C THR B 123 31.90 -0.75 -21.08
N GLU B 124 32.74 -1.10 -22.05
CA GLU B 124 32.90 -0.25 -23.23
C GLU B 124 31.57 0.03 -23.91
N ASP B 125 30.63 -0.90 -23.83
CA ASP B 125 29.31 -0.76 -24.42
C ASP B 125 28.29 -0.13 -23.48
N GLY B 126 28.73 0.35 -22.31
CA GLY B 126 27.87 1.08 -21.39
C GLY B 126 27.01 0.22 -20.48
N GLU B 127 27.43 -1.03 -20.21
CA GLU B 127 26.71 -1.93 -19.34
C GLU B 127 27.27 -1.79 -17.92
N HIS B 128 26.39 -1.81 -16.92
CA HIS B 128 26.81 -1.53 -15.55
C HIS B 128 27.10 -2.88 -14.90
N VAL B 129 28.37 -3.13 -14.59
CA VAL B 129 28.75 -4.34 -13.85
C VAL B 129 28.83 -4.02 -12.37
N ILE B 130 28.11 -4.80 -11.56
CA ILE B 130 27.77 -4.48 -10.19
C ILE B 130 28.16 -5.64 -9.29
N ASP B 131 28.83 -5.32 -8.19
CA ASP B 131 29.16 -6.34 -7.18
C ASP B 131 27.96 -6.47 -6.23
N LEU B 132 27.46 -7.69 -6.08
CA LEU B 132 26.28 -7.87 -5.23
C LEU B 132 26.55 -7.67 -3.73
N LEU B 133 27.81 -7.57 -3.29
CA LEU B 133 28.06 -7.30 -1.88
C LEU B 133 28.32 -5.82 -1.59
N LYS B 134 28.45 -4.99 -2.62
CA LYS B 134 28.87 -3.65 -2.32
C LYS B 134 27.67 -2.77 -1.99
N PRO B 135 27.87 -1.72 -1.21
CA PRO B 135 26.73 -0.88 -0.82
C PRO B 135 26.22 -0.04 -1.98
N ALA B 136 24.93 0.39 -1.85
CA ALA B 136 24.29 1.13 -2.92
C ALA B 136 24.43 2.64 -2.68
N PRO B 137 24.84 3.41 -3.69
CA PRO B 137 24.75 4.87 -3.54
C PRO B 137 23.37 5.43 -3.20
N GLY B 138 22.33 4.79 -3.75
CA GLY B 138 20.96 5.18 -3.57
C GLY B 138 20.05 4.16 -4.21
N PRO B 139 18.74 4.40 -4.05
CA PRO B 139 17.75 3.37 -4.38
C PRO B 139 17.47 3.23 -5.87
N HIS B 140 18.00 4.12 -6.71
CA HIS B 140 17.83 4.03 -8.16
C HIS B 140 19.09 3.62 -8.87
N PHE B 141 20.20 3.48 -8.13
CA PHE B 141 21.50 3.40 -8.79
C PHE B 141 21.69 2.07 -9.48
N TYR B 142 21.28 0.98 -8.83
CA TYR B 142 21.49 -0.37 -9.36
C TYR B 142 20.26 -0.94 -10.06
N VAL B 143 19.50 -0.10 -10.77
CA VAL B 143 18.21 -0.47 -11.36
C VAL B 143 18.30 -0.48 -12.88
N ASN B 144 17.69 -1.49 -13.49
CA ASN B 144 17.51 -1.58 -14.93
C ASN B 144 16.04 -1.58 -15.23
N LEU B 145 15.67 -1.06 -16.42
CA LEU B 145 14.30 -0.99 -16.88
C LEU B 145 14.17 -1.79 -18.16
N LEU B 146 13.18 -2.67 -18.21
CA LEU B 146 12.95 -3.52 -19.37
C LEU B 146 11.63 -3.22 -20.05
N ILE B 147 11.56 -3.48 -21.34
CA ILE B 147 10.37 -3.24 -22.12
C ILE B 147 10.22 -4.32 -23.17
N GLY B 148 8.96 -4.61 -23.50
CA GLY B 148 8.62 -5.51 -24.57
C GLY B 148 8.63 -4.81 -25.90
N ASN B 149 7.88 -5.34 -26.84
CA ASN B 149 7.81 -4.76 -28.18
C ASN B 149 6.47 -5.14 -28.77
N ARG B 150 5.57 -4.16 -28.90
CA ARG B 150 4.26 -4.35 -29.52
C ARG B 150 4.14 -3.63 -30.85
N LEU B 151 5.28 -3.24 -31.45
CA LEU B 151 5.28 -2.63 -32.78
C LEU B 151 4.68 -3.59 -33.81
N GLY B 152 3.76 -3.08 -34.61
CA GLY B 152 3.08 -3.92 -35.58
C GLY B 152 1.87 -4.61 -35.04
N PHE B 153 1.51 -4.36 -33.78
CA PHE B 153 0.36 -4.95 -33.14
C PHE B 153 -0.51 -3.85 -32.60
N LYS B 154 -1.69 -4.25 -32.15
CA LYS B 154 -2.72 -3.29 -31.74
C LYS B 154 -2.32 -2.58 -30.47
N ARG B 155 -2.67 -1.29 -30.41
CA ARG B 155 -2.61 -0.48 -29.21
C ARG B 155 -1.22 -0.58 -28.59
N THR B 156 -0.20 -0.39 -29.43
CA THR B 156 1.19 -0.60 -29.01
C THR B 156 1.50 0.23 -27.78
N LEU B 157 0.99 1.44 -27.72
CA LEU B 157 1.26 2.34 -26.61
C LEU B 157 0.73 1.79 -25.30
N GLN B 158 -0.49 1.29 -25.31
CA GLN B 158 -1.16 0.86 -24.08
C GLN B 158 -0.88 -0.59 -23.67
N THR B 159 -0.29 -1.40 -24.54
CA THR B 159 -0.14 -2.83 -24.26
C THR B 159 1.30 -3.33 -24.16
N THR B 160 2.28 -2.47 -24.35
CA THR B 160 3.68 -2.91 -24.26
C THR B 160 4.02 -3.26 -22.82
N PRO B 161 4.50 -4.47 -22.53
CA PRO B 161 4.84 -4.82 -21.14
C PRO B 161 6.13 -4.11 -20.70
N LYS B 162 6.28 -3.99 -19.38
CA LYS B 162 7.45 -3.31 -18.83
C LYS B 162 7.79 -3.89 -17.47
N SER B 163 9.09 -3.88 -17.16
CA SER B 163 9.62 -4.51 -15.95
C SER B 163 10.69 -3.66 -15.30
N VAL B 164 10.82 -3.78 -14.01
N VAL B 164 10.80 -3.82 -14.00
CA VAL B 164 11.92 -3.17 -13.30
CA VAL B 164 11.84 -3.20 -13.16
C VAL B 164 12.69 -4.26 -12.58
C VAL B 164 12.68 -4.32 -12.57
N VAL B 165 14.00 -4.20 -12.69
CA VAL B 165 14.92 -5.24 -12.22
C VAL B 165 16.12 -4.57 -11.53
N ASP B 166 16.36 -4.89 -10.25
CA ASP B 166 17.58 -4.40 -9.60
C ASP B 166 18.70 -5.44 -9.75
N ARG B 167 19.85 -5.22 -9.07
CA ARG B 167 21.01 -6.09 -9.26
C ARG B 167 20.75 -7.52 -8.82
N PHE B 168 19.82 -7.73 -7.88
CA PHE B 168 19.42 -9.05 -7.43
C PHE B 168 18.22 -9.60 -8.17
N GLY B 169 17.73 -8.90 -9.19
CA GLY B 169 16.56 -9.36 -9.90
C GLY B 169 15.26 -9.01 -9.22
N ARG B 170 15.31 -8.31 -8.11
CA ARG B 170 14.11 -7.87 -7.44
C ARG B 170 13.35 -6.84 -8.28
N GLY B 171 12.08 -6.75 -8.02
CA GLY B 171 11.25 -5.81 -8.73
C GLY B 171 9.92 -6.42 -9.13
N SER B 172 9.34 -5.90 -10.19
CA SER B 172 8.02 -6.31 -10.62
C SER B 172 7.88 -6.08 -12.12
N PHE B 173 6.71 -6.46 -12.65
CA PHE B 173 6.49 -6.72 -14.07
C PHE B 173 5.00 -6.42 -14.31
N ARG B 174 4.74 -5.53 -15.27
CA ARG B 174 3.40 -5.10 -15.62
C ARG B 174 3.04 -5.42 -17.06
N SER B 175 1.74 -5.60 -17.30
CA SER B 175 1.18 -5.61 -18.64
C SER B 175 0.60 -4.23 -18.93
N HIS B 176 -0.58 -4.17 -19.56
CA HIS B 176 -1.21 -2.89 -19.89
C HIS B 176 -1.54 -2.08 -18.65
N ALA B 177 -1.53 -0.75 -18.81
CA ALA B 177 -1.83 0.20 -17.72
C ALA B 177 -0.95 -0.17 -16.51
N ALA B 178 -1.53 -0.33 -15.33
CA ALA B 178 -0.84 -0.70 -14.12
C ALA B 178 -1.18 -2.13 -13.75
N THR B 179 -1.53 -2.96 -14.73
CA THR B 179 -1.85 -4.36 -14.49
C THR B 179 -0.60 -5.11 -14.08
N GLN B 180 -0.61 -5.68 -12.87
CA GLN B 180 0.57 -6.34 -12.32
C GLN B 180 0.58 -7.82 -12.65
N VAL B 181 1.70 -8.30 -13.16
CA VAL B 181 1.91 -9.72 -13.43
C VAL B 181 2.56 -10.26 -12.15
N LEU B 182 3.77 -9.82 -11.87
CA LEU B 182 4.43 -10.02 -10.58
C LEU B 182 4.13 -8.83 -9.68
N ALA B 183 3.94 -9.11 -8.39
CA ALA B 183 3.42 -8.13 -7.45
C ALA B 183 4.39 -6.99 -7.19
N THR B 184 3.87 -5.78 -7.36
CA THR B 184 4.49 -4.56 -6.82
C THR B 184 4.32 -4.52 -5.31
N ARG B 185 5.29 -3.88 -4.65
CA ARG B 185 5.20 -3.59 -3.23
C ARG B 185 5.11 -2.08 -3.02
N PHE B 186 4.14 -1.66 -2.22
CA PHE B 186 3.93 -0.27 -1.82
C PHE B 186 4.16 -0.24 -0.31
N ASP B 187 5.39 0.03 0.09
CA ASP B 187 5.77 -0.06 1.51
C ASP B 187 6.71 1.10 1.80
N MET B 188 7.52 1.00 2.86
CA MET B 188 8.17 2.19 3.42
C MET B 188 9.42 2.63 2.66
N ARG B 189 10.07 1.69 1.96
CA ARG B 189 11.37 1.91 1.39
C ARG B 189 11.30 2.05 -0.13
N GLN B 190 12.00 3.06 -0.62
CA GLN B 190 12.14 3.20 -2.07
C GLN B 190 12.77 1.96 -2.69
N GLU B 191 13.60 1.24 -1.94
CA GLU B 191 14.33 0.09 -2.46
C GLU B 191 13.42 -1.09 -2.76
N GLU B 192 12.19 -1.08 -2.26
CA GLU B 192 11.31 -2.23 -2.43
C GLU B 192 10.22 -1.93 -3.45
N ASN B 193 10.51 -2.25 -4.71
CA ASN B 193 9.53 -2.14 -5.76
C ASN B 193 8.60 -3.36 -5.84
N GLY B 194 9.07 -4.53 -5.43
CA GLY B 194 8.33 -5.75 -5.62
C GLY B 194 8.25 -6.62 -4.37
N PHE B 195 7.29 -7.55 -4.42
CA PHE B 195 7.29 -8.58 -3.36
C PHE B 195 8.63 -9.30 -3.36
N PRO B 196 9.17 -9.64 -2.19
CA PRO B 196 10.60 -10.04 -2.15
C PRO B 196 10.91 -11.37 -2.83
N ALA B 197 9.92 -12.26 -2.94
CA ALA B 197 10.15 -13.52 -3.63
C ALA B 197 10.27 -13.38 -5.15
N ASN B 198 9.88 -12.26 -5.76
CA ASN B 198 9.80 -12.19 -7.19
C ASN B 198 11.14 -12.51 -7.84
N ARG B 199 11.10 -13.39 -8.85
CA ARG B 199 12.20 -13.82 -9.70
C ARG B 199 13.26 -14.64 -8.96
N GLN B 200 13.08 -14.97 -7.70
CA GLN B 200 14.11 -15.66 -6.94
C GLN B 200 13.90 -17.16 -6.84
N PHE B 201 15.00 -17.86 -6.57
CA PHE B 201 14.94 -19.31 -6.51
C PHE B 201 16.00 -19.85 -5.56
N TYR B 202 15.79 -21.12 -5.22
CA TYR B 202 16.64 -21.86 -4.30
C TYR B 202 17.17 -23.11 -5.00
N LEU B 203 18.36 -23.55 -4.60
CA LEU B 203 18.89 -24.83 -5.00
C LEU B 203 19.08 -25.70 -3.77
N TYR B 204 18.80 -27.00 -3.95
CA TYR B 204 18.97 -27.98 -2.88
C TYR B 204 19.88 -29.13 -3.31
N GLU B 205 20.60 -29.67 -2.35
CA GLU B 205 21.39 -30.90 -2.55
C GLU B 205 21.15 -31.78 -1.34
N ASP B 206 20.80 -33.05 -1.58
CA ASP B 206 20.60 -33.99 -0.48
C ASP B 206 19.66 -33.38 0.57
N GLY B 207 18.63 -32.69 0.10
CA GLY B 207 17.63 -32.11 0.96
C GLY B 207 17.99 -30.82 1.65
N LYS B 208 19.24 -30.37 1.59
CA LYS B 208 19.68 -29.16 2.24
C LYS B 208 19.73 -28.02 1.24
N GLN B 209 19.34 -26.82 1.69
CA GLN B 209 19.51 -25.64 0.87
C GLN B 209 20.98 -25.29 0.67
N ILE B 210 21.40 -25.14 -0.58
CA ILE B 210 22.77 -24.73 -0.86
C ILE B 210 22.87 -23.35 -1.50
N PHE B 211 21.74 -22.73 -1.87
CA PHE B 211 21.78 -21.49 -2.63
C PHE B 211 20.41 -20.83 -2.56
N TYR B 212 20.41 -19.51 -2.38
CA TYR B 212 19.22 -18.69 -2.63
C TYR B 212 19.70 -17.50 -3.46
N SER B 213 18.97 -17.16 -4.53
CA SER B 213 19.43 -16.14 -5.46
C SER B 213 19.50 -14.73 -4.86
N ALA B 214 18.88 -14.52 -3.71
CA ALA B 214 18.92 -13.21 -3.08
C ALA B 214 19.55 -13.29 -1.69
N LEU B 215 20.51 -14.19 -1.50
CA LEU B 215 21.31 -14.26 -0.28
C LEU B 215 22.76 -14.55 -0.66
N ILE B 216 23.66 -13.61 -0.36
CA ILE B 216 25.10 -13.81 -0.57
C ILE B 216 25.70 -14.11 0.81
N ASP B 217 26.18 -15.33 1.02
CA ASP B 217 26.84 -15.69 2.26
C ASP B 217 28.26 -16.19 1.93
N ASP B 218 28.93 -16.69 2.96
CA ASP B 218 30.29 -17.16 2.80
C ASP B 218 30.42 -18.22 1.73
N ASN B 219 29.35 -18.95 1.42
CA ASN B 219 29.42 -19.98 0.39
C ASN B 219 29.29 -19.43 -1.02
N ILE B 220 29.11 -18.12 -1.16
CA ILE B 220 29.19 -17.45 -2.46
C ILE B 220 30.55 -16.79 -2.57
N VAL B 221 31.32 -17.19 -3.58
CA VAL B 221 32.69 -16.72 -3.77
C VAL B 221 32.78 -15.62 -4.83
N GLU B 222 31.81 -15.54 -5.73
CA GLU B 222 31.70 -14.48 -6.71
C GLU B 222 30.22 -14.21 -6.93
N ALA B 223 29.85 -12.94 -7.05
CA ALA B 223 28.45 -12.61 -7.37
C ALA B 223 28.42 -11.22 -8.00
N THR B 224 28.05 -11.15 -9.29
CA THR B 224 28.00 -9.90 -10.01
C THR B 224 26.71 -9.82 -10.82
N SER B 225 26.33 -8.60 -11.17
CA SER B 225 25.13 -8.34 -11.95
C SER B 225 25.52 -7.37 -13.06
N LYS B 226 24.99 -7.60 -14.24
CA LYS B 226 25.27 -6.74 -15.40
C LYS B 226 23.96 -6.26 -16.02
N HIS B 227 23.73 -4.95 -15.92
CA HIS B 227 22.59 -4.31 -16.53
C HIS B 227 22.99 -3.81 -17.91
N SER B 228 22.33 -4.36 -18.94
CA SER B 228 22.56 -4.00 -20.31
C SER B 228 21.27 -3.48 -20.93
N SER B 229 21.33 -3.18 -22.22
CA SER B 229 20.15 -2.67 -22.92
C SER B 229 19.08 -3.76 -22.98
N ASN B 230 18.03 -3.59 -22.19
CA ASN B 230 16.82 -4.42 -22.20
C ASN B 230 17.08 -5.85 -21.75
N ARG B 231 18.16 -6.09 -21.01
CA ARG B 231 18.25 -7.35 -20.27
C ARG B 231 19.22 -7.18 -19.11
N THR B 232 19.12 -8.09 -18.14
CA THR B 232 19.99 -8.09 -16.97
C THR B 232 20.50 -9.51 -16.84
N VAL B 233 21.78 -9.65 -16.53
CA VAL B 233 22.41 -10.96 -16.33
C VAL B 233 23.14 -10.95 -15.00
N ILE B 234 22.90 -12.00 -14.20
CA ILE B 234 23.38 -12.09 -12.84
C ILE B 234 24.14 -13.40 -12.71
N LYS B 235 25.37 -13.35 -12.18
CA LYS B 235 26.26 -14.51 -12.17
C LYS B 235 26.77 -14.74 -10.76
N TYR B 236 26.80 -16.02 -10.38
CA TYR B 236 27.28 -16.42 -9.08
C TYR B 236 28.21 -17.63 -9.26
N LYS B 237 29.21 -17.70 -8.41
CA LYS B 237 30.00 -18.92 -8.26
C LYS B 237 29.96 -19.34 -6.81
N THR B 238 29.60 -20.61 -6.56
CA THR B 238 29.62 -21.12 -5.20
C THR B 238 31.00 -21.66 -4.84
N ALA B 239 31.25 -21.76 -3.54
CA ALA B 239 32.49 -22.38 -3.07
C ALA B 239 32.62 -23.82 -3.55
N SER B 240 31.50 -24.53 -3.69
CA SER B 240 31.42 -25.88 -4.23
C SER B 240 31.54 -25.91 -5.75
N ASN B 241 31.85 -24.77 -6.36
CA ASN B 241 32.14 -24.71 -7.79
C ASN B 241 30.91 -24.91 -8.65
N LEU B 242 29.76 -24.39 -8.21
CA LEU B 242 28.63 -24.24 -9.11
C LEU B 242 28.67 -22.83 -9.70
N GLU B 243 28.38 -22.73 -10.99
CA GLU B 243 28.36 -21.45 -11.69
C GLU B 243 26.92 -21.23 -12.13
N ILE B 244 26.30 -20.19 -11.59
CA ILE B 244 24.87 -19.93 -11.78
C ILE B 244 24.71 -18.60 -12.50
N THR B 245 23.93 -18.60 -13.59
CA THR B 245 23.68 -17.43 -14.42
C THR B 245 22.18 -17.25 -14.63
N ARG B 246 21.69 -16.04 -14.35
CA ARG B 246 20.30 -15.66 -14.52
C ARG B 246 20.27 -14.59 -15.60
N THR B 247 19.39 -14.76 -16.58
CA THR B 247 19.18 -13.82 -17.68
C THR B 247 17.72 -13.47 -17.70
N ILE B 248 17.39 -12.18 -17.62
CA ILE B 248 16.01 -11.73 -17.48
C ILE B 248 15.72 -10.76 -18.62
N PHE B 249 14.66 -11.03 -19.39
CA PHE B 249 14.21 -10.09 -20.43
C PHE B 249 12.75 -10.33 -20.72
N LEU B 250 12.12 -9.33 -21.35
CA LEU B 250 10.73 -9.44 -21.80
C LEU B 250 10.69 -9.96 -23.23
N VAL B 251 9.73 -10.84 -23.50
CA VAL B 251 9.52 -11.44 -24.83
C VAL B 251 8.91 -10.44 -25.80
N PRO B 252 9.55 -10.15 -26.92
CA PRO B 252 8.90 -9.29 -27.91
C PRO B 252 7.67 -10.01 -28.44
N HIS B 253 6.63 -9.24 -28.74
CA HIS B 253 5.39 -9.91 -29.09
C HIS B 253 5.51 -10.64 -30.42
N LYS B 254 4.80 -11.78 -30.50
CA LYS B 254 4.55 -12.49 -31.76
C LYS B 254 3.08 -12.88 -31.77
N LYS B 255 2.48 -12.92 -32.98
CA LYS B 255 1.07 -13.30 -33.07
C LYS B 255 0.81 -14.61 -32.33
N GLY B 256 -0.27 -14.60 -31.53
CA GLY B 256 -0.68 -15.75 -30.74
C GLY B 256 -0.09 -15.83 -29.36
N PHE B 257 0.85 -14.95 -29.01
CA PHE B 257 1.46 -14.97 -27.69
C PHE B 257 0.57 -14.26 -26.66
N PRO B 258 0.84 -14.51 -25.38
CA PRO B 258 0.20 -13.72 -24.33
C PRO B 258 0.61 -12.26 -24.45
N LEU B 259 -0.21 -11.37 -23.90
CA LEU B 259 0.08 -9.95 -24.02
C LEU B 259 1.35 -9.57 -23.27
N ALA B 260 1.76 -10.34 -22.26
CA ALA B 260 2.97 -10.02 -21.50
C ALA B 260 3.63 -11.33 -21.09
N THR B 261 4.91 -11.51 -21.43
CA THR B 261 5.70 -12.61 -20.92
C THR B 261 7.12 -12.15 -20.57
N GLU B 262 7.57 -12.48 -19.35
CA GLU B 262 8.91 -12.22 -18.89
C GLU B 262 9.60 -13.59 -18.83
N LEU B 263 10.71 -13.70 -19.51
CA LEU B 263 11.54 -14.89 -19.51
C LEU B 263 12.71 -14.72 -18.56
N GLN B 264 12.90 -15.68 -17.67
CA GLN B 264 14.14 -15.77 -16.90
C GLN B 264 14.77 -17.13 -17.15
N ARG B 265 15.94 -17.14 -17.77
CA ARG B 265 16.72 -18.36 -17.98
C ARG B 265 17.77 -18.45 -16.87
N ILE B 266 17.84 -19.63 -16.25
CA ILE B 266 18.77 -19.93 -15.16
C ILE B 266 19.68 -21.04 -15.69
N GLU B 267 20.95 -20.75 -15.78
CA GLU B 267 21.96 -21.73 -16.20
C GLU B 267 22.74 -22.17 -14.99
N ILE B 268 22.85 -23.49 -14.79
CA ILE B 268 23.55 -24.04 -13.62
C ILE B 268 24.64 -24.95 -14.18
N LYS B 269 25.88 -24.49 -14.12
CA LYS B 269 27.02 -25.24 -14.62
C LYS B 269 27.74 -25.89 -13.45
N ASN B 270 28.00 -27.20 -13.57
CA ASN B 270 28.75 -27.93 -12.54
C ASN B 270 30.23 -27.87 -12.91
N ALA B 271 30.96 -26.97 -12.28
CA ALA B 271 32.38 -26.76 -12.57
C ALA B 271 33.26 -27.59 -11.65
N SER B 272 32.69 -28.55 -10.93
CA SER B 272 33.48 -29.44 -10.10
C SER B 272 33.69 -30.76 -10.86
N ASP B 273 34.34 -31.71 -10.18
CA ASP B 273 34.72 -32.97 -10.79
C ASP B 273 33.86 -34.14 -10.32
N LYS B 274 32.76 -33.86 -9.62
CA LYS B 274 31.80 -34.86 -9.21
C LYS B 274 30.39 -34.40 -9.58
N ALA B 275 29.57 -35.33 -10.08
CA ALA B 275 28.18 -34.99 -10.37
C ALA B 275 27.49 -34.52 -9.10
N ARG B 276 26.43 -33.73 -9.28
CA ARG B 276 25.68 -33.23 -8.14
C ARG B 276 24.20 -33.47 -8.39
N ASN B 277 23.53 -33.99 -7.38
CA ASN B 277 22.10 -34.29 -7.44
C ASN B 277 21.40 -33.09 -6.80
N LEU B 278 20.83 -32.24 -7.63
CA LEU B 278 20.29 -30.98 -7.15
C LEU B 278 18.79 -30.91 -7.42
N SER B 279 18.15 -29.90 -6.82
CA SER B 279 16.80 -29.55 -7.17
C SER B 279 16.72 -28.02 -7.14
N ILE B 280 15.82 -27.50 -7.94
CA ILE B 280 15.49 -26.08 -7.93
C ILE B 280 14.07 -25.89 -7.42
N THR B 281 13.87 -24.82 -6.68
CA THR B 281 12.55 -24.32 -6.30
C THR B 281 12.48 -22.88 -6.78
N TYR B 282 11.61 -22.60 -7.74
CA TYR B 282 11.52 -21.29 -8.38
C TYR B 282 10.30 -20.56 -7.84
N THR B 283 10.45 -19.34 -7.34
CA THR B 283 9.33 -18.71 -6.64
C THR B 283 8.98 -17.35 -7.23
N GLY B 284 7.85 -16.83 -6.74
CA GLY B 284 7.38 -15.50 -7.12
C GLY B 284 6.02 -15.25 -6.49
N MET B 285 5.51 -14.04 -6.72
CA MET B 285 4.22 -13.61 -6.19
C MET B 285 3.48 -12.93 -7.32
N PHE B 286 2.34 -13.50 -7.72
CA PHE B 286 1.48 -12.83 -8.68
C PHE B 286 0.92 -11.55 -8.08
N GLY B 287 0.84 -10.48 -8.90
CA GLY B 287 0.10 -9.29 -8.47
C GLY B 287 -1.38 -9.56 -8.37
N THR B 288 -2.04 -8.89 -7.43
CA THR B 288 -3.48 -8.94 -7.33
C THR B 288 -4.10 -8.12 -8.45
N GLY B 289 -5.25 -8.58 -8.93
CA GLY B 289 -6.04 -7.68 -9.76
C GLY B 289 -6.79 -6.63 -8.98
N ALA B 290 -6.91 -6.80 -7.67
CA ALA B 290 -7.67 -5.90 -6.81
C ALA B 290 -6.73 -4.98 -6.03
N VAL B 291 -6.06 -4.10 -6.77
CA VAL B 291 -4.96 -3.33 -6.21
C VAL B 291 -5.44 -2.37 -5.11
N HIS B 292 -6.57 -1.71 -5.32
CA HIS B 292 -7.03 -0.81 -4.27
C HIS B 292 -7.34 -1.56 -2.97
N ALA B 293 -7.71 -2.83 -3.07
CA ALA B 293 -8.09 -3.55 -1.85
C ALA B 293 -6.88 -3.92 -1.00
N ILE B 294 -5.66 -3.81 -1.56
CA ILE B 294 -4.47 -4.02 -0.73
C ILE B 294 -4.50 -3.04 0.44
N PHE B 295 -4.95 -1.78 0.19
N PHE B 295 -5.00 -1.83 0.19
CA PHE B 295 -5.11 -0.82 1.28
CA PHE B 295 -5.09 -0.79 1.20
C PHE B 295 -6.42 -1.02 2.02
C PHE B 295 -6.41 -0.82 1.95
N GLU B 296 -7.51 -1.16 1.28
CA GLU B 296 -8.84 -1.11 1.88
C GLU B 296 -9.34 -2.41 2.49
N ASP B 297 -8.95 -3.57 1.94
CA ASP B 297 -9.55 -4.84 2.39
C ASP B 297 -8.65 -5.99 1.97
N VAL B 298 -7.54 -6.19 2.69
CA VAL B 298 -6.64 -7.25 2.24
C VAL B 298 -7.30 -8.62 2.22
N THR B 299 -8.24 -8.88 3.15
CA THR B 299 -8.89 -10.16 3.18
C THR B 299 -9.68 -10.40 1.89
N TYR B 300 -10.27 -9.34 1.34
CA TYR B 300 -10.88 -9.42 0.01
C TYR B 300 -9.89 -9.91 -1.06
N THR B 301 -8.70 -9.33 -1.11
CA THR B 301 -7.74 -9.76 -2.12
C THR B 301 -7.48 -11.24 -2.01
N ASN B 302 -7.55 -11.79 -0.80
CA ASN B 302 -7.28 -13.20 -0.60
C ASN B 302 -8.48 -14.06 -1.03
N VAL B 303 -9.69 -13.74 -0.58
CA VAL B 303 -10.81 -14.67 -0.79
C VAL B 303 -11.34 -14.64 -2.21
N ILE B 304 -11.07 -13.58 -2.98
CA ILE B 304 -11.64 -13.51 -4.34
C ILE B 304 -10.91 -14.39 -5.34
N MET B 305 -9.82 -15.05 -4.94
CA MET B 305 -9.05 -15.89 -5.85
C MET B 305 -8.64 -17.19 -5.18
N GLN B 306 -8.15 -18.11 -6.00
CA GLN B 306 -7.61 -19.41 -5.59
C GLN B 306 -6.50 -19.77 -6.56
N SER B 307 -5.61 -20.69 -6.17
CA SER B 307 -4.61 -21.16 -7.09
C SER B 307 -5.19 -22.29 -7.96
N ALA B 308 -4.65 -22.44 -9.16
CA ALA B 308 -5.06 -23.46 -10.11
C ALA B 308 -3.84 -24.01 -10.81
N ALA B 309 -3.87 -25.29 -11.13
CA ALA B 309 -2.73 -25.93 -11.76
C ALA B 309 -3.00 -26.10 -13.26
N LEU B 310 -1.92 -26.06 -14.04
CA LEU B 310 -1.93 -26.19 -15.49
C LEU B 310 -1.28 -27.51 -15.91
N TYR B 311 -1.89 -28.20 -16.85
CA TYR B 311 -1.38 -29.46 -17.34
C TYR B 311 -1.35 -29.49 -18.86
N ASN B 312 -0.27 -30.06 -19.40
CA ASN B 312 -0.11 -30.11 -20.85
C ASN B 312 -0.87 -31.32 -21.40
N ASP B 313 -0.69 -31.60 -22.69
CA ASP B 313 -1.46 -32.63 -23.39
C ASP B 313 -1.28 -34.00 -22.77
N LYS B 314 -0.06 -34.32 -22.35
CA LYS B 314 0.26 -35.60 -21.75
C LYS B 314 -0.15 -35.71 -20.27
N GLY B 315 -0.90 -34.74 -19.74
CA GLY B 315 -1.29 -34.73 -18.33
C GLY B 315 -0.20 -34.31 -17.37
N GLU B 316 0.90 -33.77 -17.89
CA GLU B 316 2.03 -33.33 -17.07
C GLU B 316 1.78 -31.93 -16.52
N PHE B 317 2.05 -31.76 -15.22
CA PHE B 317 2.00 -30.42 -14.63
C PHE B 317 3.01 -29.49 -15.28
N ILE B 318 2.57 -28.27 -15.64
CA ILE B 318 3.50 -27.29 -16.19
C ILE B 318 3.58 -26.00 -15.38
N GLY B 319 2.58 -25.65 -14.58
CA GLY B 319 2.71 -24.44 -13.81
C GLY B 319 1.42 -24.05 -13.12
N ILE B 320 1.34 -22.76 -12.77
CA ILE B 320 0.27 -22.24 -11.91
C ILE B 320 -0.33 -21.00 -12.53
N THR B 321 -1.64 -20.81 -12.30
CA THR B 321 -2.36 -19.61 -12.63
C THR B 321 -3.25 -19.25 -11.46
N PRO B 322 -3.35 -17.97 -11.12
CA PRO B 322 -4.30 -17.53 -10.08
C PRO B 322 -5.67 -17.31 -10.69
N ASP B 323 -6.66 -18.02 -10.15
CA ASP B 323 -8.04 -18.05 -10.65
C ASP B 323 -8.95 -17.14 -9.83
N TYR B 324 -9.64 -16.24 -10.50
CA TYR B 324 -10.43 -15.20 -9.86
C TYR B 324 -11.93 -15.47 -10.00
N TYR B 325 -12.69 -15.10 -8.96
CA TYR B 325 -14.14 -15.25 -9.05
C TYR B 325 -14.76 -14.03 -9.74
N PRO B 326 -14.43 -12.79 -9.35
CA PRO B 326 -15.14 -11.64 -9.94
C PRO B 326 -14.80 -11.42 -11.40
N GLU B 327 -15.83 -11.12 -12.19
CA GLU B 327 -15.64 -10.93 -13.63
C GLU B 327 -14.62 -9.83 -13.91
N GLU B 328 -14.63 -8.77 -13.13
CA GLU B 328 -13.74 -7.67 -13.45
C GLU B 328 -12.28 -8.06 -13.31
N PHE B 329 -11.98 -9.16 -12.61
CA PHE B 329 -10.61 -9.63 -12.41
C PHE B 329 -10.32 -10.88 -13.24
N LYS B 330 -11.25 -11.28 -14.13
CA LYS B 330 -11.07 -12.38 -15.05
C LYS B 330 -10.80 -11.93 -16.49
N GLN B 331 -10.67 -10.63 -16.72
CA GLN B 331 -10.31 -10.13 -18.04
C GLN B 331 -8.80 -10.12 -18.32
N ASP B 332 -7.97 -10.44 -17.32
CA ASP B 332 -6.57 -10.78 -17.51
C ASP B 332 -6.35 -12.14 -16.84
N THR B 333 -5.41 -12.94 -17.36
CA THR B 333 -5.14 -14.25 -16.80
C THR B 333 -3.63 -14.49 -16.72
N ARG B 334 -3.14 -14.66 -15.51
CA ARG B 334 -1.71 -14.77 -15.25
C ARG B 334 -1.27 -16.22 -15.29
N PHE B 335 0.03 -16.41 -15.47
CA PHE B 335 0.61 -17.75 -15.50
C PHE B 335 2.09 -17.73 -15.16
N VAL B 336 2.57 -18.88 -14.71
CA VAL B 336 4.00 -19.15 -14.57
C VAL B 336 4.24 -20.61 -14.92
N THR B 337 5.35 -20.86 -15.61
N THR B 337 5.27 -20.85 -15.74
CA THR B 337 5.70 -22.19 -16.07
CA THR B 337 5.69 -22.19 -16.09
C THR B 337 7.21 -22.26 -16.25
C THR B 337 7.22 -22.25 -16.14
N MET B 338 7.72 -23.47 -16.18
CA MET B 338 9.15 -23.75 -16.15
C MET B 338 9.45 -25.00 -16.97
N ILE B 339 10.58 -24.94 -17.70
CA ILE B 339 11.14 -26.07 -18.45
C ILE B 339 12.53 -26.33 -17.93
N VAL B 340 12.84 -27.60 -17.64
CA VAL B 340 14.18 -27.98 -17.22
C VAL B 340 14.83 -28.77 -18.36
N ARG B 341 15.98 -28.31 -18.81
CA ARG B 341 16.70 -28.86 -19.95
C ARG B 341 17.98 -29.47 -19.43
N ASN B 342 18.14 -30.78 -19.61
CA ASN B 342 19.24 -31.50 -19.00
C ASN B 342 19.77 -32.45 -20.05
N GLY B 343 20.75 -31.98 -20.82
CA GLY B 343 21.24 -32.72 -21.96
C GLY B 343 20.16 -32.85 -23.01
N ASP B 344 19.74 -34.08 -23.29
CA ASP B 344 18.66 -34.30 -24.24
C ASP B 344 17.31 -34.04 -23.59
N GLU B 345 17.13 -34.51 -22.36
CA GLU B 345 15.82 -34.51 -21.73
C GLU B 345 15.36 -33.09 -21.40
N LYS B 346 14.07 -32.86 -21.66
CA LYS B 346 13.29 -31.75 -21.14
C LYS B 346 12.30 -32.26 -20.11
N SER B 347 12.14 -31.55 -19.00
CA SER B 347 11.10 -31.92 -18.05
C SER B 347 10.40 -30.69 -17.50
N PHE B 348 9.20 -30.90 -17.03
CA PHE B 348 8.41 -29.88 -16.38
C PHE B 348 8.47 -30.08 -14.87
N PRO B 349 8.02 -29.10 -14.08
CA PRO B 349 8.15 -29.25 -12.63
C PRO B 349 7.45 -30.49 -12.12
N GLN B 350 8.02 -31.07 -11.08
CA GLN B 350 7.47 -32.26 -10.46
C GLN B 350 6.62 -31.95 -9.24
N SER B 351 6.74 -30.74 -8.68
CA SER B 351 6.00 -30.37 -7.49
C SER B 351 5.79 -28.87 -7.46
N PHE B 352 4.88 -28.44 -6.58
CA PHE B 352 4.62 -27.02 -6.44
C PHE B 352 4.09 -26.74 -5.05
N SER B 353 4.17 -25.47 -4.66
N SER B 353 4.21 -25.47 -4.63
CA SER B 353 3.52 -24.95 -3.47
CA SER B 353 3.49 -24.98 -3.48
C SER B 353 2.88 -23.64 -3.85
C SER B 353 2.83 -23.66 -3.90
N THR B 354 1.73 -23.33 -3.23
CA THR B 354 1.03 -22.08 -3.49
C THR B 354 0.60 -21.40 -2.20
N ASP B 355 1.12 -21.81 -1.06
CA ASP B 355 0.77 -21.19 0.20
C ASP B 355 2.07 -20.75 0.83
N TYR B 356 2.25 -19.43 0.93
CA TYR B 356 3.48 -18.84 1.48
C TYR B 356 3.75 -19.33 2.92
N ASN B 357 2.70 -19.55 3.72
CA ASN B 357 2.93 -20.01 5.10
C ASN B 357 3.43 -21.45 5.13
N ASP B 358 2.90 -22.29 4.25
CA ASP B 358 3.41 -23.66 4.22
C ASP B 358 4.82 -23.67 3.68
N PHE B 359 5.13 -22.75 2.76
CA PHE B 359 6.46 -22.72 2.14
C PHE B 359 7.54 -22.29 3.12
N VAL B 360 7.33 -21.16 3.79
CA VAL B 360 8.33 -20.65 4.70
C VAL B 360 8.33 -21.45 6.00
N GLY B 361 7.15 -21.83 6.46
CA GLY B 361 7.02 -22.59 7.70
C GLY B 361 7.71 -21.89 8.85
N THR B 362 8.48 -22.66 9.60
CA THR B 362 9.23 -22.14 10.72
C THR B 362 10.44 -21.32 10.31
N GLY B 363 10.74 -21.25 9.04
CA GLY B 363 11.94 -20.61 8.58
C GLY B 363 11.74 -19.16 8.22
N THR B 364 12.53 -18.70 7.25
CA THR B 364 12.45 -17.36 6.69
C THR B 364 12.35 -17.47 5.19
N LEU B 365 12.13 -16.34 4.52
CA LEU B 365 12.15 -16.43 3.07
C LEU B 365 13.54 -16.77 2.56
N GLU B 366 14.60 -16.33 3.24
CA GLU B 366 15.95 -16.65 2.78
C GLU B 366 16.28 -18.12 3.03
N HIS B 367 15.61 -18.71 4.00
CA HIS B 367 15.83 -20.09 4.43
C HIS B 367 14.49 -20.75 4.74
N PRO B 368 13.70 -21.09 3.73
CA PRO B 368 12.33 -21.56 3.98
C PRO B 368 12.29 -23.03 4.40
N ALA B 369 11.50 -23.32 5.43
CA ALA B 369 11.50 -24.69 5.98
C ALA B 369 10.81 -25.68 5.05
N GLY B 370 9.90 -25.19 4.21
CA GLY B 370 9.19 -26.06 3.28
C GLY B 370 9.68 -25.93 1.84
N GLY B 371 10.87 -25.36 1.62
CA GLY B 371 11.29 -25.07 0.26
C GLY B 371 11.72 -26.29 -0.53
N SER B 372 12.16 -27.34 0.15
CA SER B 372 12.64 -28.55 -0.52
C SER B 372 11.48 -29.48 -0.85
N ASN B 373 10.53 -29.64 0.07
CA ASN B 373 9.43 -30.60 -0.05
C ASN B 373 8.12 -29.85 -0.27
N LEU B 374 7.88 -29.42 -1.50
CA LEU B 374 6.66 -28.69 -1.82
C LEU B 374 5.45 -29.61 -1.67
N ASN B 375 4.33 -29.03 -1.23
CA ASN B 375 3.23 -29.87 -0.74
C ASN B 375 2.15 -30.16 -1.78
N ASN B 376 2.29 -29.66 -2.99
CA ASN B 376 1.35 -29.89 -4.07
C ASN B 376 -0.09 -29.60 -3.66
N LYS B 377 -0.25 -28.57 -2.82
CA LYS B 377 -1.55 -28.10 -2.38
C LYS B 377 -1.94 -26.84 -3.14
N LEU B 378 -3.07 -26.87 -3.83
CA LEU B 378 -3.61 -25.66 -4.44
C LEU B 378 -4.35 -24.84 -3.37
N ASN B 379 -3.88 -23.61 -3.16
CA ASN B 379 -4.45 -22.75 -2.14
C ASN B 379 -5.86 -22.35 -2.54
N ARG B 380 -6.80 -22.48 -1.60
CA ARG B 380 -8.16 -22.06 -1.88
C ARG B 380 -8.28 -20.54 -1.93
N LYS B 381 -7.28 -19.84 -1.38
CA LYS B 381 -7.24 -18.40 -1.28
C LYS B 381 -5.98 -17.88 -1.96
N GLY B 382 -5.97 -16.55 -2.20
CA GLY B 382 -4.74 -15.83 -2.40
C GLY B 382 -4.03 -15.55 -1.08
N PRO B 383 -2.88 -14.89 -1.18
CA PRO B 383 -2.24 -14.35 -2.40
C PRO B 383 -1.65 -15.43 -3.30
N GLY B 384 -1.37 -15.03 -4.53
CA GLY B 384 -0.85 -15.92 -5.55
C GLY B 384 0.63 -16.14 -5.42
N PHE B 385 1.06 -16.65 -4.28
CA PHE B 385 2.41 -17.12 -4.15
C PHE B 385 2.57 -18.42 -4.94
N PHE B 386 3.74 -18.61 -5.55
CA PHE B 386 4.04 -19.89 -6.18
C PHE B 386 5.47 -20.30 -5.92
N ALA B 387 5.66 -21.62 -5.85
CA ALA B 387 6.96 -22.29 -5.85
C ALA B 387 6.83 -23.47 -6.78
N LEU B 388 7.78 -23.60 -7.72
CA LEU B 388 7.81 -24.72 -8.66
C LEU B 388 9.09 -25.50 -8.42
N GLY B 389 8.97 -26.82 -8.25
CA GLY B 389 10.13 -27.62 -7.92
C GLY B 389 10.44 -28.63 -9.00
N ALA B 390 11.73 -28.83 -9.23
CA ALA B 390 12.22 -29.89 -10.12
C ALA B 390 13.59 -30.40 -9.73
N PRO B 391 13.80 -31.73 -9.76
CA PRO B 391 15.13 -32.29 -9.52
C PRO B 391 15.91 -32.43 -10.82
N PHE B 392 17.24 -32.39 -10.69
CA PHE B 392 18.12 -32.65 -11.82
C PHE B 392 19.50 -33.05 -11.31
N THR B 393 20.13 -33.94 -12.06
CA THR B 393 21.53 -34.30 -11.84
C THR B 393 22.34 -33.62 -12.92
N VAL B 394 23.42 -32.94 -12.53
CA VAL B 394 24.28 -32.27 -13.49
C VAL B 394 25.68 -32.86 -13.37
N GLU B 395 26.19 -33.33 -14.49
CA GLU B 395 27.46 -34.06 -14.50
C GLU B 395 28.63 -33.08 -14.48
N PRO B 396 29.82 -33.57 -14.17
CA PRO B 396 30.97 -32.64 -14.10
C PRO B 396 31.15 -31.90 -15.42
N GLY B 397 31.36 -30.60 -15.34
CA GLY B 397 31.51 -29.77 -16.53
C GLY B 397 30.26 -29.54 -17.34
N LYS B 398 29.11 -30.05 -16.93
CA LYS B 398 27.90 -29.93 -17.72
C LYS B 398 27.04 -28.78 -17.19
N THR B 399 26.06 -28.40 -17.99
CA THR B 399 25.16 -27.32 -17.65
C THR B 399 23.73 -27.80 -17.76
N VAL B 400 22.90 -27.48 -16.76
CA VAL B 400 21.45 -27.60 -16.85
C VAL B 400 20.86 -26.20 -17.01
N ILE B 401 19.87 -26.07 -17.89
CA ILE B 401 19.20 -24.81 -18.19
C ILE B 401 17.75 -24.90 -17.73
N ILE B 402 17.32 -23.95 -16.89
CA ILE B 402 15.91 -23.86 -16.49
C ILE B 402 15.34 -22.55 -17.03
N ASP B 403 14.37 -22.67 -17.93
CA ASP B 403 13.72 -21.52 -18.56
C ASP B 403 12.39 -21.32 -17.86
N THR B 404 12.16 -20.13 -17.33
CA THR B 404 10.90 -19.79 -16.72
C THR B 404 10.16 -18.78 -17.59
N PHE B 405 8.84 -18.94 -17.65
CA PHE B 405 7.96 -18.04 -18.39
C PHE B 405 6.85 -17.58 -17.45
N THR B 406 6.77 -16.27 -17.21
CA THR B 406 5.82 -15.67 -16.29
C THR B 406 5.09 -14.61 -17.10
N GLY B 407 3.77 -14.55 -17.00
CA GLY B 407 3.07 -13.56 -17.79
C GLY B 407 1.57 -13.52 -17.61
N LEU B 408 0.93 -12.93 -18.61
CA LEU B 408 -0.48 -12.58 -18.55
C LEU B 408 -1.04 -12.49 -19.96
N SER B 409 -2.22 -13.09 -20.15
CA SER B 409 -3.04 -12.93 -21.35
C SER B 409 -4.18 -11.99 -21.00
N SER B 410 -4.77 -11.36 -22.03
CA SER B 410 -5.70 -10.31 -21.70
C SER B 410 -6.79 -10.09 -22.75
N SER B 411 -7.96 -9.69 -22.26
CA SER B 411 -9.05 -9.22 -23.11
C SER B 411 -8.65 -7.97 -23.90
N LYS B 412 -7.66 -7.20 -23.41
CA LYS B 412 -7.28 -6.00 -24.13
C LYS B 412 -6.73 -6.31 -25.51
N ASP B 413 -6.35 -7.55 -25.78
CA ASP B 413 -5.85 -7.94 -27.09
C ASP B 413 -6.65 -9.08 -27.72
N ASN B 414 -7.81 -9.42 -27.17
CA ASN B 414 -8.55 -10.60 -27.64
C ASN B 414 -10.04 -10.38 -27.42
N GLU B 415 -10.82 -10.52 -28.47
CA GLU B 415 -12.27 -10.53 -28.28
C GLU B 415 -12.71 -11.86 -27.69
N ASN B 416 -13.94 -11.88 -27.17
CA ASN B 416 -14.53 -13.09 -26.62
C ASN B 416 -13.56 -13.76 -25.66
N TYR B 417 -13.08 -12.96 -24.70
CA TYR B 417 -11.99 -13.38 -23.85
C TYR B 417 -12.48 -14.32 -22.76
N SER B 418 -11.67 -15.34 -22.46
CA SER B 418 -11.80 -16.14 -21.24
C SER B 418 -10.44 -16.77 -20.94
N ASP B 419 -10.38 -17.45 -19.80
CA ASP B 419 -9.12 -18.11 -19.50
C ASP B 419 -8.72 -19.14 -20.55
N ALA B 420 -9.67 -19.57 -21.40
CA ALA B 420 -9.32 -20.44 -22.51
C ALA B 420 -8.39 -19.77 -23.52
N VAL B 421 -8.54 -18.45 -23.70
CA VAL B 421 -7.60 -17.70 -24.53
C VAL B 421 -6.20 -17.77 -23.95
N MET B 422 -6.06 -17.62 -22.63
CA MET B 422 -4.73 -17.70 -22.05
C MET B 422 -4.12 -19.06 -22.30
N LEU B 423 -4.91 -20.15 -22.17
CA LEU B 423 -4.35 -21.49 -22.31
C LEU B 423 -3.84 -21.73 -23.73
N ARG B 424 -4.56 -21.21 -24.73
CA ARG B 424 -4.07 -21.30 -26.10
C ARG B 424 -2.81 -20.48 -26.33
N GLU B 425 -2.78 -19.25 -25.80
CA GLU B 425 -1.60 -18.39 -25.98
C GLU B 425 -0.39 -18.96 -25.26
N LEU B 426 -0.61 -19.56 -24.08
CA LEU B 426 0.50 -20.18 -23.38
C LEU B 426 1.04 -21.35 -24.18
N ASP B 427 0.16 -22.14 -24.78
CA ASP B 427 0.62 -23.24 -25.63
C ASP B 427 1.44 -22.72 -26.80
N ASN B 428 0.99 -21.62 -27.43
CA ASN B 428 1.75 -21.02 -28.52
C ASN B 428 3.13 -20.61 -28.03
N LEU B 429 3.19 -19.97 -26.86
CA LEU B 429 4.46 -19.55 -26.30
C LEU B 429 5.37 -20.73 -26.01
N LEU B 430 4.86 -21.74 -25.32
CA LEU B 430 5.73 -22.86 -24.98
C LEU B 430 6.18 -23.62 -26.24
N ARG B 431 5.36 -23.68 -27.29
CA ARG B 431 5.85 -24.37 -28.49
C ARG B 431 6.93 -23.57 -29.19
N TYR B 432 6.78 -22.24 -29.18
CA TYR B 432 7.79 -21.39 -29.79
C TYR B 432 9.13 -21.60 -29.13
N PHE B 433 9.15 -21.73 -27.80
CA PHE B 433 10.38 -21.83 -27.03
C PHE B 433 10.69 -23.29 -26.66
N GLU B 434 10.20 -24.24 -27.47
CA GLU B 434 10.49 -25.65 -27.21
C GLU B 434 11.97 -25.95 -27.34
N LYS B 435 12.62 -25.43 -28.39
CA LYS B 435 14.04 -25.69 -28.58
C LYS B 435 14.87 -24.72 -27.74
N SER B 436 15.94 -25.25 -27.16
CA SER B 436 16.75 -24.47 -26.25
C SER B 436 17.30 -23.21 -26.91
N GLU B 437 17.74 -23.31 -28.17
CA GLU B 437 18.37 -22.16 -28.81
C GLU B 437 17.40 -21.02 -29.10
N SER B 438 16.07 -21.27 -29.03
CA SER B 438 15.08 -20.24 -29.28
C SER B 438 15.19 -19.08 -28.28
N VAL B 439 15.57 -19.39 -27.06
CA VAL B 439 15.74 -18.35 -26.04
C VAL B 439 16.90 -17.43 -26.39
N GLU B 440 18.04 -18.03 -26.73
CA GLU B 440 19.21 -17.26 -27.11
C GLU B 440 18.94 -16.47 -28.37
N GLU B 441 18.21 -17.06 -29.31
CA GLU B 441 17.98 -16.32 -30.54
C GLU B 441 17.09 -15.11 -30.31
N THR B 442 16.11 -15.25 -29.42
CA THR B 442 15.21 -14.14 -29.09
C THR B 442 15.97 -13.02 -28.37
N LEU B 443 16.85 -13.38 -27.44
CA LEU B 443 17.69 -12.37 -26.82
C LEU B 443 18.52 -11.64 -27.87
N ASN B 444 19.11 -12.39 -28.80
CA ASN B 444 19.91 -11.75 -29.83
C ASN B 444 19.06 -10.83 -30.67
N GLU B 445 17.80 -11.22 -30.94
CA GLU B 445 16.87 -10.38 -31.67
C GLU B 445 16.63 -9.07 -30.93
N ILE B 446 16.47 -9.14 -29.60
CA ILE B 446 16.31 -7.92 -28.81
C ILE B 446 17.58 -7.07 -28.92
N ILE B 447 18.72 -7.69 -28.69
CA ILE B 447 19.98 -6.94 -28.76
C ILE B 447 20.07 -6.23 -30.11
N ASN B 448 19.79 -6.96 -31.18
CA ASN B 448 19.95 -6.39 -32.51
C ASN B 448 18.92 -5.31 -32.77
N PHE B 449 17.70 -5.47 -32.26
CA PHE B 449 16.68 -4.44 -32.46
C PHE B 449 17.16 -3.11 -31.86
N HIS B 450 17.66 -3.12 -30.63
CA HIS B 450 18.11 -1.87 -30.03
C HIS B 450 19.37 -1.37 -30.70
N GLU B 451 20.26 -2.27 -31.12
CA GLU B 451 21.45 -1.84 -31.82
C GLU B 451 21.07 -1.12 -33.11
N ASN B 452 20.10 -1.66 -33.84
CA ASN B 452 19.71 -1.04 -35.08
C ASN B 452 18.92 0.24 -34.85
N TYR B 453 18.03 0.25 -33.86
CA TYR B 453 17.32 1.47 -33.47
C TYR B 453 18.26 2.65 -33.23
N GLY B 454 19.38 2.42 -32.54
CA GLY B 454 20.25 3.54 -32.18
C GLY B 454 21.05 4.12 -33.33
N LYS B 455 21.01 3.50 -34.51
CA LYS B 455 21.85 3.98 -35.60
C LYS B 455 21.40 5.32 -36.17
N TYR B 456 20.22 5.82 -35.79
CA TYR B 456 19.84 7.15 -36.25
C TYR B 456 20.97 8.16 -36.03
N PHE B 457 21.58 8.16 -34.84
CA PHE B 457 22.65 9.13 -34.53
C PHE B 457 23.70 8.43 -33.69
N GLN B 458 24.95 8.42 -34.16
CA GLN B 458 26.02 7.72 -33.46
C GLN B 458 27.25 8.61 -33.30
N PHE B 459 27.54 8.99 -32.06
CA PHE B 459 28.80 9.69 -31.79
C PHE B 459 29.96 8.71 -31.95
N ASN B 460 31.11 9.22 -32.39
CA ASN B 460 32.35 8.42 -32.37
C ASN B 460 33.47 9.36 -31.91
N THR B 461 33.65 9.44 -30.60
CA THR B 461 34.56 10.40 -30.00
C THR B 461 35.73 9.74 -29.28
N GLY B 462 35.79 8.43 -29.22
CA GLY B 462 36.83 7.79 -28.44
C GLY B 462 36.66 7.87 -26.93
N ASN B 463 35.76 8.73 -26.42
CA ASN B 463 35.28 8.58 -25.05
C ASN B 463 34.15 7.56 -25.14
N LYS B 464 34.50 6.27 -24.91
CA LYS B 464 33.53 5.20 -25.06
C LYS B 464 32.43 5.29 -24.00
N LEU B 465 32.70 5.86 -22.83
CA LEU B 465 31.64 6.02 -21.84
C LEU B 465 30.59 7.00 -22.34
N PHE B 466 31.04 8.11 -22.95
CA PHE B 466 30.10 9.05 -23.57
C PHE B 466 29.43 8.43 -24.78
N ASP B 467 30.22 7.79 -25.66
CA ASP B 467 29.64 7.22 -26.87
C ASP B 467 28.56 6.19 -26.54
N SER B 468 28.88 5.25 -25.65
CA SER B 468 27.86 4.26 -25.28
C SER B 468 26.74 4.90 -24.49
N GLY B 469 27.07 5.84 -23.60
CA GLY B 469 26.02 6.48 -22.83
C GLY B 469 24.96 7.12 -23.70
N PHE B 470 25.39 7.72 -24.80
CA PHE B 470 24.46 8.39 -25.69
C PHE B 470 23.88 7.41 -26.70
N ASN B 471 24.77 6.73 -27.41
CA ASN B 471 24.35 5.94 -28.55
C ASN B 471 23.47 4.79 -28.15
N ARG B 472 23.71 4.22 -26.99
CA ARG B 472 22.97 3.06 -26.51
C ARG B 472 22.03 3.40 -25.36
N ASN B 473 22.57 3.87 -24.25
CA ASN B 473 21.75 3.98 -23.05
C ASN B 473 20.71 5.10 -23.15
N LEU B 474 21.10 6.27 -23.62
CA LEU B 474 20.11 7.35 -23.73
C LEU B 474 19.10 7.06 -24.83
N ALA B 475 19.54 6.42 -25.93
CA ALA B 475 18.62 6.05 -26.99
C ALA B 475 17.57 5.09 -26.46
N PHE B 476 17.97 4.14 -25.64
CA PHE B 476 17.01 3.21 -25.06
C PHE B 476 16.05 3.93 -24.12
N GLN B 477 16.56 4.84 -23.29
CA GLN B 477 15.71 5.46 -22.30
C GLN B 477 14.65 6.32 -22.96
N VAL B 478 15.01 7.00 -24.05
CA VAL B 478 13.99 7.77 -24.77
C VAL B 478 12.97 6.86 -25.48
N LEU B 479 13.40 5.71 -25.98
N LEU B 479 13.39 5.70 -25.97
CA LEU B 479 12.46 4.70 -26.45
CA LEU B 479 12.41 4.72 -26.45
C LEU B 479 11.51 4.27 -25.33
C LEU B 479 11.49 4.27 -25.33
N TYR B 480 12.07 3.91 -24.18
CA TYR B 480 11.28 3.45 -23.04
C TYR B 480 10.23 4.49 -22.66
N GLN B 481 10.63 5.76 -22.62
CA GLN B 481 9.73 6.81 -22.16
C GLN B 481 8.68 7.17 -23.19
N THR B 482 8.93 6.90 -24.46
CA THR B 482 7.89 7.10 -25.47
C THR B 482 6.70 6.18 -25.21
N PHE B 483 6.96 5.00 -24.70
CA PHE B 483 5.86 4.08 -24.40
C PHE B 483 5.29 4.29 -23.02
N MET B 484 6.15 4.52 -22.04
CA MET B 484 5.82 4.47 -20.63
C MET B 484 5.63 5.83 -20.01
N SER B 485 5.97 6.90 -20.71
CA SER B 485 5.78 8.24 -20.18
C SER B 485 6.49 8.30 -18.85
N ARG B 486 5.80 8.58 -17.75
CA ARG B 486 6.38 8.65 -16.43
C ARG B 486 5.69 7.64 -15.50
N SER B 487 5.22 6.53 -16.04
CA SER B 487 4.25 5.70 -15.34
C SER B 487 4.84 4.51 -14.58
N PHE B 488 6.07 4.09 -14.86
CA PHE B 488 6.52 2.85 -14.22
C PHE B 488 8.03 2.76 -14.12
N GLY B 489 8.54 2.73 -12.89
CA GLY B 489 9.94 2.55 -12.63
C GLY B 489 10.15 1.96 -11.25
N GLN B 490 11.34 2.20 -10.70
CA GLN B 490 11.61 1.67 -9.36
C GLN B 490 10.65 2.25 -8.30
N THR B 491 10.48 3.60 -8.32
CA THR B 491 9.62 4.28 -7.35
C THR B 491 8.37 4.90 -7.98
N GLN B 492 8.26 4.88 -9.29
CA GLN B 492 7.01 5.23 -9.97
C GLN B 492 6.21 3.92 -10.03
N LYS B 493 5.23 3.78 -9.12
CA LYS B 493 4.46 2.53 -8.99
C LYS B 493 2.96 2.68 -9.06
N GLY B 494 2.42 3.89 -8.99
CA GLY B 494 0.98 4.08 -8.94
C GLY B 494 0.40 4.60 -10.24
N TYR B 495 -0.94 4.63 -10.28
N TYR B 495 -0.90 4.88 -10.17
CA TYR B 495 -1.66 4.70 -11.56
CA TYR B 495 -1.43 6.16 -10.63
C TYR B 495 -1.50 6.11 -12.16
C TYR B 495 -1.51 6.34 -12.14
N ARG B 496 -0.38 6.30 -12.86
CA ARG B 496 -0.20 7.27 -13.93
C ARG B 496 -0.67 6.83 -15.29
N GLU B 497 -1.53 7.65 -15.89
CA GLU B 497 -1.91 7.49 -17.29
C GLU B 497 -0.80 7.99 -18.19
N ILE B 498 -1.16 8.80 -19.18
CA ILE B 498 -0.21 9.40 -20.11
C ILE B 498 -0.56 10.88 -20.19
N GLY B 499 0.36 11.74 -19.78
CA GLY B 499 0.06 13.17 -19.78
C GLY B 499 0.12 13.71 -21.20
N PHE B 500 -0.83 14.60 -21.52
CA PHE B 500 -0.81 15.15 -22.86
C PHE B 500 0.58 15.73 -23.15
N ARG B 501 1.18 16.42 -22.19
CA ARG B 501 2.42 17.12 -22.48
C ARG B 501 3.65 16.21 -22.56
N GLU B 502 3.55 14.95 -22.17
CA GLU B 502 4.68 14.04 -22.37
C GLU B 502 4.78 13.56 -23.82
N ILE B 503 3.98 14.14 -24.72
CA ILE B 503 4.22 14.11 -26.16
C ILE B 503 5.65 14.61 -26.40
N GLN B 504 6.22 15.32 -25.41
CA GLN B 504 7.63 15.72 -25.48
C GLN B 504 8.56 14.55 -25.79
N ASP B 505 8.29 13.39 -25.22
CA ASP B 505 9.22 12.28 -25.41
C ASP B 505 9.36 11.94 -26.90
N LEU B 506 8.24 12.02 -27.65
CA LEU B 506 8.29 11.79 -29.08
C LEU B 506 9.08 12.85 -29.82
N PHE B 507 9.34 14.03 -29.21
CA PHE B 507 10.15 15.02 -29.90
C PHE B 507 11.51 14.44 -30.26
N ALA B 508 12.08 13.62 -29.38
CA ALA B 508 13.37 13.02 -29.61
C ALA B 508 13.27 11.66 -30.31
N SER B 509 12.33 10.80 -29.86
CA SER B 509 12.34 9.44 -30.38
C SER B 509 11.75 9.35 -31.79
N MET B 510 10.96 10.33 -32.25
CA MET B 510 10.34 10.13 -33.56
C MET B 510 11.40 9.84 -34.62
N TYR B 511 12.55 10.51 -34.57
CA TYR B 511 13.55 10.34 -35.63
C TYR B 511 14.06 8.92 -35.63
N TYR B 512 14.27 8.36 -34.42
CA TYR B 512 14.69 6.96 -34.31
C TYR B 512 13.66 6.00 -34.91
N PHE B 513 12.38 6.18 -34.58
CA PHE B 513 11.36 5.30 -35.12
C PHE B 513 11.24 5.41 -36.63
N ILE B 514 11.29 6.63 -37.16
CA ILE B 514 11.17 6.81 -38.60
C ILE B 514 12.30 6.08 -39.30
N ASN B 515 13.50 6.10 -38.74
CA ASN B 515 14.67 5.54 -39.39
C ASN B 515 14.84 4.03 -39.18
N ILE B 516 13.87 3.38 -38.56
CA ILE B 516 13.79 1.92 -38.64
C ILE B 516 12.44 1.52 -39.27
N GLY B 517 11.86 2.42 -40.07
CA GLY B 517 10.69 2.08 -40.87
C GLY B 517 9.38 2.17 -40.15
N TYR B 518 9.32 2.87 -39.03
CA TYR B 518 8.09 3.01 -38.27
C TYR B 518 7.53 4.43 -38.28
N GLN B 519 7.67 5.12 -39.41
CA GLN B 519 6.97 6.39 -39.60
C GLN B 519 5.48 6.27 -39.32
N ASP B 520 4.86 5.15 -39.70
CA ASP B 520 3.42 5.04 -39.49
C ASP B 520 3.07 5.01 -38.01
N PHE B 521 3.93 4.41 -37.19
CA PHE B 521 3.73 4.40 -35.74
C PHE B 521 3.79 5.81 -35.17
N VAL B 522 4.75 6.60 -35.60
CA VAL B 522 4.82 8.00 -35.17
C VAL B 522 3.52 8.74 -35.52
N LYS B 523 3.00 8.51 -36.73
CA LYS B 523 1.74 9.17 -37.10
C LYS B 523 0.62 8.71 -36.19
N GLU B 524 0.56 7.39 -35.92
CA GLU B 524 -0.47 6.88 -35.03
C GLU B 524 -0.41 7.56 -33.67
N LEU B 525 0.80 7.81 -33.17
CA LEU B 525 0.92 8.53 -31.91
C LEU B 525 0.44 9.98 -32.04
N LEU B 526 0.84 10.65 -33.12
CA LEU B 526 0.35 12.02 -33.35
C LEU B 526 -1.16 12.04 -33.43
N PHE B 527 -1.74 11.19 -34.27
CA PHE B 527 -3.19 11.20 -34.41
C PHE B 527 -3.86 10.91 -33.08
N GLU B 528 -3.24 10.05 -32.25
CA GLU B 528 -3.82 9.69 -30.96
C GLU B 528 -3.85 10.88 -30.02
N TRP B 529 -2.78 11.68 -29.99
CA TRP B 529 -2.85 12.91 -29.24
C TRP B 529 -3.82 13.88 -29.91
N THR B 530 -3.79 13.97 -31.24
CA THR B 530 -4.69 14.91 -31.89
C THR B 530 -6.13 14.62 -31.48
N ALA B 531 -6.46 13.35 -31.26
CA ALA B 531 -7.83 12.97 -30.95
C ALA B 531 -8.23 13.36 -29.54
N ASN B 532 -7.29 13.86 -28.74
CA ASN B 532 -7.59 14.34 -27.39
C ASN B 532 -7.64 15.85 -27.33
N VAL B 533 -7.73 16.50 -28.49
CA VAL B 533 -7.95 17.95 -28.59
C VAL B 533 -9.44 18.16 -28.87
N TYR B 534 -10.05 19.05 -28.12
CA TYR B 534 -11.45 19.38 -28.31
C TYR B 534 -11.61 20.32 -29.50
N LYS B 535 -12.87 20.56 -29.90
CA LYS B 535 -13.12 21.41 -31.05
C LYS B 535 -12.60 22.83 -30.81
N MET B 536 -12.75 23.33 -29.59
CA MET B 536 -12.39 24.71 -29.30
C MET B 536 -10.89 24.92 -29.13
N GLY B 537 -10.08 23.86 -29.10
CA GLY B 537 -8.63 24.03 -29.07
C GLY B 537 -7.92 23.61 -27.80
N TYR B 538 -8.64 23.32 -26.70
CA TYR B 538 -8.00 22.84 -25.48
C TYR B 538 -7.93 21.32 -25.52
N ALA B 539 -7.31 20.71 -24.51
CA ALA B 539 -7.01 19.28 -24.56
C ALA B 539 -7.25 18.58 -23.24
N ASN B 540 -7.57 17.28 -23.32
CA ASN B 540 -7.61 16.44 -22.13
C ASN B 540 -6.24 16.39 -21.50
N HIS B 541 -6.13 16.78 -20.22
CA HIS B 541 -4.80 16.79 -19.62
C HIS B 541 -4.16 15.41 -19.57
N ASN B 542 -4.98 14.36 -19.52
CA ASN B 542 -4.51 12.99 -19.41
C ASN B 542 -5.37 12.07 -20.27
N PHE B 543 -4.79 10.94 -20.69
CA PHE B 543 -5.53 9.93 -21.44
C PHE B 543 -4.79 8.59 -21.36
N TYR B 544 -5.55 7.49 -21.25
CA TYR B 544 -4.94 6.17 -21.39
C TYR B 544 -5.75 5.31 -22.36
N TRP B 545 -6.78 4.60 -21.89
CA TRP B 545 -7.80 4.11 -22.82
C TRP B 545 -8.75 5.23 -23.23
N VAL B 546 -9.04 6.16 -22.32
CA VAL B 546 -9.88 7.32 -22.60
C VAL B 546 -9.24 8.58 -22.04
N GLY B 547 -9.56 9.74 -22.67
CA GLY B 547 -9.03 11.01 -22.24
C GLY B 547 -9.85 11.66 -21.16
N LYS B 548 -9.22 12.58 -20.41
CA LYS B 548 -9.88 13.19 -19.26
C LYS B 548 -9.21 14.51 -18.94
N GLN B 549 -9.87 15.30 -18.06
CA GLN B 549 -9.39 16.56 -17.51
C GLN B 549 -9.35 17.63 -18.57
N PRO B 550 -10.52 17.92 -19.15
CA PRO B 550 -10.62 18.72 -20.39
C PRO B 550 -10.23 20.19 -20.18
N GLY B 551 -9.21 20.61 -20.92
CA GLY B 551 -8.62 21.93 -20.73
C GLY B 551 -8.18 22.25 -19.32
N LEU B 552 -7.88 21.23 -18.47
CA LEU B 552 -7.59 21.52 -17.07
C LEU B 552 -6.31 22.34 -16.96
N TYR B 553 -5.33 22.07 -17.81
CA TYR B 553 -4.06 22.78 -17.82
C TYR B 553 -3.88 23.52 -19.14
N SER B 554 -3.32 24.72 -19.06
CA SER B 554 -3.43 25.65 -20.15
C SER B 554 -2.38 25.45 -21.23
N ASP B 555 -1.30 24.77 -20.94
CA ASP B 555 -0.23 24.63 -21.93
C ASP B 555 -0.43 23.44 -22.86
N ASP B 556 -1.14 22.40 -22.43
CA ASP B 556 -1.16 21.08 -23.10
C ASP B 556 -1.21 21.12 -24.61
N SER B 557 -2.29 21.64 -25.18
CA SER B 557 -2.42 21.59 -26.63
C SER B 557 -1.21 22.15 -27.36
N LEU B 558 -0.57 23.17 -26.80
CA LEU B 558 0.44 23.88 -27.57
C LEU B 558 1.65 23.01 -27.83
N TRP B 559 1.91 22.05 -26.96
CA TRP B 559 3.04 21.14 -27.18
C TRP B 559 2.84 20.29 -28.44
N LEU B 560 1.60 20.05 -28.87
CA LEU B 560 1.38 19.18 -30.02
C LEU B 560 1.86 19.83 -31.29
N LEU B 561 1.85 21.16 -31.36
CA LEU B 561 2.41 21.81 -32.54
C LEU B 561 3.91 21.53 -32.65
N GLN B 562 4.60 21.34 -31.52
CA GLN B 562 6.02 21.00 -31.61
C GLN B 562 6.23 19.60 -32.16
N ALA B 563 5.37 18.66 -31.75
CA ALA B 563 5.41 17.31 -32.29
C ALA B 563 5.07 17.28 -33.79
N TYR B 564 3.99 17.95 -34.20
CA TYR B 564 3.66 18.02 -35.63
C TYR B 564 4.75 18.73 -36.43
N TYR B 565 5.28 19.82 -35.88
CA TYR B 565 6.34 20.55 -36.58
C TYR B 565 7.55 19.66 -36.80
N ARG B 566 8.00 19.01 -35.74
CA ARG B 566 9.15 18.12 -35.88
C ARG B 566 8.88 17.09 -36.98
N TYR B 567 7.70 16.47 -36.94
CA TYR B 567 7.40 15.41 -37.90
C TYR B 567 7.30 15.94 -39.32
N ILE B 568 6.57 17.05 -39.51
CA ILE B 568 6.33 17.51 -40.87
C ILE B 568 7.60 18.05 -41.50
N ILE B 569 8.41 18.79 -40.72
CA ILE B 569 9.65 19.31 -41.27
C ILE B 569 10.64 18.20 -41.59
N TYR B 570 10.70 17.16 -40.76
CA TYR B 570 11.64 16.07 -41.05
C TYR B 570 11.17 15.25 -42.24
N THR B 571 9.91 14.81 -42.23
CA THR B 571 9.41 13.90 -43.26
C THR B 571 9.01 14.62 -44.52
N LYS B 572 8.68 15.92 -44.43
CA LYS B 572 8.01 16.67 -45.48
C LYS B 572 6.65 16.07 -45.80
N ASP B 573 6.13 15.20 -44.93
CA ASP B 573 4.84 14.53 -45.14
C ASP B 573 3.73 15.43 -44.63
N THR B 574 3.24 16.31 -45.49
CA THR B 574 2.13 17.16 -45.10
C THR B 574 0.78 16.46 -45.10
N SER B 575 0.71 15.22 -45.61
CA SER B 575 -0.57 14.52 -45.70
C SER B 575 -1.30 14.46 -44.37
N VAL B 576 -0.56 14.41 -43.26
CA VAL B 576 -1.21 14.23 -41.97
C VAL B 576 -2.12 15.38 -41.66
N LEU B 577 -1.93 16.53 -42.34
CA LEU B 577 -2.80 17.67 -42.14
C LEU B 577 -4.22 17.40 -42.63
N ASN B 578 -4.38 16.46 -43.56
CA ASN B 578 -5.69 16.15 -44.11
C ASN B 578 -6.35 14.97 -43.44
N GLU B 579 -5.70 14.36 -42.46
CA GLU B 579 -6.31 13.23 -41.77
C GLU B 579 -7.54 13.70 -41.02
N GLU B 580 -8.63 12.93 -41.13
CA GLU B 580 -9.83 13.14 -40.35
C GLU B 580 -9.68 12.37 -39.04
N VAL B 581 -9.61 13.09 -37.92
CA VAL B 581 -9.35 12.47 -36.63
C VAL B 581 -10.46 12.82 -35.64
N PRO B 582 -10.88 11.87 -34.82
CA PRO B 582 -11.89 12.16 -33.79
C PRO B 582 -11.57 13.44 -33.03
N VAL B 583 -12.62 14.26 -32.79
CA VAL B 583 -12.52 15.34 -31.81
C VAL B 583 -12.82 14.78 -30.43
N ALA B 584 -12.16 15.32 -29.41
CA ALA B 584 -12.35 14.82 -28.05
C ALA B 584 -13.76 15.03 -27.54
N ASP B 585 -14.55 15.90 -28.20
CA ASP B 585 -15.93 16.15 -27.80
C ASP B 585 -16.83 14.94 -28.04
N GLY B 586 -16.41 13.99 -28.87
CA GLY B 586 -17.17 12.78 -29.08
C GLY B 586 -18.27 12.83 -30.13
N ASN B 587 -19.39 12.16 -29.83
CA ASN B 587 -20.53 12.05 -30.73
C ASN B 587 -20.11 11.78 -32.16
N ASN B 588 -19.07 10.97 -32.33
CA ASN B 588 -18.67 10.47 -33.64
C ASN B 588 -18.27 11.59 -34.61
N GLU B 589 -17.69 12.67 -34.10
CA GLU B 589 -17.26 13.77 -34.95
C GLU B 589 -15.74 13.76 -35.13
N LYS B 590 -15.31 14.04 -36.35
CA LYS B 590 -13.92 14.07 -36.75
C LYS B 590 -13.61 15.44 -37.32
N ARG B 591 -12.37 15.87 -37.15
CA ARG B 591 -11.90 17.13 -37.72
C ARG B 591 -10.57 16.87 -38.44
N ALA B 592 -10.36 17.58 -39.54
CA ALA B 592 -9.09 17.48 -40.22
C ALA B 592 -8.01 18.01 -39.30
N VAL B 593 -6.84 17.36 -39.33
CA VAL B 593 -5.75 17.78 -38.46
C VAL B 593 -5.49 19.26 -38.61
N ARG B 594 -5.45 19.74 -39.85
CA ARG B 594 -5.19 21.15 -40.11
C ARG B 594 -6.07 22.05 -39.28
N GLU B 595 -7.37 21.75 -39.21
CA GLU B 595 -8.28 22.64 -38.52
C GLU B 595 -8.18 22.49 -37.01
N THR B 596 -7.76 21.32 -36.53
CA THR B 596 -7.53 21.21 -35.08
C THR B 596 -6.28 21.99 -34.67
N LEU B 597 -5.25 22.02 -35.52
CA LEU B 597 -4.07 22.83 -35.22
C LEU B 597 -4.38 24.31 -35.33
N LYS B 598 -5.23 24.70 -36.28
CA LYS B 598 -5.73 26.07 -36.30
C LYS B 598 -6.56 26.37 -35.05
N ALA B 599 -7.35 25.39 -34.59
CA ALA B 599 -8.14 25.63 -33.38
C ALA B 599 -7.25 25.78 -32.16
N ILE B 600 -6.20 24.96 -32.03
CA ILE B 600 -5.32 25.03 -30.86
C ILE B 600 -4.79 26.44 -30.69
N ILE B 601 -4.36 27.05 -31.79
N ILE B 601 -4.32 27.06 -31.78
CA ILE B 601 -3.74 28.37 -31.75
CA ILE B 601 -3.74 28.38 -31.62
C ILE B 601 -4.78 29.43 -31.46
C ILE B 601 -4.83 29.40 -31.33
N GLN B 602 -6.01 29.24 -31.95
CA GLN B 602 -7.07 30.21 -31.72
C GLN B 602 -7.47 30.21 -30.25
N TYR B 603 -7.43 29.04 -29.59
CA TYR B 603 -7.80 28.97 -28.18
C TYR B 603 -6.86 29.82 -27.34
N SER B 604 -5.55 29.68 -27.58
CA SER B 604 -4.58 30.39 -26.75
C SER B 604 -4.26 31.79 -27.26
N ALA B 605 -4.54 32.06 -28.54
CA ALA B 605 -4.24 33.38 -29.09
C ALA B 605 -5.42 34.35 -29.11
N SER B 606 -6.66 33.88 -28.98
CA SER B 606 -7.79 34.80 -29.09
C SER B 606 -8.90 34.58 -28.07
N ILE B 607 -9.18 33.33 -27.71
CA ILE B 607 -10.28 33.01 -26.81
C ILE B 607 -9.80 33.06 -25.35
N SER B 608 -9.04 32.04 -24.95
CA SER B 608 -8.56 31.94 -23.57
C SER B 608 -7.33 32.83 -23.42
N VAL B 609 -7.57 34.15 -23.44
CA VAL B 609 -6.52 35.14 -23.23
C VAL B 609 -7.00 36.08 -22.13
N GLY B 610 -6.04 36.83 -21.57
CA GLY B 610 -6.28 37.77 -20.52
C GLY B 610 -6.22 39.21 -20.99
N ASP B 611 -6.03 40.12 -20.03
CA ASP B 611 -6.10 41.54 -20.36
C ASP B 611 -5.03 41.97 -21.37
N HIS B 612 -3.90 41.27 -21.43
CA HIS B 612 -2.82 41.67 -22.33
C HIS B 612 -2.79 40.87 -23.62
N GLY B 613 -3.83 40.09 -23.90
CA GLY B 613 -3.82 39.27 -25.09
C GLY B 613 -2.93 38.06 -24.99
N LEU B 614 -2.50 37.67 -23.77
CA LEU B 614 -1.65 36.49 -23.55
C LEU B 614 -2.50 35.33 -23.07
N PRO B 615 -2.05 34.09 -23.29
CA PRO B 615 -2.86 32.92 -22.88
C PRO B 615 -3.09 32.88 -21.39
N LEU B 616 -4.34 32.59 -21.00
CA LEU B 616 -4.65 32.46 -19.59
C LEU B 616 -3.90 31.27 -18.99
N LEU B 617 -3.57 31.42 -17.70
CA LEU B 617 -2.85 30.40 -16.96
C LEU B 617 -3.77 29.26 -16.56
N ASP B 618 -5.00 29.57 -16.18
CA ASP B 618 -5.98 28.57 -15.68
C ASP B 618 -5.41 27.94 -14.40
N LEU B 619 -5.76 26.68 -14.13
CA LEU B 619 -5.33 26.08 -12.87
C LEU B 619 -3.83 26.23 -12.71
N ALA B 620 -3.07 25.93 -13.79
CA ALA B 620 -1.62 25.97 -13.90
C ALA B 620 -1.27 25.74 -15.38
N ASP B 621 0.02 25.84 -15.70
CA ASP B 621 0.54 25.52 -17.03
C ASP B 621 1.54 24.39 -16.82
N TRP B 622 2.63 24.33 -17.60
CA TRP B 622 3.62 23.29 -17.41
C TRP B 622 4.08 23.18 -15.98
N ASN B 623 4.09 24.29 -15.24
CA ASN B 623 4.68 24.31 -13.91
C ASN B 623 3.62 23.89 -12.91
N ASP B 624 3.80 22.68 -12.35
CA ASP B 624 2.77 22.01 -11.56
C ASP B 624 2.22 22.89 -10.45
N SER B 625 3.01 23.86 -9.97
CA SER B 625 2.64 24.55 -8.74
C SER B 625 2.38 26.05 -8.89
N LEU B 626 2.11 26.55 -10.11
CA LEU B 626 1.65 27.93 -10.27
C LEU B 626 0.11 28.06 -10.15
N LYS B 627 -0.43 27.58 -9.03
CA LYS B 627 -1.86 27.67 -8.73
C LYS B 627 -2.19 29.07 -8.19
N ILE B 628 -1.93 30.06 -9.04
CA ILE B 628 -2.11 31.47 -8.66
C ILE B 628 -3.60 31.80 -8.55
N ASP B 629 -4.43 31.28 -9.46
CA ASP B 629 -5.82 31.64 -9.58
C ASP B 629 -6.66 30.55 -8.91
N SER B 630 -7.23 30.86 -7.75
CA SER B 630 -7.88 29.87 -6.91
C SER B 630 -9.26 29.45 -7.41
N ASN B 631 -9.85 30.23 -8.30
CA ASN B 631 -11.17 29.96 -8.87
C ASN B 631 -11.05 29.63 -10.36
N SER B 632 -10.00 28.91 -10.74
CA SER B 632 -9.82 28.59 -12.14
C SER B 632 -10.94 27.67 -12.61
N ILE B 633 -11.03 27.52 -13.93
CA ILE B 633 -11.98 26.60 -14.55
C ILE B 633 -11.28 25.89 -15.68
N ASP B 634 -11.71 24.64 -15.92
CA ASP B 634 -11.23 23.85 -17.05
C ASP B 634 -11.97 24.30 -18.32
N GLY B 635 -11.62 23.70 -19.46
CA GLY B 635 -12.09 24.19 -20.75
C GLY B 635 -13.55 23.92 -21.07
N ALA B 636 -14.15 22.90 -20.47
CA ALA B 636 -15.57 22.65 -20.68
C ALA B 636 -16.41 23.63 -19.88
N THR B 637 -16.00 23.94 -18.65
CA THR B 637 -16.68 24.98 -17.88
C THR B 637 -16.55 26.32 -18.61
N LYS B 638 -15.35 26.62 -19.11
CA LYS B 638 -15.12 27.83 -19.88
C LYS B 638 -15.94 27.86 -21.16
N GLU B 639 -16.06 26.70 -21.84
CA GLU B 639 -16.85 26.64 -23.07
C GLU B 639 -18.31 27.02 -22.81
N LYS B 640 -18.96 26.36 -21.84
CA LYS B 640 -20.36 26.67 -21.56
C LYS B 640 -20.55 28.12 -21.14
N LEU B 641 -19.58 28.69 -20.41
CA LEU B 641 -19.68 30.09 -20.03
C LEU B 641 -19.36 31.03 -21.19
N TYR B 642 -18.37 30.66 -21.99
CA TYR B 642 -18.01 31.49 -23.14
C TYR B 642 -19.20 31.69 -24.07
N TYR B 643 -19.94 30.62 -24.36
CA TYR B 643 -21.05 30.72 -25.30
C TYR B 643 -22.19 31.56 -24.72
N GLU B 644 -22.47 31.44 -23.42
CA GLU B 644 -23.50 32.30 -22.85
C GLU B 644 -23.00 33.74 -22.69
N GLN B 645 -21.69 33.94 -22.55
N GLN B 645 -21.68 33.94 -22.58
CA GLN B 645 -21.14 35.29 -22.65
CA GLN B 645 -21.15 35.30 -22.65
C GLN B 645 -21.41 35.87 -24.03
C GLN B 645 -21.38 35.89 -24.03
N LEU B 646 -21.21 35.08 -25.08
CA LEU B 646 -21.38 35.59 -26.44
C LEU B 646 -22.83 35.98 -26.70
N LYS B 647 -23.79 35.29 -26.08
CA LYS B 647 -25.19 35.68 -26.24
C LYS B 647 -25.55 36.82 -25.29
N LYS B 648 -24.89 36.91 -24.14
CA LYS B 648 -25.03 38.06 -23.26
C LYS B 648 -24.63 39.34 -23.99
N THR B 649 -23.51 39.31 -24.71
CA THR B 649 -22.93 40.52 -25.29
C THR B 649 -23.11 40.61 -26.81
N ASN B 650 -23.73 39.62 -27.45
CA ASN B 650 -23.94 39.64 -28.89
C ASN B 650 -22.64 39.49 -29.67
N GLY B 651 -21.64 38.83 -29.08
CA GLY B 651 -20.34 38.69 -29.72
C GLY B 651 -20.30 37.55 -30.72
N LYS B 652 -19.08 37.30 -31.21
CA LYS B 652 -18.85 36.28 -32.23
C LYS B 652 -17.77 35.31 -31.77
N TYR B 653 -17.92 34.04 -32.13
CA TYR B 653 -16.94 33.03 -31.78
C TYR B 653 -15.57 33.43 -32.29
N GLY B 654 -14.56 33.29 -31.43
CA GLY B 654 -13.25 33.87 -31.66
C GLY B 654 -12.99 35.10 -30.84
N ASP B 655 -14.04 35.70 -30.28
CA ASP B 655 -13.87 36.83 -29.37
C ASP B 655 -13.21 36.36 -28.08
N ARG B 656 -12.64 37.32 -27.38
CA ARG B 656 -11.99 37.05 -26.11
C ARG B 656 -13.00 36.67 -25.04
N PHE B 657 -12.74 35.55 -24.37
CA PHE B 657 -13.42 35.21 -23.14
C PHE B 657 -13.05 36.27 -22.12
N MET B 658 -14.02 37.07 -21.67
CA MET B 658 -13.76 38.18 -20.77
C MET B 658 -13.54 37.66 -19.36
N SER B 659 -12.42 38.04 -18.73
CA SER B 659 -12.15 37.62 -17.35
C SER B 659 -11.02 38.44 -16.76
N ASP B 660 -10.81 38.28 -15.45
N ASP B 660 -10.85 38.25 -15.44
CA ASP B 660 -9.65 38.88 -14.80
CA ASP B 660 -9.81 38.75 -14.57
C ASP B 660 -8.62 37.82 -14.42
C ASP B 660 -8.55 37.88 -14.55
N TYR B 661 -8.64 36.68 -15.11
CA TYR B 661 -7.72 35.62 -14.77
C TYR B 661 -6.30 36.00 -15.15
N SER B 662 -5.34 35.39 -14.46
N SER B 662 -5.34 35.39 -14.46
CA SER B 662 -3.93 35.63 -14.77
CA SER B 662 -3.92 35.61 -14.77
C SER B 662 -3.54 34.99 -16.11
C SER B 662 -3.55 35.02 -16.13
N GLU B 663 -2.41 35.45 -16.64
CA GLU B 663 -1.88 35.01 -17.92
C GLU B 663 -0.53 34.34 -17.74
N SER B 664 -0.25 33.33 -18.57
CA SER B 664 1.02 32.61 -18.55
C SER B 664 1.94 33.14 -19.65
N VAL B 665 3.07 33.73 -19.24
CA VAL B 665 4.06 34.12 -20.23
C VAL B 665 4.68 32.89 -20.88
N MET B 666 4.82 31.81 -20.13
N MET B 666 4.85 31.83 -20.10
CA MET B 666 5.36 30.61 -20.75
CA MET B 666 5.31 30.56 -20.66
C MET B 666 4.43 30.09 -21.85
C MET B 666 4.43 30.13 -21.84
N ASN B 667 3.10 30.13 -21.63
CA ASN B 667 2.19 29.70 -22.69
C ASN B 667 2.31 30.63 -23.89
N ALA B 668 2.53 31.93 -23.63
CA ALA B 668 2.72 32.86 -24.72
C ALA B 668 3.88 32.45 -25.60
N PHE B 669 4.98 32.02 -24.98
CA PHE B 669 6.13 31.60 -25.76
C PHE B 669 5.83 30.31 -26.51
N LEU B 670 5.17 29.38 -25.84
CA LEU B 670 4.72 28.14 -26.50
C LEU B 670 3.78 28.43 -27.66
N LEU B 671 2.86 29.37 -27.46
CA LEU B 671 1.95 29.75 -28.53
C LEU B 671 2.72 30.37 -29.69
N LYS B 672 3.58 31.34 -29.41
CA LYS B 672 4.33 32.01 -30.46
C LYS B 672 5.10 30.97 -31.26
N LEU B 673 5.78 30.05 -30.57
CA LEU B 673 6.46 28.96 -31.26
C LEU B 673 5.47 28.16 -32.08
N ALA B 674 4.37 27.78 -31.46
CA ALA B 674 3.32 27.05 -32.17
C ALA B 674 2.93 27.74 -33.46
N ILE B 675 2.75 29.08 -33.41
CA ILE B 675 2.24 29.77 -34.57
C ILE B 675 3.29 29.78 -35.67
N ASP B 676 4.55 30.01 -35.30
CA ASP B 676 5.60 29.95 -36.31
C ASP B 676 5.64 28.57 -36.93
N HIS B 677 5.52 27.54 -36.09
CA HIS B 677 5.49 26.17 -36.54
C HIS B 677 4.39 25.96 -37.58
N LEU B 678 3.17 26.38 -37.26
CA LEU B 678 2.07 26.24 -38.22
C LEU B 678 2.35 27.04 -39.49
N ALA B 679 2.98 28.20 -39.36
CA ALA B 679 3.25 28.98 -40.57
C ALA B 679 4.22 28.22 -41.47
N GLU B 680 5.25 27.62 -40.87
N GLU B 680 5.25 27.61 -40.89
CA GLU B 680 6.21 26.85 -41.65
CA GLU B 680 6.21 26.88 -41.71
C GLU B 680 5.55 25.64 -42.27
C GLU B 680 5.58 25.61 -42.27
N ILE B 681 4.68 24.98 -41.51
CA ILE B 681 3.96 23.81 -42.02
C ILE B 681 3.14 24.18 -43.25
N ALA B 682 2.33 25.23 -43.12
CA ALA B 682 1.50 25.69 -44.25
C ALA B 682 2.35 26.08 -45.45
N THR B 683 3.50 26.73 -45.24
CA THR B 683 4.38 27.05 -46.35
C THR B 683 4.79 25.77 -47.10
N LEU B 684 5.31 24.79 -46.36
CA LEU B 684 5.63 23.50 -46.98
C LEU B 684 4.41 22.87 -47.62
N ASP B 685 3.24 23.10 -47.06
CA ASP B 685 1.96 22.66 -47.62
C ASP B 685 1.48 23.54 -48.78
N ASN B 686 2.19 24.62 -49.08
CA ASN B 686 1.78 25.59 -50.12
C ASN B 686 0.37 26.12 -49.86
N ASP B 687 -0.06 26.10 -48.59
CA ASP B 687 -1.30 26.73 -48.16
C ASP B 687 -1.01 28.22 -47.97
N THR B 688 -1.30 29.03 -48.99
CA THR B 688 -0.90 30.43 -48.98
C THR B 688 -1.66 31.24 -47.93
N GLN B 689 -2.94 30.94 -47.72
CA GLN B 689 -3.73 31.68 -46.75
C GLN B 689 -3.25 31.43 -45.31
N LEU B 690 -3.03 30.17 -44.95
CA LEU B 690 -2.68 29.86 -43.56
C LEU B 690 -1.29 30.40 -43.21
N ALA B 691 -0.35 30.33 -44.15
CA ALA B 691 0.99 30.82 -43.88
C ALA B 691 1.00 32.33 -43.63
N GLN B 692 0.26 33.09 -44.45
CA GLN B 692 0.17 34.53 -44.23
C GLN B 692 -0.47 34.83 -42.88
N GLN B 693 -1.58 34.16 -42.58
CA GLN B 693 -2.33 34.42 -41.35
C GLN B 693 -1.47 34.18 -40.13
N MET B 694 -0.73 33.06 -40.10
CA MET B 694 0.09 32.74 -38.95
C MET B 694 1.28 33.68 -38.86
N SER B 695 1.98 33.89 -39.97
CA SER B 695 3.10 34.84 -39.98
C SER B 695 2.67 36.17 -39.37
N GLU B 696 1.43 36.59 -39.63
CA GLU B 696 0.97 37.88 -39.12
C GLU B 696 0.56 37.78 -37.65
N LEU B 697 -0.11 36.69 -37.25
CA LEU B 697 -0.43 36.55 -35.83
C LEU B 697 0.84 36.40 -35.00
N SER B 698 1.88 35.79 -35.57
CA SER B 698 3.15 35.68 -34.84
C SER B 698 3.69 37.05 -34.48
N LYS B 699 3.70 37.96 -35.46
CA LYS B 699 4.14 39.33 -35.19
C LYS B 699 3.30 39.97 -34.09
N GLU B 700 1.98 39.77 -34.15
CA GLU B 700 1.10 40.31 -33.12
C GLU B 700 1.44 39.77 -31.75
N VAL B 701 1.43 38.44 -31.61
CA VAL B 701 1.67 37.83 -30.30
C VAL B 701 3.04 38.24 -29.76
N THR B 702 4.04 38.34 -30.64
CA THR B 702 5.35 38.82 -30.21
C THR B 702 5.25 40.25 -29.66
N ASP B 703 4.60 41.14 -30.41
CA ASP B 703 4.33 42.47 -29.91
C ASP B 703 3.71 42.41 -28.52
N ARG B 704 2.68 41.59 -28.36
CA ARG B 704 2.02 41.45 -27.07
C ARG B 704 3.03 41.14 -25.99
N ILE B 705 3.94 40.17 -26.25
CA ILE B 705 4.84 39.72 -25.19
C ILE B 705 5.84 40.81 -24.86
N GLN B 706 6.52 41.31 -25.90
CA GLN B 706 7.52 42.37 -25.71
C GLN B 706 6.93 43.54 -24.95
N LYS B 707 5.71 43.97 -25.34
CA LYS B 707 5.10 45.16 -24.75
C LYS B 707 4.66 44.90 -23.31
N HIS B 708 4.15 43.70 -23.01
CA HIS B 708 3.47 43.49 -21.74
C HIS B 708 4.17 42.53 -20.82
N ALA B 709 5.24 41.87 -21.27
CA ALA B 709 5.86 40.80 -20.50
C ALA B 709 7.34 41.00 -20.23
N TRP B 710 8.06 41.80 -21.04
CA TRP B 710 9.41 42.21 -20.65
C TRP B 710 9.32 43.17 -19.47
N LYS B 711 9.96 42.83 -18.36
CA LYS B 711 9.85 43.57 -17.09
C LYS B 711 11.25 43.86 -16.52
N GLU B 712 11.90 44.88 -17.06
CA GLU B 712 13.14 45.42 -16.51
C GLU B 712 14.35 44.57 -16.88
N ASN B 713 14.47 43.37 -16.29
CA ASN B 713 15.66 42.54 -16.51
C ASN B 713 15.30 41.09 -16.84
N PHE B 714 14.06 40.83 -17.22
CA PHE B 714 13.65 39.45 -17.44
C PHE B 714 12.30 39.48 -18.15
N PHE B 715 11.99 38.36 -18.80
CA PHE B 715 10.61 38.10 -19.17
C PHE B 715 9.91 37.54 -17.95
N ALA B 716 8.79 38.16 -17.57
CA ALA B 716 8.05 37.69 -16.42
C ALA B 716 7.50 36.31 -16.73
N ARG B 717 7.02 35.63 -15.70
CA ARG B 717 6.41 34.31 -15.80
C ARG B 717 4.89 34.37 -15.90
N VAL B 718 4.27 35.22 -15.10
N VAL B 718 4.24 35.21 -15.10
CA VAL B 718 2.83 35.36 -14.97
CA VAL B 718 2.80 35.32 -15.09
C VAL B 718 2.50 36.84 -14.99
C VAL B 718 2.45 36.79 -14.95
N LEU B 719 1.44 37.22 -15.69
CA LEU B 719 0.89 38.56 -15.59
C LEU B 719 -0.39 38.45 -14.76
N ILE B 720 -0.51 39.27 -13.72
N ILE B 720 -0.52 39.28 -13.73
CA ILE B 720 -1.63 39.25 -12.79
CA ILE B 720 -1.64 39.24 -12.80
C ILE B 720 -2.55 40.42 -13.13
C ILE B 720 -2.55 40.41 -13.11
N ASN B 721 -3.86 40.14 -13.19
CA ASN B 721 -4.82 41.13 -13.65
C ASN B 721 -5.94 41.44 -12.67
N ARG B 722 -5.98 40.80 -11.52
CA ARG B 722 -7.11 40.94 -10.61
C ARG B 722 -7.01 42.15 -9.68
N TYR B 723 -5.92 42.92 -9.74
CA TYR B 723 -5.69 44.00 -8.78
C TYR B 723 -5.62 45.30 -9.59
N LYS B 724 -6.78 45.92 -9.81
CA LYS B 724 -6.87 47.10 -10.67
C LYS B 724 -6.13 48.30 -10.09
N ASP B 725 -5.76 48.26 -8.82
CA ASP B 725 -5.01 49.34 -8.20
C ASP B 725 -3.50 49.17 -8.35
N GLY B 726 -3.05 48.04 -8.91
CA GLY B 726 -1.65 47.83 -9.22
C GLY B 726 -0.86 47.15 -8.14
N SER B 727 -1.51 46.70 -7.07
CA SER B 727 -0.86 46.04 -5.96
C SER B 727 0.19 45.01 -6.42
N TYR B 728 -0.26 43.98 -7.15
CA TYR B 728 0.62 43.04 -7.83
C TYR B 728 0.16 43.02 -9.27
N THR B 729 1.13 43.01 -10.18
N THR B 729 1.11 43.06 -10.20
CA THR B 729 0.86 43.12 -11.61
CA THR B 729 0.72 42.98 -11.60
C THR B 729 1.58 42.06 -12.42
C THR B 729 1.55 41.99 -12.41
N TYR B 730 2.69 41.53 -11.91
CA TYR B 730 3.42 40.48 -12.60
C TYR B 730 4.21 39.69 -11.57
N LEU B 731 4.70 38.54 -12.02
CA LEU B 731 5.56 37.68 -11.22
C LEU B 731 6.62 37.16 -12.18
N GLY B 732 7.89 37.22 -11.78
CA GLY B 732 8.95 36.65 -12.59
C GLY B 732 9.94 37.66 -13.15
N ALA B 733 10.14 38.77 -12.46
CA ALA B 733 11.19 39.70 -12.87
C ALA B 733 11.40 40.68 -11.74
N LYS B 734 12.47 41.46 -11.85
CA LYS B 734 12.73 42.45 -10.83
C LYS B 734 11.50 43.35 -10.67
N GLY B 735 11.16 43.63 -9.43
CA GLY B 735 10.09 44.56 -9.15
C GLY B 735 8.72 43.92 -9.06
N ASP B 736 8.63 42.61 -9.25
CA ASP B 736 7.36 41.94 -9.05
C ASP B 736 6.97 41.88 -7.59
N LYS B 737 7.86 42.29 -6.66
CA LYS B 737 7.58 42.38 -5.23
C LYS B 737 7.31 41.04 -4.57
N LEU B 738 7.50 39.95 -5.30
CA LEU B 738 7.09 38.63 -4.83
C LEU B 738 8.25 37.76 -4.36
N SER B 739 9.47 38.27 -4.39
CA SER B 739 10.57 37.45 -3.93
C SER B 739 10.44 37.12 -2.45
N ALA B 740 11.11 36.05 -2.05
CA ALA B 740 11.16 35.64 -0.65
C ALA B 740 12.60 35.44 -0.21
N ASP B 741 13.55 36.08 -0.89
CA ASP B 741 14.95 36.07 -0.51
C ASP B 741 15.37 37.51 -0.27
N PRO B 742 15.83 37.85 0.95
CA PRO B 742 16.18 39.25 1.23
C PRO B 742 17.12 39.86 0.20
N ASN B 743 18.11 39.10 -0.26
CA ASN B 743 19.11 39.62 -1.18
C ASN B 743 18.70 39.54 -2.65
N ILE B 744 17.44 39.19 -2.96
CA ILE B 744 16.99 39.10 -4.33
C ILE B 744 15.77 39.99 -4.55
N ASP B 745 15.88 40.92 -5.48
CA ASP B 745 14.74 41.69 -5.98
C ASP B 745 14.16 40.93 -7.16
N GLY B 746 12.94 40.43 -7.01
CA GLY B 746 12.22 39.72 -8.04
C GLY B 746 12.34 38.21 -7.90
N VAL B 747 11.42 37.51 -8.57
CA VAL B 747 11.45 36.06 -8.74
C VAL B 747 11.82 35.79 -10.18
N TYR B 748 12.69 34.81 -10.38
CA TYR B 748 13.21 34.48 -11.70
C TYR B 748 12.94 33.01 -11.95
N PHE B 749 12.26 32.72 -13.04
CA PHE B 749 11.93 31.36 -13.43
C PHE B 749 12.84 30.99 -14.57
N LEU B 750 13.59 29.89 -14.40
CA LEU B 750 14.45 29.42 -15.49
C LEU B 750 13.69 29.30 -16.81
N ASN B 751 12.42 28.85 -16.76
CA ASN B 751 11.65 28.65 -18.00
C ASN B 751 11.21 29.94 -18.69
N SER B 752 11.07 31.07 -17.96
CA SER B 752 10.86 32.34 -18.66
C SER B 752 11.99 32.61 -19.60
N PHE B 753 13.22 32.37 -19.14
CA PHE B 753 14.35 32.54 -20.02
C PHE B 753 14.31 31.52 -21.15
N ALA B 754 14.18 30.23 -20.81
CA ALA B 754 14.34 29.19 -21.82
C ALA B 754 13.36 29.36 -22.98
N TRP B 755 12.08 29.57 -22.66
CA TRP B 755 11.03 29.59 -23.69
C TRP B 755 10.96 30.95 -24.39
N SER B 756 11.50 32.02 -23.80
CA SER B 756 11.64 33.27 -24.54
C SER B 756 12.66 33.11 -25.67
N VAL B 757 13.61 32.21 -25.50
CA VAL B 757 14.59 31.97 -26.53
C VAL B 757 14.13 30.91 -27.50
N LEU B 758 13.60 29.78 -27.00
CA LEU B 758 13.19 28.69 -27.88
C LEU B 758 12.12 29.15 -28.86
N SER B 759 11.26 30.09 -28.45
CA SER B 759 10.26 30.71 -29.31
C SER B 759 10.79 31.87 -30.16
N ASP B 760 12.05 32.28 -29.97
CA ASP B 760 12.70 33.29 -30.81
C ASP B 760 12.07 34.67 -30.64
N VAL B 761 11.68 34.97 -29.40
CA VAL B 761 11.18 36.30 -29.04
C VAL B 761 12.30 37.20 -28.51
N ALA B 762 13.20 36.67 -27.70
CA ALA B 762 14.12 37.51 -26.96
C ALA B 762 15.23 38.04 -27.86
N THR B 763 15.51 39.32 -27.71
CA THR B 763 16.57 39.94 -28.48
C THR B 763 17.92 39.58 -27.89
N ASP B 764 18.97 39.80 -28.67
CA ASP B 764 20.31 39.57 -28.17
C ASP B 764 20.51 40.28 -26.84
N GLU B 765 20.00 41.51 -26.72
CA GLU B 765 20.22 42.28 -25.49
C GLU B 765 19.44 41.69 -24.33
N GLN B 766 18.18 41.30 -24.56
CA GLN B 766 17.42 40.65 -23.49
C GLN B 766 18.06 39.33 -23.07
N ILE B 767 18.63 38.58 -24.01
CA ILE B 767 19.34 37.35 -23.65
C ILE B 767 20.50 37.67 -22.70
N ALA B 768 21.27 38.72 -23.01
CA ALA B 768 22.44 39.06 -22.19
C ALA B 768 22.04 39.42 -20.77
N ILE B 769 20.98 40.20 -20.61
CA ILE B 769 20.52 40.58 -19.27
C ILE B 769 20.03 39.36 -18.49
N MET B 770 19.27 38.47 -19.15
CA MET B 770 18.73 37.31 -18.44
C MET B 770 19.83 36.32 -18.07
N VAL B 771 20.79 36.10 -18.97
CA VAL B 771 21.90 35.22 -18.64
C VAL B 771 22.67 35.76 -17.45
N ASP B 772 22.86 37.08 -17.37
CA ASP B 772 23.55 37.64 -16.20
C ASP B 772 22.77 37.34 -14.92
N VAL B 773 21.44 37.48 -14.96
CA VAL B 773 20.64 37.19 -13.77
C VAL B 773 20.77 35.72 -13.43
N ILE B 774 20.74 34.86 -14.46
CA ILE B 774 20.90 33.42 -14.26
C ILE B 774 22.21 33.11 -13.57
N LYS B 775 23.32 33.67 -14.09
CA LYS B 775 24.62 33.43 -13.47
C LYS B 775 24.63 33.84 -12.01
N LYS B 776 23.95 34.93 -11.69
CA LYS B 776 23.95 35.45 -10.33
C LYS B 776 23.01 34.68 -9.38
N HIS B 777 21.88 34.17 -9.88
CA HIS B 777 20.88 33.70 -8.92
C HIS B 777 20.23 32.37 -9.25
N LEU B 778 20.49 31.76 -10.40
CA LEU B 778 19.93 30.44 -10.73
C LEU B 778 20.99 29.39 -10.98
N LEU B 779 22.25 29.79 -11.20
CA LEU B 779 23.32 28.85 -11.47
C LEU B 779 23.98 28.46 -10.15
N THR B 780 23.79 27.20 -9.73
CA THR B 780 24.44 26.69 -8.54
C THR B 780 25.58 25.76 -8.92
N PRO B 781 26.41 25.34 -7.94
CA PRO B 781 27.47 24.37 -8.24
C PRO B 781 26.94 23.05 -8.74
N TYR B 782 25.68 22.75 -8.52
CA TYR B 782 25.05 21.53 -9.00
C TYR B 782 24.13 21.78 -10.19
N GLY B 783 24.14 22.99 -10.79
CA GLY B 783 23.43 23.26 -12.02
C GLY B 783 22.41 24.39 -11.87
N LEU B 784 21.54 24.47 -12.86
CA LEU B 784 20.54 25.54 -12.98
C LEU B 784 19.27 25.21 -12.19
N ARG B 785 18.99 26.00 -11.13
CA ARG B 785 17.72 25.86 -10.40
C ARG B 785 16.52 26.28 -11.25
N LEU B 786 15.33 25.76 -10.88
CA LEU B 786 14.11 26.04 -11.62
C LEU B 786 13.63 27.48 -11.39
N VAL B 787 13.83 27.97 -10.17
CA VAL B 787 13.29 29.28 -9.80
C VAL B 787 13.97 29.70 -8.53
N THR B 788 13.99 31.04 -8.29
CA THR B 788 14.46 31.64 -7.06
C THR B 788 13.34 31.72 -6.02
N PRO B 789 13.69 31.95 -4.74
CA PRO B 789 12.66 32.05 -3.70
C PRO B 789 11.54 33.03 -4.01
N ALA B 790 10.32 32.57 -3.85
CA ALA B 790 9.14 33.41 -4.04
C ALA B 790 8.19 33.24 -2.86
N ASP B 791 7.46 34.31 -2.57
CA ASP B 791 6.42 34.29 -1.55
C ASP B 791 5.09 34.48 -2.28
N LEU B 792 4.56 33.38 -2.82
CA LEU B 792 3.37 33.48 -3.66
C LEU B 792 2.09 33.59 -2.84
N ASN B 793 2.13 33.28 -1.55
CA ASN B 793 0.95 33.48 -0.72
C ASN B 793 0.49 34.92 -0.73
N LYS B 794 1.38 35.86 -1.05
CA LYS B 794 0.99 37.25 -1.19
C LYS B 794 -0.08 37.47 -2.25
N ILE B 795 -0.42 36.44 -3.04
CA ILE B 795 -1.50 36.58 -4.00
C ILE B 795 -2.38 35.33 -4.11
N ALA B 796 -2.02 34.24 -3.42
CA ALA B 796 -2.78 33.00 -3.59
C ALA B 796 -2.63 32.09 -2.38
N ASN B 797 -3.43 31.02 -2.36
CA ASN B 797 -3.74 30.25 -1.16
C ASN B 797 -2.81 29.05 -0.91
N ASP B 798 -1.50 29.25 -1.05
CA ASP B 798 -0.48 28.34 -0.53
C ASP B 798 -0.59 26.87 -0.97
N THR B 799 0.22 26.01 -0.33
CA THR B 799 0.31 24.58 -0.57
C THR B 799 1.29 24.24 -1.70
N ALA B 800 2.37 24.99 -1.82
CA ALA B 800 3.37 24.75 -2.86
C ALA B 800 4.75 24.54 -2.27
N THR B 801 5.47 25.64 -1.99
CA THR B 801 6.81 25.64 -1.38
C THR B 801 6.81 25.19 0.11
N GLY B 802 5.72 24.62 0.62
CA GLY B 802 5.61 24.25 2.01
C GLY B 802 5.89 22.80 2.35
N HIS B 803 6.42 22.01 1.41
CA HIS B 803 6.51 20.56 1.60
C HIS B 803 7.92 19.99 1.74
N TYR B 804 8.95 20.71 1.34
CA TYR B 804 10.28 20.13 1.18
C TYR B 804 11.36 20.92 1.88
N PHE B 805 12.28 20.18 2.51
CA PHE B 805 13.56 20.75 2.95
C PHE B 805 14.28 21.40 1.79
N PHE B 806 15.13 22.38 2.12
CA PHE B 806 15.83 23.09 1.06
C PHE B 806 16.66 22.09 0.26
N GLY B 807 16.53 22.17 -1.07
CA GLY B 807 17.29 21.34 -1.96
C GLY B 807 16.48 20.29 -2.68
N ASP B 808 15.28 19.96 -2.19
CA ASP B 808 14.48 18.88 -2.76
C ASP B 808 13.40 19.44 -3.67
N ARG B 809 13.24 18.86 -4.85
CA ARG B 809 12.10 19.13 -5.72
C ARG B 809 11.86 20.63 -5.76
N GLU B 810 10.74 21.13 -5.19
CA GLU B 810 10.30 22.51 -5.42
C GLU B 810 10.97 23.54 -4.51
N ASN B 811 11.52 23.13 -3.38
CA ASN B 811 12.27 24.05 -2.55
C ASN B 811 13.72 24.09 -3.05
N GLY B 812 13.87 24.46 -4.32
CA GLY B 812 15.17 24.92 -4.84
C GLY B 812 16.03 23.87 -5.51
N ALA B 813 15.47 22.74 -5.90
CA ALA B 813 16.27 21.72 -6.54
C ALA B 813 16.66 22.15 -7.95
N VAL B 814 17.69 21.50 -8.48
CA VAL B 814 17.99 21.51 -9.89
C VAL B 814 17.07 20.47 -10.53
N PHE B 815 15.94 20.92 -11.08
N PHE B 815 15.95 20.92 -11.08
CA PHE B 815 15.03 20.07 -11.83
CA PHE B 815 15.04 20.06 -11.82
C PHE B 815 15.66 19.83 -13.19
C PHE B 815 15.65 19.82 -13.20
N LYS B 816 16.14 18.61 -13.44
CA LYS B 816 17.02 18.42 -14.59
C LYS B 816 16.31 18.56 -15.92
N HIS B 817 15.01 18.29 -15.97
CA HIS B 817 14.25 18.52 -17.19
C HIS B 817 14.20 20.00 -17.55
N ALA B 818 13.80 20.83 -16.57
CA ALA B 818 13.89 22.27 -16.77
C ALA B 818 15.32 22.71 -17.10
N SER B 819 16.31 22.17 -16.40
N SER B 819 16.31 22.17 -16.38
CA SER B 819 17.70 22.57 -16.71
CA SER B 819 17.71 22.50 -16.67
C SER B 819 18.02 22.24 -18.16
C SER B 819 18.02 22.23 -18.14
N MET B 820 17.50 21.12 -18.67
CA MET B 820 17.77 20.79 -20.07
C MET B 820 17.02 21.69 -21.05
N MET B 821 15.78 22.11 -20.73
CA MET B 821 15.12 23.08 -21.61
C MET B 821 15.90 24.40 -21.67
N ALA B 822 16.49 24.79 -20.54
CA ALA B 822 17.35 25.98 -20.51
C ALA B 822 18.60 25.80 -21.34
N VAL B 823 19.21 24.62 -21.29
CA VAL B 823 20.35 24.31 -22.15
C VAL B 823 19.96 24.38 -23.61
N ALA B 824 18.75 23.93 -23.93
CA ALA B 824 18.32 23.99 -25.33
C ALA B 824 18.29 25.46 -25.79
N ALA B 825 17.82 26.32 -24.92
CA ALA B 825 17.87 27.77 -25.18
C ALA B 825 19.29 28.28 -25.32
N LEU B 826 20.17 27.94 -24.36
CA LEU B 826 21.54 28.45 -24.40
C LEU B 826 22.22 28.03 -25.70
N ILE B 827 21.94 26.82 -26.14
CA ILE B 827 22.55 26.30 -27.35
C ILE B 827 22.00 27.03 -28.56
N LYS B 828 20.69 27.21 -28.60
CA LYS B 828 20.10 27.94 -29.71
C LYS B 828 20.65 29.36 -29.78
N ALA B 829 20.69 30.04 -28.65
CA ALA B 829 21.26 31.39 -28.63
C ALA B 829 22.74 31.39 -29.01
N ALA B 830 23.51 30.42 -28.48
CA ALA B 830 24.96 30.43 -28.72
C ALA B 830 25.28 30.36 -30.21
N LYS B 831 24.42 29.70 -30.98
CA LYS B 831 24.60 29.58 -32.42
C LYS B 831 24.40 30.88 -33.15
N LYS B 832 23.58 31.79 -32.62
CA LYS B 832 23.04 32.90 -33.39
C LYS B 832 23.36 34.29 -32.87
N VAL B 833 23.59 34.49 -31.58
CA VAL B 833 23.76 35.85 -31.08
C VAL B 833 25.02 36.47 -31.69
N LYS B 834 24.99 37.80 -31.86
CA LYS B 834 26.13 38.47 -32.50
C LYS B 834 27.37 38.45 -31.62
N ASP B 835 27.22 38.65 -30.30
CA ASP B 835 28.34 38.79 -29.37
C ASP B 835 28.98 37.43 -29.09
N ASN B 836 30.15 37.19 -29.66
CA ASN B 836 30.81 35.89 -29.50
C ASN B 836 31.18 35.61 -28.04
N GLU B 837 31.37 36.65 -27.21
CA GLU B 837 31.68 36.39 -25.82
C GLU B 837 30.42 35.91 -25.07
N LEU B 838 29.27 36.50 -25.40
CA LEU B 838 27.99 35.98 -24.90
C LEU B 838 27.78 34.53 -25.36
N ALA B 839 27.98 34.25 -26.64
CA ALA B 839 27.86 32.88 -27.11
C ALA B 839 28.80 31.93 -26.37
N LYS B 840 30.08 32.33 -26.18
CA LYS B 840 31.02 31.46 -25.50
C LYS B 840 30.54 31.16 -24.10
N GLU B 841 30.05 32.18 -23.41
CA GLU B 841 29.59 32.04 -22.03
C GLU B 841 28.39 31.08 -21.97
N MET B 842 27.44 31.23 -22.87
CA MET B 842 26.25 30.39 -22.81
C MET B 842 26.58 28.95 -23.14
N ALA B 843 27.48 28.74 -24.08
CA ALA B 843 27.93 27.38 -24.38
C ALA B 843 28.70 26.78 -23.20
N ARG B 844 29.43 27.60 -22.43
CA ARG B 844 30.09 27.10 -21.22
C ARG B 844 29.04 26.60 -20.21
N ILE B 845 27.99 27.38 -20.00
CA ILE B 845 26.94 27.00 -19.06
C ILE B 845 26.21 25.76 -19.56
N ALA B 846 25.94 25.69 -20.87
CA ALA B 846 25.34 24.50 -21.47
C ALA B 846 26.14 23.25 -21.12
N TYR B 847 27.46 23.28 -21.36
CA TYR B 847 28.22 22.06 -21.18
C TYR B 847 28.41 21.73 -19.70
N PHE B 848 28.52 22.76 -18.87
CA PHE B 848 28.54 22.56 -17.42
C PHE B 848 27.30 21.79 -16.99
N MET B 849 26.13 22.21 -17.49
CA MET B 849 24.90 21.57 -17.06
C MET B 849 24.76 20.17 -17.66
N ILE B 850 25.15 20.00 -18.93
CA ILE B 850 25.09 18.67 -19.52
C ILE B 850 25.98 17.71 -18.73
N ASP B 851 27.15 18.17 -18.29
CA ASP B 851 28.05 17.30 -17.53
C ASP B 851 27.46 16.88 -16.20
N LEU B 852 26.56 17.68 -15.64
CA LEU B 852 25.91 17.35 -14.38
C LEU B 852 24.70 16.46 -14.54
N VAL B 853 24.24 16.19 -15.77
CA VAL B 853 23.14 15.27 -15.97
C VAL B 853 23.51 13.98 -16.74
N LEU B 854 24.62 13.94 -17.44
CA LEU B 854 25.04 12.74 -18.17
C LEU B 854 25.13 11.56 -17.21
N PRO B 855 24.32 10.52 -17.39
CA PRO B 855 24.30 9.44 -16.37
C PRO B 855 25.65 8.80 -16.12
N TYR B 856 26.46 8.54 -17.15
CA TYR B 856 27.70 7.82 -16.87
C TYR B 856 28.64 8.58 -15.93
N LYS B 857 28.53 9.90 -15.87
CA LYS B 857 29.37 10.65 -14.95
C LYS B 857 28.96 10.46 -13.49
N ASN B 858 27.81 9.83 -13.23
CA ASN B 858 27.46 9.52 -11.84
C ASN B 858 28.49 8.58 -11.20
N LEU B 859 29.28 7.86 -11.99
CA LEU B 859 30.30 6.96 -11.45
C LEU B 859 31.61 7.68 -11.12
N GLU B 860 31.69 9.00 -11.29
CA GLU B 860 32.93 9.68 -10.89
C GLU B 860 33.00 9.87 -9.38
N ASN B 861 31.87 10.15 -8.74
CA ASN B 861 31.81 10.36 -7.28
C ASN B 861 30.49 9.75 -6.79
N PRO B 862 30.30 8.46 -7.01
CA PRO B 862 28.93 7.91 -6.90
C PRO B 862 28.35 7.94 -5.50
N PHE B 863 29.14 7.87 -4.47
CA PHE B 863 28.50 7.82 -3.14
C PHE B 863 28.05 9.19 -2.68
N GLN B 864 28.47 10.23 -3.37
CA GLN B 864 27.89 11.55 -3.18
C GLN B 864 26.79 11.85 -4.18
N VAL B 865 27.06 11.59 -5.46
N VAL B 865 27.03 11.63 -5.48
CA VAL B 865 26.19 12.02 -6.55
CA VAL B 865 26.03 12.10 -6.43
C VAL B 865 25.07 11.04 -6.84
C VAL B 865 24.98 11.06 -6.76
N ALA B 866 25.23 9.79 -6.43
CA ALA B 866 24.21 8.70 -6.61
C ALA B 866 23.67 8.75 -8.03
N GLY B 867 22.34 8.72 -8.20
CA GLY B 867 21.76 8.71 -9.55
C GLY B 867 21.65 7.28 -10.06
N ASN B 868 22.21 7.07 -11.26
CA ASN B 868 22.18 5.79 -11.98
C ASN B 868 23.05 6.02 -13.21
N PRO B 869 24.09 5.22 -13.44
CA PRO B 869 25.06 5.56 -14.50
C PRO B 869 24.62 5.20 -15.91
N ARG B 870 23.42 4.66 -16.08
CA ARG B 870 22.86 4.30 -17.37
C ARG B 870 21.52 4.95 -17.67
N ILE B 871 20.88 5.56 -16.68
CA ILE B 871 19.52 6.05 -16.81
C ILE B 871 19.45 7.38 -16.06
N SER B 872 18.85 8.39 -16.71
N SER B 872 18.91 8.42 -16.69
CA SER B 872 18.63 9.69 -16.11
CA SER B 872 18.88 9.72 -16.04
C SER B 872 17.78 9.58 -14.85
C SER B 872 17.73 9.80 -15.05
N THR B 873 17.95 10.58 -14.00
CA THR B 873 17.14 10.72 -12.80
C THR B 873 16.56 12.14 -12.82
N GLN B 874 15.56 12.40 -11.96
CA GLN B 874 14.73 13.60 -12.12
C GLN B 874 15.42 14.89 -11.67
N TYR B 875 16.06 14.88 -10.49
CA TYR B 875 16.55 16.15 -9.95
C TYR B 875 17.81 15.96 -9.16
N ILE B 876 18.54 17.06 -8.99
CA ILE B 876 19.70 17.10 -8.14
C ILE B 876 19.38 17.93 -6.91
N ASN B 877 19.64 17.34 -5.73
CA ASN B 877 19.53 18.04 -4.46
C ASN B 877 20.66 19.07 -4.33
N THR B 878 20.30 20.35 -4.21
CA THR B 878 21.30 21.41 -4.22
C THR B 878 21.97 21.57 -2.87
N ASP B 879 21.51 20.86 -1.85
CA ASP B 879 22.22 20.78 -0.58
C ASP B 879 23.39 19.81 -0.64
N THR B 880 23.22 18.64 -1.29
CA THR B 880 24.17 17.55 -1.21
C THR B 880 24.82 17.17 -2.54
N GLY B 881 24.24 17.54 -3.67
CA GLY B 881 24.67 17.05 -4.95
C GLY B 881 24.10 15.72 -5.35
N GLU B 882 23.23 15.15 -4.53
CA GLU B 882 22.66 13.85 -4.87
C GLU B 882 21.64 13.94 -6.00
N ASN B 883 21.84 13.10 -7.02
CA ASN B 883 20.86 12.90 -8.08
C ASN B 883 19.78 11.97 -7.52
N ILE B 884 18.55 12.46 -7.50
N ILE B 884 18.55 12.42 -7.52
CA ILE B 884 17.42 11.77 -6.88
CA ILE B 884 17.46 11.71 -6.86
C ILE B 884 16.49 11.27 -7.97
C ILE B 884 16.43 11.30 -7.90
N GLY B 885 15.92 10.07 -7.76
CA GLY B 885 14.90 9.54 -8.63
C GLY B 885 13.63 10.37 -8.66
N PRO B 886 12.67 10.00 -9.52
CA PRO B 886 12.59 8.76 -10.32
C PRO B 886 13.48 8.74 -11.56
N LEU B 887 13.48 7.59 -12.21
CA LEU B 887 14.34 7.30 -13.34
C LEU B 887 13.72 7.65 -14.68
N LEU B 888 12.49 8.10 -14.71
CA LEU B 888 11.85 8.53 -15.96
C LEU B 888 11.68 10.04 -15.88
N SER B 889 12.13 10.75 -16.91
CA SER B 889 12.19 12.19 -16.81
C SER B 889 12.45 12.80 -18.18
N GLY B 890 11.83 13.95 -18.43
CA GLY B 890 12.14 14.69 -19.65
C GLY B 890 13.57 15.13 -19.74
N THR B 891 14.34 14.97 -18.66
CA THR B 891 15.77 15.15 -18.72
C THR B 891 16.35 14.32 -19.86
N ALA B 892 15.96 13.06 -19.97
CA ALA B 892 16.56 12.20 -20.99
C ALA B 892 16.23 12.68 -22.40
N THR B 893 14.95 13.04 -22.62
CA THR B 893 14.49 13.51 -23.92
C THR B 893 15.24 14.75 -24.36
N TRP B 894 15.27 15.77 -23.49
CA TRP B 894 15.92 17.01 -23.87
C TRP B 894 17.45 16.89 -23.88
N LEU B 895 18.04 16.05 -23.05
CA LEU B 895 19.48 15.81 -23.19
C LEU B 895 19.81 15.29 -24.57
N ASN B 896 18.98 14.39 -25.09
CA ASN B 896 19.17 13.84 -26.43
C ASN B 896 19.08 14.95 -27.47
N LEU B 897 18.03 15.75 -27.38
CA LEU B 897 17.88 16.84 -28.32
C LEU B 897 19.09 17.76 -28.24
N ASN B 898 19.54 18.07 -27.02
CA ASN B 898 20.57 19.08 -26.83
C ASN B 898 21.90 18.62 -27.38
N LEU B 899 22.27 17.37 -27.14
CA LEU B 899 23.57 16.93 -27.63
C LEU B 899 23.59 16.84 -29.15
N ILE B 900 22.46 16.43 -29.76
CA ILE B 900 22.37 16.44 -31.22
C ILE B 900 22.40 17.88 -31.74
N SER B 901 21.77 18.80 -31.02
CA SER B 901 21.81 20.20 -31.41
C SER B 901 23.22 20.77 -31.35
N LEU B 902 23.97 20.47 -30.27
CA LEU B 902 25.33 20.94 -30.15
C LEU B 902 26.21 20.33 -31.22
N ALA B 903 25.93 19.09 -31.62
CA ALA B 903 26.65 18.47 -32.74
C ALA B 903 26.34 19.18 -34.05
N GLY B 904 25.33 20.03 -34.08
CA GLY B 904 25.09 20.93 -35.19
C GLY B 904 23.85 20.65 -35.99
N ILE B 905 23.04 19.67 -35.61
CA ILE B 905 21.94 19.21 -36.47
C ILE B 905 20.67 19.92 -36.07
N GLU B 906 20.10 20.67 -37.01
CA GLU B 906 18.74 21.20 -36.88
C GLU B 906 18.05 21.00 -38.22
N TYR B 907 16.87 20.41 -38.21
CA TYR B 907 16.15 20.15 -39.46
C TYR B 907 15.26 21.35 -39.76
N THR B 908 15.33 21.83 -41.00
CA THR B 908 14.52 22.94 -41.46
C THR B 908 13.85 22.53 -42.77
N ARG B 909 12.97 23.40 -43.25
CA ARG B 909 12.24 23.14 -44.49
C ARG B 909 13.16 22.79 -45.65
N ASP B 910 14.32 23.44 -45.73
CA ASP B 910 15.23 23.22 -46.84
C ASP B 910 16.32 22.20 -46.53
N GLY B 911 16.29 21.56 -45.35
CA GLY B 911 17.27 20.52 -45.07
C GLY B 911 17.85 20.52 -43.67
N ILE B 912 19.16 20.40 -43.57
CA ILE B 912 19.85 20.30 -42.29
C ILE B 912 20.64 21.59 -42.10
N SER B 913 20.18 22.44 -41.19
CA SER B 913 20.94 23.64 -40.83
C SER B 913 22.06 23.19 -39.89
N PHE B 914 23.29 23.25 -40.39
CA PHE B 914 24.47 22.70 -39.73
C PHE B 914 25.25 23.81 -39.05
N ASN B 915 25.37 23.74 -37.74
CA ASN B 915 25.95 24.81 -36.94
C ASN B 915 26.42 24.26 -35.61
N PRO B 916 27.48 23.47 -35.60
CA PRO B 916 27.93 22.83 -34.37
C PRO B 916 28.64 23.77 -33.40
N ILE B 917 28.48 23.49 -32.11
CA ILE B 917 29.16 24.21 -31.02
C ILE B 917 29.91 23.19 -30.20
N LEU B 918 31.20 23.03 -30.49
CA LEU B 918 32.03 22.09 -29.80
C LEU B 918 32.50 22.66 -28.45
N ARG B 919 32.97 21.77 -27.59
CA ARG B 919 33.66 22.18 -26.38
C ARG B 919 34.99 22.85 -26.73
N GLU B 920 35.37 23.81 -25.89
CA GLU B 920 36.60 24.56 -26.15
C GLU B 920 37.82 23.66 -26.18
N GLU B 921 37.86 22.65 -25.31
CA GLU B 921 39.04 21.80 -25.24
C GLU B 921 39.07 20.74 -26.33
N GLU B 922 37.93 20.49 -26.97
CA GLU B 922 37.85 19.52 -28.06
C GLU B 922 38.48 20.08 -29.34
N THR B 923 39.16 19.20 -30.08
CA THR B 923 39.69 19.56 -31.38
C THR B 923 39.06 18.80 -32.53
N GLN B 924 38.21 17.83 -32.25
CA GLN B 924 37.45 17.20 -33.30
C GLN B 924 36.17 16.62 -32.74
N LEU B 925 35.18 16.49 -33.62
CA LEU B 925 33.93 15.81 -33.32
C LEU B 925 33.52 15.04 -34.56
N ASN B 926 33.31 13.73 -34.43
CA ASN B 926 32.86 12.89 -35.53
C ASN B 926 31.59 12.17 -35.11
N PHE B 927 30.63 12.06 -36.05
CA PHE B 927 29.41 11.31 -35.78
C PHE B 927 28.80 10.92 -37.12
N THR B 928 27.96 9.89 -37.07
CA THR B 928 27.18 9.48 -38.22
C THR B 928 25.71 9.75 -37.97
N LEU B 929 25.01 9.99 -39.07
CA LEU B 929 23.60 10.36 -39.04
C LEU B 929 22.88 9.59 -40.13
N LYS B 930 21.83 8.86 -39.76
CA LYS B 930 20.95 8.24 -40.76
C LYS B 930 19.82 9.19 -41.13
N ALA B 931 19.37 9.14 -42.39
CA ALA B 931 18.13 9.73 -42.85
C ALA B 931 17.34 8.63 -43.55
N PRO B 932 16.05 8.85 -43.81
CA PRO B 932 15.24 7.78 -44.41
C PRO B 932 15.74 7.31 -45.76
N LYS B 933 16.35 8.18 -46.56
CA LYS B 933 16.85 7.77 -47.86
C LYS B 933 18.30 8.19 -48.11
N SER B 934 19.09 8.34 -47.06
CA SER B 934 20.51 8.68 -47.20
C SER B 934 21.16 8.56 -45.83
N SER B 935 22.47 8.74 -45.79
CA SER B 935 23.19 8.81 -44.53
C SER B 935 24.36 9.78 -44.67
N TYR B 936 24.94 10.13 -43.54
CA TYR B 936 25.94 11.18 -43.50
C TYR B 936 27.02 10.79 -42.51
N LYS B 937 28.26 11.14 -42.83
CA LYS B 937 29.38 11.05 -41.89
C LYS B 937 29.86 12.48 -41.70
N PHE B 938 29.80 12.97 -40.47
CA PHE B 938 30.17 14.35 -40.14
C PHE B 938 31.52 14.36 -39.42
N SER B 939 32.43 15.22 -39.86
N SER B 939 32.41 15.26 -39.84
CA SER B 939 33.69 15.43 -39.17
CA SER B 939 33.70 15.46 -39.20
C SER B 939 33.90 16.93 -39.00
C SER B 939 33.91 16.94 -39.00
N ILE B 940 34.17 17.35 -37.76
CA ILE B 940 34.43 18.74 -37.42
C ILE B 940 35.79 18.82 -36.75
N THR B 941 36.63 19.73 -37.21
CA THR B 941 37.94 19.94 -36.61
C THR B 941 38.07 21.42 -36.28
N LYS B 942 38.82 21.73 -35.23
CA LYS B 942 38.99 23.11 -34.79
C LYS B 942 40.23 23.17 -33.93
N PRO B 943 40.85 24.33 -33.81
CA PRO B 943 41.82 24.52 -32.73
C PRO B 943 41.14 24.45 -31.37
N VAL B 944 41.95 24.22 -30.33
CA VAL B 944 41.46 24.43 -28.97
C VAL B 944 40.95 25.87 -28.84
N GLY B 945 39.88 26.06 -28.09
CA GLY B 945 39.22 27.33 -27.95
C GLY B 945 37.79 27.32 -28.47
N PHE B 946 37.12 28.46 -28.28
CA PHE B 946 35.74 28.55 -28.70
C PHE B 946 35.66 28.90 -30.17
N ALA B 947 34.96 28.05 -30.94
CA ALA B 947 34.77 28.25 -32.37
C ALA B 947 33.30 28.07 -32.69
N ARG B 948 32.76 28.98 -33.51
CA ARG B 948 31.41 28.79 -34.05
C ARG B 948 31.33 29.49 -35.39
N MET B 949 30.41 29.01 -36.25
CA MET B 949 30.29 29.54 -37.59
C MET B 949 30.06 31.05 -37.58
N GLU B 950 29.25 31.54 -36.64
CA GLU B 950 28.86 32.94 -36.64
C GLU B 950 30.08 33.86 -36.59
N SER B 951 31.16 33.44 -35.92
CA SER B 951 32.25 34.32 -35.58
C SER B 951 33.63 33.76 -35.87
N SER B 952 33.75 32.55 -36.39
CA SER B 952 35.03 31.92 -36.65
C SER B 952 35.15 31.61 -38.13
N GLU B 953 36.33 31.80 -38.67
CA GLU B 953 36.61 31.36 -40.03
C GLU B 953 36.49 29.84 -40.10
N TYR B 954 35.87 29.37 -41.19
CA TYR B 954 35.67 27.95 -41.41
C TYR B 954 35.56 27.63 -42.89
N GLU B 955 35.91 26.40 -43.24
CA GLU B 955 35.65 25.83 -44.56
C GLU B 955 34.73 24.63 -44.40
N LEU B 956 33.67 24.59 -45.21
CA LEU B 956 32.68 23.52 -45.21
C LEU B 956 32.69 22.77 -46.53
N PHE B 957 32.79 21.43 -46.46
CA PHE B 957 32.81 20.57 -47.62
C PHE B 957 31.75 19.48 -47.51
N VAL B 958 31.08 19.21 -48.63
CA VAL B 958 30.07 18.14 -48.72
C VAL B 958 30.41 17.30 -49.93
N ASP B 959 30.71 16.02 -49.71
CA ASP B 959 31.12 15.13 -50.79
C ASP B 959 32.30 15.75 -51.56
N GLY B 960 33.26 16.26 -50.81
CA GLY B 960 34.48 16.81 -51.38
C GLY B 960 34.36 18.17 -52.03
N GLN B 961 33.17 18.75 -52.14
CA GLN B 961 33.01 20.05 -52.78
C GLN B 961 32.79 21.10 -51.71
N LYS B 962 33.78 21.98 -51.53
CA LYS B 962 33.59 23.17 -50.71
C LYS B 962 32.31 23.87 -51.12
N ILE B 963 31.49 24.23 -50.14
CA ILE B 963 30.22 24.89 -50.40
C ILE B 963 30.05 26.01 -49.38
N ASP B 964 29.12 26.91 -49.70
CA ASP B 964 28.82 28.09 -48.89
C ASP B 964 27.53 27.95 -48.12
N ASN B 965 26.54 27.28 -48.71
CA ASN B 965 25.28 27.04 -48.04
C ASN B 965 25.52 26.13 -46.84
N THR B 966 25.19 26.61 -45.64
CA THR B 966 25.32 25.80 -44.44
C THR B 966 24.08 24.98 -44.15
N VAL B 967 23.07 25.08 -45.00
CA VAL B 967 21.93 24.17 -44.97
C VAL B 967 22.24 23.03 -45.93
N ILE B 968 22.58 21.89 -45.37
CA ILE B 968 22.93 20.70 -46.15
C ILE B 968 21.65 20.06 -46.64
N PRO B 969 21.58 19.65 -47.91
CA PRO B 969 20.34 19.03 -48.38
C PRO B 969 20.05 17.76 -47.57
N MET B 970 18.75 17.46 -47.47
CA MET B 970 18.31 16.15 -47.00
C MET B 970 18.32 15.21 -48.21
N TYR B 971 19.40 14.47 -48.38
CA TYR B 971 19.57 13.68 -49.59
C TYR B 971 18.65 12.48 -49.60
N THR B 972 18.32 12.02 -50.81
CA THR B 972 17.44 10.89 -51.01
C THR B 972 18.01 9.90 -52.02
N ASP B 973 19.31 9.96 -52.28
CA ASP B 973 19.97 9.11 -53.27
C ASP B 973 20.51 7.82 -52.66
N GLU B 974 20.16 7.50 -51.41
CA GLU B 974 20.52 6.25 -50.79
C GLU B 974 22.04 6.05 -50.80
N LYS B 975 22.78 7.15 -50.63
CA LYS B 975 24.23 7.11 -50.53
C LYS B 975 24.66 7.73 -49.20
N GLU B 976 25.91 7.43 -48.83
CA GLU B 976 26.55 8.05 -47.68
C GLU B 976 27.26 9.31 -48.14
N HIS B 977 26.99 10.42 -47.46
CA HIS B 977 27.55 11.72 -47.82
C HIS B 977 28.51 12.17 -46.74
N ILE B 978 29.68 12.65 -47.16
CA ILE B 978 30.78 13.01 -46.28
C ILE B 978 30.71 14.51 -46.05
N VAL B 979 30.55 14.93 -44.80
CA VAL B 979 30.45 16.35 -44.46
C VAL B 979 31.61 16.70 -43.56
N THR B 980 32.44 17.64 -43.97
CA THR B 980 33.64 18.01 -43.23
C THR B 980 33.60 19.52 -42.97
N LEU B 981 33.87 19.91 -41.72
CA LEU B 981 33.92 21.31 -41.33
C LEU B 981 35.23 21.56 -40.61
N LYS B 982 35.95 22.60 -41.04
CA LYS B 982 37.29 22.87 -40.54
C LYS B 982 37.31 24.33 -40.08
N PHE B 983 37.47 24.52 -38.76
CA PHE B 983 37.57 25.84 -38.16
C PHE B 983 39.03 26.26 -38.14
N LYS B 984 39.28 27.53 -38.43
CA LYS B 984 40.64 28.06 -38.42
C LYS B 984 40.87 28.84 -37.12
P PO4 C . -19.92 -7.07 11.55
O1 PO4 C . -21.47 -6.94 11.21
O2 PO4 C . -19.12 -6.56 10.30
O3 PO4 C . -19.53 -8.54 11.73
O4 PO4 C . -19.71 -6.12 12.78
C2 BGC D . -19.47 -4.21 8.45
C3 BGC D . -20.80 -4.06 9.17
C4 BGC D . -21.97 -4.43 8.25
C5 BGC D . -21.86 -5.89 7.77
C6 BGC D . -22.54 -6.13 6.42
C1 BGC D . -19.47 -5.38 7.47
O1 BGC D . -19.50 -4.86 6.19
O2 BGC D . -18.44 -4.33 9.41
O3 BGC D . -20.98 -2.72 9.62
O4 BGC D . -23.19 -4.30 8.92
O5 BGC D . -20.52 -6.33 7.70
O6 BGC D . -23.16 -7.39 6.42
C1 GOL E . -5.19 3.18 -2.19
O1 GOL E . -5.15 3.02 -3.59
C2 GOL E . -5.03 4.63 -1.76
O2 GOL E . -6.33 5.19 -1.66
C3 GOL E . -4.26 4.70 -0.44
O3 GOL E . -4.68 5.77 0.40
H11 GOL E . -4.48 2.66 -1.77
H12 GOL E . -6.03 2.85 -1.83
HO1 GOL E . -4.40 3.29 -3.88
H2 GOL E . -4.51 5.11 -2.42
HO2 GOL E . -6.79 4.68 -1.16
H31 GOL E . -3.32 4.79 -0.66
H32 GOL E . -4.37 3.85 0.01
HO3 GOL E . -5.45 6.03 0.14
C ACT F . -17.30 -26.22 17.31
O ACT F . -17.33 -26.30 16.05
OXT ACT F . -16.25 -26.22 17.99
CH3 ACT F . -18.69 -26.09 18.03
H1 ACT F . -19.43 -26.15 17.42
H2 ACT F . -18.79 -25.24 18.49
H3 ACT F . -18.83 -26.77 18.71
C ACT G . -27.39 8.35 -2.78
O ACT G . -28.23 7.70 -2.10
OXT ACT G . -26.65 9.27 -2.40
CH3 ACT G . -27.31 7.89 -4.27
H1 ACT G . -27.56 6.96 -4.39
H2 ACT G . -26.41 7.97 -4.64
H3 ACT G . -27.88 8.41 -4.86
C ACT H . -26.69 15.51 -1.02
O ACT H . -27.57 16.36 -0.74
OXT ACT H . -26.76 14.68 -1.96
CH3 ACT H . -25.42 15.50 -0.10
H1 ACT H . -25.43 16.20 0.57
H2 ACT H . -24.60 15.63 -0.59
H3 ACT H . -25.32 14.68 0.39
C ACT I . -12.36 -17.16 35.62
O ACT I . -12.71 -18.37 35.51
OXT ACT I . -11.19 -16.77 35.82
CH3 ACT I . -13.49 -16.08 35.44
H1 ACT I . -14.02 -16.23 34.65
H2 ACT I . -13.14 -15.18 35.37
H3 ACT I . -14.11 -16.06 36.19
C1 GOL J . -6.62 -12.52 32.02
O1 GOL J . -6.21 -12.06 30.75
C2 GOL J . -5.94 -11.69 33.08
O2 GOL J . -6.29 -10.34 33.01
C3 GOL J . -6.20 -12.20 34.50
O3 GOL J . -4.88 -12.29 34.99
H11 GOL J . -6.37 -13.45 32.16
H12 GOL J . -7.57 -12.46 32.14
HO1 GOL J . -6.76 -12.39 30.18
H2 GOL J . -5.00 -11.82 32.88
HO2 GOL J . -6.95 -10.20 33.52
H31 GOL J . -6.65 -13.06 34.48
H32 GOL J . -6.75 -11.58 35.00
HO3 GOL J . -4.46 -12.88 34.54
C1 GOL K . -31.28 -6.89 28.84
O1 GOL K . -32.02 -5.67 28.79
C2 GOL K . -29.89 -6.80 28.22
O2 GOL K . -29.04 -6.13 29.13
C3 GOL K . -29.33 -8.20 27.95
O3 GOL K . -29.38 -8.51 26.56
H11 GOL K . -31.77 -7.59 28.38
H12 GOL K . -31.17 -7.19 29.76
HO1 GOL K . -31.47 -5.04 28.62
H2 GOL K . -29.98 -6.34 27.38
HO2 GOL K . -28.25 -6.43 29.04
H31 GOL K . -29.85 -8.85 28.46
H32 GOL K . -28.42 -8.23 28.27
HO3 GOL K . -29.22 -7.80 26.12
C ACT L . -31.64 -27.83 16.00
O ACT L . -32.40 -27.69 15.00
OXT ACT L . -31.93 -28.46 17.04
CH3 ACT L . -30.21 -27.19 15.96
H1 ACT L . -29.52 -27.78 16.28
H2 ACT L . -30.14 -26.38 16.49
H3 ACT L . -29.93 -26.93 15.07
C1 PEG M . 8.56 24.10 7.93
O1 PEG M . 7.21 23.91 7.54
C2 PEG M . 9.11 22.93 8.73
O2 PEG M . 10.49 23.13 9.03
C3 PEG M . 11.00 22.26 10.01
C4 PEG M . 12.21 21.50 9.53
O4 PEG M . 12.95 20.93 10.61
H11 PEG M . 8.66 24.90 8.46
H12 PEG M . 9.12 24.22 7.15
HO1 PEG M . 6.88 23.29 8.02
H21 PEG M . 8.97 22.12 8.23
H22 PEG M . 8.59 22.85 9.55
H31 PEG M . 10.31 21.62 10.28
H32 PEG M . 11.24 22.76 10.81
H41 PEG M . 12.75 22.12 9.01
H42 PEG M . 11.89 20.82 8.91
HO4 PEG M . 12.42 20.86 11.28
C ACT N . -50.56 -16.16 9.25
O ACT N . -50.65 -16.49 8.04
OXT ACT N . -50.01 -15.13 9.71
CH3 ACT N . -51.21 -17.13 10.29
H1 ACT N . -51.18 -16.79 11.20
H2 ACT N . -50.79 -18.00 10.32
H3 ACT N . -52.16 -17.30 10.11
C1 PEG O . -49.44 -12.95 -0.71
O1 PEG O . -49.30 -12.95 0.70
C2 PEG O . -48.18 -13.45 -1.36
O2 PEG O . -47.92 -12.72 -2.54
C3 PEG O . -48.15 -13.43 -3.74
C4 PEG O . -49.62 -13.64 -4.00
O4 PEG O . -50.30 -12.41 -4.20
H11 PEG O . -49.63 -12.05 -1.03
H12 PEG O . -50.18 -13.50 -0.98
HO1 PEG O . -48.90 -12.23 0.92
H21 PEG O . -48.28 -14.40 -1.55
H22 PEG O . -47.45 -13.37 -0.72
H31 PEG O . -47.70 -14.30 -3.69
H32 PEG O . -47.75 -12.96 -4.48
H41 PEG O . -49.97 -14.15 -3.26
H42 PEG O . -49.68 -14.22 -4.79
HO4 PEG O . -50.04 -11.87 -3.60
CL CL P . -8.78 -7.88 12.20
CL CL Q . -30.61 -8.28 5.98
C1 GOL R . -27.48 -27.71 23.30
O1 GOL R . -26.88 -27.66 24.58
C2 GOL R . -28.88 -28.27 23.37
O2 GOL R . -28.90 -29.36 24.28
C3 GOL R . -29.92 -27.22 23.71
O3 GOL R . -30.23 -27.14 25.09
H11 GOL R . -26.97 -28.25 22.69
H12 GOL R . -27.53 -26.81 22.92
HO1 GOL R . -27.28 -27.07 25.03
H2 GOL R . -29.11 -28.57 22.48
HO2 GOL R . -28.14 -29.39 24.66
H31 GOL R . -30.72 -27.41 23.19
H32 GOL R . -29.57 -26.36 23.40
HO3 GOL R . -29.53 -27.32 25.54
C1 GOL S . -44.58 -16.10 -7.85
O1 GOL S . -45.50 -15.41 -7.04
C2 GOL S . -44.98 -17.55 -7.98
O2 GOL S . -44.76 -17.93 -9.34
C3 GOL S . -44.21 -18.45 -7.04
O3 GOL S . -45.08 -18.99 -6.05
H11 GOL S . -43.68 -16.06 -7.49
H12 GOL S . -44.53 -15.71 -8.74
HO1 GOL S . -45.21 -14.61 -6.96
H2 GOL S . -45.91 -17.62 -7.72
HO2 GOL S . -44.77 -18.77 -9.37
H31 GOL S . -43.49 -17.94 -6.63
H32 GOL S . -43.78 -19.16 -7.56
HO3 GOL S . -45.68 -19.44 -6.44
C1 GOL T . -50.84 -7.53 -3.93
O1 GOL T . -52.16 -7.97 -3.66
C2 GOL T . -50.04 -7.61 -2.64
O2 GOL T . -48.71 -7.17 -2.90
C3 GOL T . -50.70 -6.78 -1.55
O3 GOL T . -50.79 -7.56 -0.38
H11 GOL T . -50.83 -6.61 -4.25
H12 GOL T . -50.42 -8.08 -4.60
HO1 GOL T . -52.63 -7.27 -3.49
H2 GOL T . -50.02 -8.53 -2.35
HO2 GOL T . -48.78 -6.40 -3.26
H31 GOL T . -51.58 -6.51 -1.85
H32 GOL T . -50.19 -5.97 -1.40
HO3 GOL T . -51.31 -8.21 -0.53
P PO4 U . 10.19 15.34 -15.45
O1 PO4 U . 9.22 14.92 -14.30
O2 PO4 U . 9.86 14.56 -16.77
O3 PO4 U . 11.62 15.21 -14.86
O4 PO4 U . 9.86 16.88 -15.76
C2 BGC V . 6.29 15.46 -13.78
C3 BGC V . 6.40 16.31 -15.03
C4 BGC V . 6.34 17.80 -14.69
C5 BGC V . 7.47 18.22 -13.75
C6 BGC V . 7.11 19.35 -12.81
C1 BGC V . 6.98 16.12 -12.58
O1 BGC V . 6.01 16.61 -11.75
O2 BGC V . 6.81 14.18 -14.03
O3 BGC V . 5.37 16.03 -15.95
O4 BGC V . 6.40 18.59 -15.86
O5 BGC V . 7.93 17.13 -12.96
O6 BGC V . 8.23 20.21 -12.64
C ACT W . -13.43 -4.00 -1.29
O ACT W . -14.11 -4.40 -2.27
OXT ACT W . -12.43 -3.24 -1.32
CH3 ACT W . -13.98 -4.51 0.09
H1 ACT W . -14.84 -4.14 0.32
H2 ACT W . -13.39 -4.28 0.84
H3 ACT W . -14.09 -5.47 0.13
C1 GOL X . 16.98 16.97 -33.01
O1 GOL X . 16.34 16.97 -34.26
C2 GOL X . 17.40 18.39 -32.73
O2 GOL X . 16.40 19.17 -33.39
C3 GOL X . 17.46 18.71 -31.25
O3 GOL X . 16.60 19.82 -31.01
H11 GOL X . 17.76 16.39 -33.00
H12 GOL X . 16.39 16.65 -32.31
HO1 GOL X . 16.87 17.36 -34.82
H2 GOL X . 18.31 18.54 -33.04
HO2 GOL X . 15.81 18.63 -33.68
H31 GOL X . 18.37 18.91 -31.00
H32 GOL X . 17.18 17.93 -30.74
HO3 GOL X . 15.91 19.74 -31.51
C ACT Y . -15.76 20.60 -16.47
O ACT Y . -16.54 21.28 -17.20
OXT ACT Y . -15.20 19.52 -16.76
CH3 ACT Y . -15.50 21.23 -15.05
H1 ACT Y . -16.31 21.52 -14.61
H2 ACT Y . -14.92 22.00 -15.09
H3 ACT Y . -15.08 20.60 -14.44
C1 GOL Z . 30.16 15.55 -13.07
O1 GOL Z . 30.17 16.91 -13.46
C2 GOL Z . 30.28 15.50 -11.57
O2 GOL Z . 29.14 16.08 -10.97
C3 GOL Z . 30.41 14.08 -11.05
O3 GOL Z . 30.78 14.19 -9.68
H11 GOL Z . 30.90 15.06 -13.46
H12 GOL Z . 29.35 15.10 -13.34
HO1 GOL Z . 30.11 16.93 -14.31
H2 GOL Z . 31.09 15.99 -11.37
HO2 GOL Z . 29.02 15.70 -10.21
H31 GOL Z . 31.09 13.60 -11.57
H32 GOL Z . 29.58 13.61 -11.17
HO3 GOL Z . 31.23 13.51 -9.46
C ACT AA . 17.62 -14.85 7.16
O ACT AA . 16.71 -14.26 6.51
OXT ACT AA . 18.80 -14.43 7.33
CH3 ACT AA . 17.26 -16.21 7.81
H1 ACT AA . 17.53 -16.27 8.74
H2 ACT AA . 17.67 -16.97 7.37
H3 ACT AA . 16.30 -16.40 7.80
C ACT BA . 44.44 4.34 1.51
O ACT BA . 44.69 3.28 2.12
OXT ACT BA . 45.08 5.41 1.67
CH3 ACT BA . 43.21 4.31 0.54
H1 ACT BA . 42.38 4.57 0.98
H2 ACT BA . 43.05 3.43 0.17
H3 ACT BA . 43.31 4.91 -0.21
C1 GOL CA . 25.44 -4.22 -26.72
O1 GOL CA . 25.64 -5.53 -26.22
C2 GOL CA . 24.40 -3.50 -25.89
O2 GOL CA . 23.16 -4.12 -26.14
C3 GOL CA . 24.78 -3.55 -24.42
O3 GOL CA . 23.76 -2.98 -23.63
H11 GOL CA . 25.14 -4.24 -27.65
H12 GOL CA . 26.26 -3.71 -26.70
HO1 GOL CA . 26.32 -5.53 -25.71
H2 GOL CA . 24.38 -2.56 -26.13
HO2 GOL CA . 22.55 -3.55 -25.97
H31 GOL CA . 25.61 -3.07 -24.31
H32 GOL CA . 24.94 -4.48 -24.18
HO3 GOL CA . 23.64 -2.18 -23.87
C1 GOL DA . 14.77 -5.15 -36.03
O1 GOL DA . 16.11 -5.58 -36.09
C2 GOL DA . 14.66 -3.72 -36.56
O2 GOL DA . 13.41 -3.14 -36.29
C3 GOL DA . 15.81 -2.89 -35.99
O3 GOL DA . 15.36 -1.80 -35.18
H11 GOL DA . 14.44 -5.17 -35.12
H12 GOL DA . 14.19 -5.72 -36.55
HO1 GOL DA . 16.46 -5.28 -36.81
H2 GOL DA . 14.75 -3.79 -37.52
HO2 GOL DA . 12.91 -3.76 -35.97
H31 GOL DA . 16.33 -2.57 -36.74
H32 GOL DA . 16.37 -3.48 -35.48
HO3 GOL DA . 14.99 -2.11 -34.49
C1 GOL EA . 28.56 2.09 -29.51
O1 GOL EA . 28.30 3.41 -29.89
C2 GOL EA . 29.39 2.13 -28.25
O2 GOL EA . 29.14 0.94 -27.52
C3 GOL EA . 30.87 2.25 -28.59
O3 GOL EA . 31.58 2.43 -27.39
H11 GOL EA . 29.06 1.62 -30.20
H12 GOL EA . 27.75 1.59 -29.36
HO1 GOL EA . 28.93 3.89 -29.60
H2 GOL EA . 29.13 2.90 -27.74
HO2 GOL EA . 29.62 0.32 -27.86
H31 GOL EA . 30.99 2.99 -29.19
H32 GOL EA . 31.16 1.44 -29.05
HO3 GOL EA . 31.15 2.07 -26.76
C1 GOL FA . 29.58 29.45 -15.60
O1 GOL FA . 30.04 30.09 -16.77
C2 GOL FA . 29.90 27.97 -15.64
O2 GOL FA . 30.66 27.67 -16.79
C3 GOL FA . 30.63 27.53 -14.37
O3 GOL FA . 29.64 27.16 -13.43
H11 GOL FA . 28.62 29.55 -15.49
H12 GOL FA . 30.00 29.83 -14.81
HO1 GOL FA . 30.69 29.64 -17.07
H2 GOL FA . 29.05 27.51 -15.66
HO2 GOL FA . 30.90 26.86 -16.73
H31 GOL FA . 31.19 28.25 -14.04
H32 GOL FA . 31.21 26.78 -14.58
HO3 GOL FA . 29.12 27.82 -13.32
C1 PEG GA . 31.88 25.29 -24.33
O1 PEG GA . 31.71 25.41 -25.71
C2 PEG GA . 32.95 24.25 -24.01
O2 PEG GA . 33.67 24.55 -22.87
C3 PEG GA . 33.18 23.99 -21.69
C4 PEG GA . 34.19 23.01 -21.16
O4 PEG GA . 33.83 21.69 -21.52
H11 PEG GA . 31.04 25.03 -23.90
H12 PEG GA . 32.13 26.13 -23.93
HO1 PEG GA . 31.92 24.68 -26.07
H21 PEG GA . 33.54 24.18 -24.79
H22 PEG GA . 32.51 23.39 -23.92
H31 PEG GA . 32.33 23.54 -21.85
H32 PEG GA . 33.01 24.67 -21.03
H41 PEG GA . 34.24 23.13 -20.19
H42 PEG GA . 35.06 23.26 -21.51
HO4 PEG GA . 33.24 21.72 -22.13
C1 GOL HA . 18.93 40.60 -10.38
O1 GOL HA . 20.13 39.85 -10.54
C2 GOL HA . 18.95 41.48 -9.13
O2 GOL HA . 18.31 42.71 -9.42
C3 GOL HA . 18.27 40.68 -8.01
O3 GOL HA . 18.54 41.21 -6.73
H11 GOL HA . 18.16 40.02 -10.33
H12 GOL HA . 18.79 41.18 -11.16
HO1 GOL HA . 20.77 40.28 -10.15
H2 GOL HA . 19.85 41.68 -8.85
HO2 GOL HA . 17.78 42.89 -8.78
H31 GOL HA . 18.59 39.76 -8.07
H32 GOL HA . 17.32 40.66 -8.19
HO3 GOL HA . 18.63 42.05 -6.80
C ACT IA . 5.42 30.98 -1.03
O ACT IA . 5.35 30.59 -2.23
OXT ACT IA . 6.47 31.30 -0.42
CH3 ACT IA . 4.05 31.06 -0.27
H1 ACT IA . 3.28 31.06 -0.87
H2 ACT IA . 3.96 31.87 0.26
H3 ACT IA . 3.91 30.33 0.34
CL CL JA . 11.78 5.25 -10.89
CL CL KA . 8.27 27.27 -15.00
C1 GOL LA . -0.94 15.04 -14.65
O1 GOL LA . -0.35 13.76 -14.84
C2 GOL LA . -0.02 15.92 -13.84
O2 GOL LA . 1.15 16.17 -14.62
C3 GOL LA . -0.59 17.25 -13.39
O3 GOL LA . -1.90 17.08 -12.90
H11 GOL LA . -1.79 14.97 -14.17
H12 GOL LA . -1.12 15.48 -15.50
HO1 GOL LA . 0.15 13.80 -15.52
H2 GOL LA . 0.14 15.40 -13.03
HO2 GOL LA . 0.89 16.58 -15.33
H31 GOL LA . -0.59 17.86 -14.15
H32 GOL LA . -0.02 17.62 -12.72
HO3 GOL LA . -1.93 16.35 -12.45
C1 GOL MA . 28.29 11.16 -53.95
O1 GOL MA . 27.56 12.36 -54.01
C2 GOL MA . 28.61 10.82 -52.52
O2 GOL MA . 27.40 10.69 -51.80
C3 GOL MA . 29.44 9.55 -52.42
O3 GOL MA . 28.54 8.47 -52.29
H11 GOL MA . 29.11 11.22 -54.46
H12 GOL MA . 27.78 10.43 -54.34
HO1 GOL MA . 27.23 12.50 -53.24
H2 GOL MA . 29.16 11.54 -52.17
HO2 GOL MA . 27.51 11.05 -51.04
H31 GOL MA . 30.03 9.61 -51.66
H32 GOL MA . 29.98 9.47 -53.22
HO3 GOL MA . 28.02 8.62 -51.64
#